data_8IC7
#
_entry.id   8IC7
#
_cell.length_a   66.763
_cell.length_b   97.249
_cell.length_c   139.681
_cell.angle_alpha   90.00
_cell.angle_beta   101.25
_cell.angle_gamma   90.00
#
_symmetry.space_group_name_H-M   'P 1 21 1'
#
loop_
_entity.id
_entity.type
_entity.pdbx_description
1 polymer exo-beta-D-arabinofuranosidase
2 non-polymer 'MAGNESIUM ION'
3 non-polymer 'CHLORIDE ION'
4 non-polymer beta-D-arabinofuranose
5 non-polymer (4S)-2-METHYL-2,4-PENTANEDIOL
6 water water
#
_entity_poly.entity_id   1
_entity_poly.type   'polypeptide(L)'
_entity_poly.pdbx_seq_one_letter_code
;MSKIKSRRARRIPHTAESVAFPLGGIGTGNVSLGARGELRDWEFENLPDKGRLNPRSFFAIHAAPQGGPSATRVLEARSS
GRHDRDAGYGFDELAGLPRLDSAGLHGEYPVVDIDFTDATLPVTVSLHAFTPLVPLDADASGIPAAVLRYRVVNPGDAPV
TVTVVGSMSHTAGRGAPGPDAPWGMRGTQSVRWRESDGIRGLDFDIDLDHDDPGYGTMSLTTTDSSTTVKPQWVTSYWPD
GARLFWNDLADDGLLAPEARLTLEDKPRGLFAERDADPDAPALTEEQMLAKLPRVRTGSLGIVHTLAPGEERDFEFVLAW
SFPNRRRGWHGHIIFDDALEDGAPDLRDELGPIVRNHYAVRWPDAWAAAAQLHRDLPALEGATDAFVEELYGGSLDPVLA
DAVGANIAALRSTTCFVLESPTPELGDGPVFAAWEGSFDHGGSCEGTCTHVWSYAQTAAWLFPGLERSARRAEYLLETDE
SGAQKFRGNRIFGAPRWFIGPAVDGQLGTFLRLHREWRFCGDDEFLRELWPAAARTLDYAAREWDHDGDGLLDGEMHNTY
DIEFHGVEPLSNIIHLAALRAGVRMAGHLGDTARAQEWALRADHVAAAIEGVLWNGEYYRQVIDDVDAHRYQYGDGVLSD
QLLGQFHAFLGGLGYLLPEAHVRSALDAIVQHNHRGDLRDHESTQRVYALNDEGGLLLASWPEGGRPALPFVYADEVWTG
IEHQVAVSLLFAGRYDDALRIERTLRARYDGAHRSPWNEIECGNHYARSLASWGLLIGASGAQWDAGARTLSFDPVLPGD
ARFLFTTATGWGGVEIGDDVITLRLHGGALDLDELRLRGEVAGRGIHLDAGETRTLTLTLEHHHHHH
;
_entity_poly.pdbx_strand_id   B,A
#
# COMPACT_ATOMS: atom_id res chain seq x y z
N SER A 6 -28.64 20.08 -5.97
CA SER A 6 -29.36 19.14 -5.07
C SER A 6 -28.97 17.71 -5.40
N ARG A 7 -28.47 17.00 -4.39
CA ARG A 7 -28.08 15.62 -4.55
C ARG A 7 -28.78 14.81 -3.46
N ARG A 8 -29.35 13.66 -3.80
CA ARG A 8 -29.98 12.84 -2.77
C ARG A 8 -28.96 12.09 -1.91
N ALA A 9 -27.91 11.55 -2.52
CA ALA A 9 -26.93 10.80 -1.76
C ALA A 9 -26.09 11.77 -0.93
N ARG A 10 -25.62 11.24 0.22
CA ARG A 10 -24.72 11.97 1.11
C ARG A 10 -23.44 12.34 0.33
N ARG A 11 -22.98 13.57 0.54
CA ARG A 11 -21.74 14.04 -0.07
C ARG A 11 -20.55 13.40 0.62
N ILE A 12 -19.75 12.65 -0.16
CA ILE A 12 -18.51 12.11 0.34
C ILE A 12 -17.38 13.03 -0.14
N PRO A 13 -16.54 13.51 0.78
CA PRO A 13 -15.52 14.48 0.39
C PRO A 13 -14.37 13.81 -0.35
N HIS A 14 -13.66 14.59 -1.17
CA HIS A 14 -12.52 14.15 -1.95
C HIS A 14 -11.34 13.67 -1.10
N THR A 15 -11.36 13.95 0.20
CA THR A 15 -10.35 13.52 1.16
C THR A 15 -10.56 12.09 1.62
N ALA A 16 -11.66 11.45 1.23
CA ALA A 16 -11.97 10.09 1.69
C ALA A 16 -11.26 9.11 0.75
N GLU A 17 -10.02 8.74 1.11
CA GLU A 17 -9.15 8.03 0.18
C GLU A 17 -9.61 6.62 -0.14
N SER A 18 -10.29 5.95 0.81
CA SER A 18 -10.73 4.58 0.55
C SER A 18 -11.84 4.47 -0.46
N VAL A 19 -12.55 5.58 -0.68
CA VAL A 19 -13.78 5.50 -1.47
C VAL A 19 -13.47 5.18 -2.93
N ALA A 20 -14.21 4.20 -3.46
CA ALA A 20 -14.06 3.81 -4.86
C ALA A 20 -15.42 3.36 -5.33
N PHE A 21 -15.97 4.13 -6.27
CA PHE A 21 -17.25 3.80 -6.89
C PHE A 21 -17.01 2.95 -8.10
N PRO A 22 -17.41 1.64 -8.11
CA PRO A 22 -16.99 0.77 -9.20
C PRO A 22 -17.89 0.82 -10.40
N LEU A 23 -17.27 1.08 -11.54
CA LEU A 23 -17.91 0.91 -12.83
C LEU A 23 -17.61 -0.49 -13.38
N GLY A 24 -18.38 -0.88 -14.37
CA GLY A 24 -18.39 -2.24 -14.86
C GLY A 24 -19.65 -3.00 -14.44
N GLY A 25 -19.84 -4.17 -15.04
CA GLY A 25 -21.03 -4.93 -14.75
C GLY A 25 -20.73 -6.38 -14.35
N ILE A 26 -21.79 -7.20 -14.35
CA ILE A 26 -21.64 -8.58 -13.94
C ILE A 26 -20.59 -9.27 -14.84
N GLY A 27 -19.54 -9.80 -14.22
CA GLY A 27 -18.56 -10.63 -14.86
C GLY A 27 -17.59 -9.88 -15.77
N THR A 28 -17.66 -8.54 -15.81
CA THR A 28 -16.89 -7.84 -16.82
C THR A 28 -15.51 -7.43 -16.35
N GLY A 29 -15.25 -7.44 -15.05
CA GLY A 29 -14.16 -6.71 -14.43
C GLY A 29 -14.55 -5.24 -14.34
N ASN A 30 -13.65 -4.41 -13.81
CA ASN A 30 -14.07 -3.13 -13.30
C ASN A 30 -12.93 -2.10 -13.40
N VAL A 31 -13.36 -0.82 -13.41
CA VAL A 31 -12.49 0.29 -13.00
C VAL A 31 -13.37 1.14 -12.08
N SER A 32 -12.75 1.88 -11.18
CA SER A 32 -13.52 2.64 -10.20
C SER A 32 -13.17 4.11 -10.30
N LEU A 33 -14.04 4.93 -9.70
CA LEU A 33 -13.83 6.34 -9.49
C LEU A 33 -13.64 6.62 -8.03
N GLY A 34 -12.57 7.33 -7.72
CA GLY A 34 -12.40 7.80 -6.37
C GLY A 34 -13.15 9.10 -6.11
N ALA A 35 -13.18 9.53 -4.85
CA ALA A 35 -13.88 10.75 -4.48
C ALA A 35 -13.19 12.00 -5.00
N ARG A 36 -11.99 11.86 -5.59
CA ARG A 36 -11.36 12.99 -6.28
C ARG A 36 -11.77 13.06 -7.75
N GLY A 37 -12.55 12.06 -8.24
CA GLY A 37 -12.90 11.92 -9.63
C GLY A 37 -11.85 11.22 -10.48
N GLU A 38 -10.86 10.60 -9.78
CA GLU A 38 -9.81 9.87 -10.51
C GLU A 38 -10.25 8.45 -10.82
N LEU A 39 -9.78 7.93 -11.95
CA LEU A 39 -9.92 6.50 -12.22
C LEU A 39 -8.83 5.76 -11.45
N ARG A 40 -9.24 4.59 -10.93
CA ARG A 40 -8.41 3.79 -10.06
C ARG A 40 -8.86 2.33 -10.10
N ASP A 41 -8.01 1.46 -9.53
CA ASP A 41 -8.34 0.03 -9.40
C ASP A 41 -8.71 -0.57 -10.73
N TRP A 42 -7.77 -0.49 -11.68
CA TRP A 42 -7.98 -0.99 -13.01
C TRP A 42 -7.85 -2.51 -13.03
N GLU A 43 -9.01 -3.19 -13.19
CA GLU A 43 -9.09 -4.63 -12.97
C GLU A 43 -10.04 -5.29 -13.98
N PHE A 44 -9.67 -5.20 -15.25
CA PHE A 44 -10.43 -5.71 -16.37
C PHE A 44 -10.08 -7.15 -16.77
N GLU A 45 -8.97 -7.68 -16.27
CA GLU A 45 -8.28 -8.77 -16.94
C GLU A 45 -8.50 -10.11 -16.24
N ASN A 46 -9.66 -10.28 -15.59
CA ASN A 46 -10.12 -11.52 -14.99
C ASN A 46 -9.44 -11.78 -13.66
N LEU A 47 -8.88 -10.74 -13.05
CA LEU A 47 -8.34 -10.83 -11.71
C LEU A 47 -8.53 -9.49 -11.02
N PRO A 48 -8.67 -9.48 -9.68
CA PRO A 48 -8.70 -8.22 -8.95
C PRO A 48 -7.39 -7.47 -9.13
N ASP A 49 -7.42 -6.16 -8.98
CA ASP A 49 -6.18 -5.38 -9.08
C ASP A 49 -6.39 -4.04 -8.40
N LYS A 50 -6.78 -4.07 -7.11
CA LYS A 50 -6.90 -2.83 -6.36
C LYS A 50 -5.53 -2.16 -6.34
N GLY A 51 -5.49 -0.87 -6.60
CA GLY A 51 -4.24 -0.12 -6.50
C GLY A 51 -3.50 -0.06 -7.82
N ARG A 52 -3.94 -0.81 -8.82
CA ARG A 52 -3.25 -0.77 -10.11
C ARG A 52 -3.45 0.60 -10.77
N LEU A 53 -2.32 1.23 -11.09
CA LEU A 53 -2.28 2.53 -11.72
C LEU A 53 -2.22 2.31 -13.22
N ASN A 54 -3.11 2.97 -13.98
CA ASN A 54 -3.04 2.90 -15.43
C ASN A 54 -2.29 4.13 -15.92
N PRO A 55 -1.09 3.98 -16.51
CA PRO A 55 -0.29 5.14 -16.87
C PRO A 55 -1.08 6.08 -17.78
N ARG A 56 -0.90 7.39 -17.54
CA ARG A 56 -1.33 8.44 -18.45
C ARG A 56 -2.80 8.32 -18.82
N SER A 57 -3.62 7.95 -17.83
CA SER A 57 -5.03 7.68 -18.05
C SER A 57 -5.83 8.60 -17.13
N PHE A 58 -6.39 9.65 -17.71
CA PHE A 58 -7.01 10.71 -16.93
C PHE A 58 -7.84 11.59 -17.86
N PHE A 59 -8.71 12.39 -17.22
CA PHE A 59 -9.46 13.43 -17.92
C PHE A 59 -8.94 14.80 -17.53
N ALA A 60 -9.00 15.74 -18.50
CA ALA A 60 -8.49 17.09 -18.30
C ALA A 60 -9.41 18.04 -19.04
N ILE A 61 -9.30 19.29 -18.63
CA ILE A 61 -10.11 20.35 -19.23
C ILE A 61 -9.21 21.52 -19.61
N HIS A 62 -9.51 22.10 -20.77
CA HIS A 62 -8.98 23.38 -21.18
C HIS A 62 -10.16 24.33 -21.29
N ALA A 63 -10.12 25.36 -20.44
CA ALA A 63 -11.18 26.35 -20.45
C ALA A 63 -10.57 27.68 -20.87
N ALA A 64 -11.05 28.18 -21.99
CA ALA A 64 -10.53 29.40 -22.60
C ALA A 64 -11.61 30.48 -22.61
N PRO A 65 -11.71 31.32 -21.55
CA PRO A 65 -12.70 32.40 -21.53
C PRO A 65 -12.34 33.38 -22.63
N GLN A 66 -13.37 33.86 -23.32
CA GLN A 66 -13.17 34.91 -24.33
C GLN A 66 -12.64 36.15 -23.62
N GLY A 67 -11.45 36.61 -24.03
CA GLY A 67 -10.85 37.79 -23.43
C GLY A 67 -10.28 37.59 -22.03
N GLY A 68 -10.04 36.32 -21.63
CA GLY A 68 -9.49 36.03 -20.32
C GLY A 68 -8.36 35.02 -20.42
N PRO A 69 -7.62 34.77 -19.31
CA PRO A 69 -6.52 33.82 -19.33
C PRO A 69 -7.16 32.43 -19.34
N SER A 70 -6.61 31.52 -20.13
CA SER A 70 -7.08 30.14 -20.15
C SER A 70 -6.65 29.43 -18.87
N ALA A 71 -7.33 28.32 -18.59
CA ALA A 71 -6.98 27.42 -17.51
C ALA A 71 -7.01 26.01 -18.06
N THR A 72 -5.97 25.25 -17.73
CA THR A 72 -5.88 23.86 -18.14
C THR A 72 -5.64 23.06 -16.88
N ARG A 73 -6.54 22.10 -16.60
CA ARG A 73 -6.45 21.35 -15.35
C ARG A 73 -6.78 19.89 -15.62
N VAL A 74 -6.22 19.01 -14.80
CA VAL A 74 -6.74 17.66 -14.70
C VAL A 74 -8.07 17.73 -13.95
N LEU A 75 -9.08 16.98 -14.41
CA LEU A 75 -10.44 17.00 -13.83
C LEU A 75 -10.51 16.04 -12.64
N GLU A 76 -9.73 16.41 -11.65
CA GLU A 76 -9.64 15.72 -10.37
C GLU A 76 -9.44 16.74 -9.27
N ALA A 77 -10.03 16.49 -8.12
CA ALA A 77 -9.66 17.22 -6.94
C ALA A 77 -8.23 16.85 -6.51
N ARG A 78 -7.58 17.77 -5.81
CA ARG A 78 -6.23 17.54 -5.31
C ARG A 78 -6.20 16.36 -4.36
N SER A 79 -5.07 15.65 -4.44
CA SER A 79 -4.77 14.61 -3.48
C SER A 79 -4.50 15.17 -2.08
N SER A 80 -4.59 14.28 -1.10
CA SER A 80 -4.41 14.64 0.29
C SER A 80 -3.76 13.40 0.96
N GLY A 81 -3.70 13.41 2.26
CA GLY A 81 -3.12 12.26 2.94
C GLY A 81 -1.63 12.07 2.65
N ARG A 82 -1.18 10.82 2.68
CA ARG A 82 0.26 10.59 2.54
C ARG A 82 0.71 10.89 1.12
N HIS A 83 1.89 11.50 1.00
CA HIS A 83 2.53 11.78 -0.27
C HIS A 83 3.92 11.15 -0.38
N ASP A 84 4.24 10.28 0.56
CA ASP A 84 5.54 9.66 0.69
C ASP A 84 5.68 8.39 -0.16
N ARG A 85 5.26 8.41 -1.43
CA ARG A 85 5.61 7.36 -2.39
C ARG A 85 7.13 7.23 -2.41
N ASP A 86 7.61 5.99 -2.47
CA ASP A 86 9.04 5.72 -2.37
C ASP A 86 9.87 6.33 -3.49
N ALA A 87 9.28 6.56 -4.68
CA ALA A 87 10.04 7.17 -5.77
C ALA A 87 9.34 8.46 -6.21
N GLY A 88 8.62 9.06 -5.30
CA GLY A 88 7.69 10.12 -5.64
C GLY A 88 6.46 9.57 -6.39
N TYR A 89 5.48 10.43 -6.65
CA TYR A 89 4.51 10.05 -7.65
C TYR A 89 5.24 9.97 -8.98
N GLY A 90 5.04 8.85 -9.68
CA GLY A 90 5.83 8.57 -10.86
C GLY A 90 5.41 9.41 -12.07
N PHE A 91 6.27 9.42 -13.10
CA PHE A 91 5.98 10.16 -14.32
C PHE A 91 4.60 9.87 -14.84
N ASP A 92 4.24 8.59 -14.90
CA ASP A 92 3.00 8.28 -15.61
C ASP A 92 1.75 8.56 -14.78
N GLU A 93 1.89 8.91 -13.52
CA GLU A 93 0.76 9.34 -12.70
C GLU A 93 0.37 10.79 -12.97
N LEU A 94 1.30 11.55 -13.51
CA LEU A 94 1.05 12.94 -13.82
C LEU A 94 0.44 13.70 -12.64
N ALA A 95 1.02 13.48 -11.48
CA ALA A 95 0.54 14.04 -10.21
C ALA A 95 0.91 15.51 -10.10
N GLY A 96 1.78 15.98 -11.00
CA GLY A 96 2.33 17.33 -10.93
C GLY A 96 1.59 18.31 -11.82
N LEU A 97 0.56 17.83 -12.51
CA LEU A 97 -0.33 18.69 -13.26
C LEU A 97 -1.34 19.29 -12.31
N PRO A 98 -1.84 20.52 -12.63
CA PRO A 98 -2.73 21.22 -11.72
C PRO A 98 -4.11 20.57 -11.73
N ARG A 99 -4.73 20.62 -10.56
CA ARG A 99 -5.97 19.94 -10.22
C ARG A 99 -6.88 20.93 -9.49
N LEU A 100 -8.04 20.44 -9.01
CA LEU A 100 -9.16 21.29 -8.58
C LEU A 100 -9.24 21.29 -7.07
N ASP A 101 -9.81 22.34 -6.48
CA ASP A 101 -9.83 22.55 -5.05
C ASP A 101 -10.47 21.40 -4.30
N SER A 102 -11.62 20.94 -4.77
CA SER A 102 -12.34 19.93 -4.01
C SER A 102 -13.34 19.21 -4.89
N ALA A 103 -13.88 18.13 -4.33
CA ALA A 103 -14.96 17.43 -4.98
C ALA A 103 -15.81 16.76 -3.92
N GLY A 104 -17.04 16.47 -4.32
CA GLY A 104 -17.96 15.70 -3.53
C GLY A 104 -18.58 14.59 -4.36
N LEU A 105 -18.52 13.37 -3.82
CA LEU A 105 -19.01 12.18 -4.53
C LEU A 105 -20.35 11.78 -3.93
N HIS A 106 -21.30 11.57 -4.82
CA HIS A 106 -22.68 11.25 -4.49
C HIS A 106 -23.03 9.99 -5.26
N GLY A 107 -22.95 8.84 -4.56
CA GLY A 107 -23.16 7.55 -5.16
C GLY A 107 -24.48 6.91 -4.77
N GLU A 108 -25.24 6.54 -5.82
CA GLU A 108 -26.43 5.72 -5.68
C GLU A 108 -26.26 4.57 -6.68
N TYR A 109 -25.45 3.59 -6.27
CA TYR A 109 -25.01 2.52 -7.14
C TYR A 109 -26.22 1.91 -7.87
N PRO A 110 -26.23 1.76 -9.19
CA PRO A 110 -25.07 1.89 -10.08
C PRO A 110 -24.66 3.26 -10.62
N VAL A 111 -25.26 4.35 -10.13
CA VAL A 111 -24.96 5.69 -10.65
C VAL A 111 -24.16 6.49 -9.62
N VAL A 112 -23.23 7.30 -10.17
CA VAL A 112 -22.49 8.26 -9.38
C VAL A 112 -22.48 9.63 -10.04
N ASP A 113 -22.50 10.64 -9.17
CA ASP A 113 -22.21 12.02 -9.54
C ASP A 113 -21.06 12.53 -8.67
N ILE A 114 -20.08 13.15 -9.32
CA ILE A 114 -18.95 13.77 -8.62
C ILE A 114 -18.93 15.24 -9.02
N ASP A 115 -19.21 16.11 -8.06
CA ASP A 115 -19.31 17.54 -8.29
C ASP A 115 -18.02 18.19 -7.84
N PHE A 116 -17.31 18.85 -8.79
CA PHE A 116 -16.05 19.52 -8.51
C PHE A 116 -16.31 20.95 -8.13
N THR A 117 -15.52 21.47 -7.19
CA THR A 117 -15.54 22.87 -6.86
C THR A 117 -14.12 23.41 -7.08
N ASP A 118 -13.99 24.60 -7.66
CA ASP A 118 -12.68 25.18 -7.90
C ASP A 118 -12.87 26.68 -8.08
N ALA A 119 -11.96 27.42 -7.47
CA ALA A 119 -11.99 28.88 -7.49
C ALA A 119 -11.26 29.49 -8.69
N THR A 120 -10.49 28.74 -9.46
CA THR A 120 -9.68 29.23 -10.58
C THR A 120 -10.36 28.92 -11.92
N LEU A 121 -10.83 27.69 -12.06
CA LEU A 121 -11.49 27.29 -13.28
C LEU A 121 -12.71 28.15 -13.55
N PRO A 122 -12.83 28.70 -14.76
CA PRO A 122 -13.93 29.63 -15.05
C PRO A 122 -15.22 28.95 -15.51
N VAL A 123 -15.26 27.62 -15.39
CA VAL A 123 -16.47 26.83 -15.55
C VAL A 123 -16.55 25.90 -14.35
N THR A 124 -17.72 25.31 -14.15
CA THR A 124 -17.97 24.36 -13.09
C THR A 124 -18.28 23.01 -13.74
N VAL A 125 -17.72 21.93 -13.15
CA VAL A 125 -17.75 20.62 -13.75
C VAL A 125 -18.33 19.61 -12.78
N SER A 126 -19.07 18.65 -13.36
CA SER A 126 -19.54 17.49 -12.64
C SER A 126 -19.39 16.27 -13.55
N LEU A 127 -19.11 15.11 -12.95
CA LEU A 127 -19.08 13.84 -13.65
C LEU A 127 -20.26 12.95 -13.22
N HIS A 128 -21.03 12.50 -14.22
CA HIS A 128 -22.06 11.49 -14.05
C HIS A 128 -21.59 10.22 -14.73
N ALA A 129 -21.55 9.11 -13.99
CA ALA A 129 -20.98 7.89 -14.55
C ALA A 129 -21.77 6.68 -14.09
N PHE A 130 -21.79 5.69 -14.96
CA PHE A 130 -22.51 4.46 -14.67
C PHE A 130 -22.22 3.41 -15.75
N THR A 131 -22.40 2.18 -15.31
CA THR A 131 -22.58 1.02 -16.16
C THR A 131 -24.02 0.56 -15.96
N PRO A 132 -24.83 0.43 -17.06
CA PRO A 132 -26.24 0.14 -16.90
C PRO A 132 -26.49 -1.09 -16.03
N LEU A 133 -27.58 -1.00 -15.26
CA LEU A 133 -28.13 -2.15 -14.56
C LEU A 133 -29.61 -2.28 -14.88
N VAL A 134 -29.96 -3.43 -15.47
CA VAL A 134 -31.32 -3.71 -15.90
C VAL A 134 -31.76 -4.92 -15.12
N PRO A 135 -32.55 -4.77 -14.03
CA PRO A 135 -32.97 -5.95 -13.27
C PRO A 135 -33.52 -7.04 -14.19
N LEU A 136 -33.19 -8.29 -13.85
CA LEU A 136 -33.67 -9.48 -14.57
C LEU A 136 -33.02 -9.64 -15.94
N ASP A 137 -32.03 -8.79 -16.28
CA ASP A 137 -31.34 -8.89 -17.57
C ASP A 137 -29.84 -8.90 -17.33
N ALA A 138 -29.30 -10.10 -17.13
CA ALA A 138 -27.91 -10.22 -16.71
C ALA A 138 -26.97 -9.75 -17.80
N ASP A 139 -27.36 -9.91 -19.08
CA ASP A 139 -26.49 -9.49 -20.17
C ASP A 139 -26.48 -7.96 -20.24
N ALA A 140 -27.64 -7.30 -20.15
CA ALA A 140 -27.73 -5.84 -20.18
C ALA A 140 -27.05 -5.20 -18.96
N SER A 141 -26.91 -5.98 -17.88
CA SER A 141 -26.25 -5.57 -16.65
C SER A 141 -24.79 -6.01 -16.60
N GLY A 142 -24.31 -6.57 -17.72
CA GLY A 142 -23.00 -7.18 -17.86
C GLY A 142 -22.25 -6.66 -19.08
N ILE A 143 -22.41 -5.35 -19.36
CA ILE A 143 -21.69 -4.73 -20.46
C ILE A 143 -20.34 -4.28 -19.92
N PRO A 144 -19.24 -4.65 -20.61
CA PRO A 144 -17.90 -4.22 -20.18
C PRO A 144 -17.59 -2.81 -20.65
N ALA A 145 -18.35 -1.85 -20.11
CA ALA A 145 -18.22 -0.47 -20.51
C ALA A 145 -18.93 0.42 -19.49
N ALA A 146 -18.58 1.70 -19.52
CA ALA A 146 -19.15 2.70 -18.64
C ALA A 146 -19.30 4.01 -19.40
N VAL A 147 -20.33 4.74 -19.03
CA VAL A 147 -20.53 6.11 -19.45
C VAL A 147 -19.79 7.02 -18.48
N LEU A 148 -19.01 7.95 -19.05
CA LEU A 148 -18.37 9.02 -18.30
C LEU A 148 -18.85 10.33 -18.93
N ARG A 149 -19.80 10.99 -18.27
CA ARG A 149 -20.44 12.15 -18.86
C ARG A 149 -20.11 13.35 -17.99
N TYR A 150 -19.27 14.23 -18.53
CA TYR A 150 -18.90 15.46 -17.83
C TYR A 150 -19.85 16.58 -18.22
N ARG A 151 -20.57 17.08 -17.22
CA ARG A 151 -21.40 18.25 -17.42
C ARG A 151 -20.63 19.51 -17.02
N VAL A 152 -20.55 20.46 -17.96
CA VAL A 152 -19.83 21.71 -17.75
C VAL A 152 -20.82 22.87 -17.83
N VAL A 153 -20.75 23.73 -16.83
CA VAL A 153 -21.62 24.91 -16.71
C VAL A 153 -20.70 26.11 -16.75
N ASN A 154 -21.16 27.17 -17.45
CA ASN A 154 -20.48 28.46 -17.45
C ASN A 154 -21.27 29.39 -16.53
N PRO A 155 -20.81 29.62 -15.30
CA PRO A 155 -21.50 30.53 -14.37
C PRO A 155 -21.03 31.97 -14.50
N GLY A 156 -20.09 32.23 -15.43
CA GLY A 156 -19.49 33.55 -15.58
C GLY A 156 -20.26 34.45 -16.55
N ASP A 157 -19.55 35.51 -16.98
CA ASP A 157 -20.16 36.60 -17.74
C ASP A 157 -19.64 36.73 -19.15
N ALA A 158 -18.75 35.81 -19.60
CA ALA A 158 -18.31 35.77 -20.96
C ALA A 158 -18.34 34.33 -21.45
N PRO A 159 -18.41 34.12 -22.78
CA PRO A 159 -18.33 32.78 -23.34
C PRO A 159 -17.00 32.12 -22.93
N VAL A 160 -17.03 30.78 -22.80
CA VAL A 160 -15.83 30.00 -22.52
C VAL A 160 -15.78 28.86 -23.51
N THR A 161 -14.68 28.71 -24.24
CA THR A 161 -14.49 27.56 -25.08
C THR A 161 -13.84 26.46 -24.23
N VAL A 162 -14.58 25.35 -24.13
CA VAL A 162 -14.16 24.24 -23.27
C VAL A 162 -13.81 23.02 -24.11
N THR A 163 -12.66 22.41 -23.80
CA THR A 163 -12.32 21.09 -24.26
C THR A 163 -12.26 20.17 -23.05
N VAL A 164 -13.02 19.08 -23.10
CA VAL A 164 -12.83 18.02 -22.12
C VAL A 164 -12.15 16.87 -22.85
N VAL A 165 -11.06 16.38 -22.28
CA VAL A 165 -10.27 15.39 -23.01
C VAL A 165 -9.97 14.20 -22.10
N GLY A 166 -10.26 13.01 -22.65
CA GLY A 166 -9.87 11.80 -21.99
C GLY A 166 -8.61 11.28 -22.65
N SER A 167 -7.60 10.99 -21.80
CA SER A 167 -6.37 10.35 -22.23
C SER A 167 -6.34 8.97 -21.58
N MET A 168 -5.99 7.97 -22.37
CA MET A 168 -6.12 6.60 -21.93
C MET A 168 -5.01 5.74 -22.50
N SER A 169 -4.51 4.82 -21.67
CA SER A 169 -3.66 3.74 -22.12
C SER A 169 -4.46 2.42 -22.03
N HIS A 170 -4.15 1.49 -22.92
CA HIS A 170 -4.66 0.14 -22.82
C HIS A 170 -3.96 -0.55 -21.66
N THR A 171 -4.64 -1.50 -21.00
CA THR A 171 -4.07 -2.11 -19.81
C THR A 171 -3.39 -3.46 -20.14
N ALA A 172 -3.71 -4.00 -21.31
CA ALA A 172 -3.28 -5.38 -21.64
C ALA A 172 -1.77 -5.49 -21.78
N GLY A 173 -1.25 -6.66 -21.38
CA GLY A 173 0.04 -7.10 -21.87
C GLY A 173 1.10 -7.35 -20.82
N ARG A 174 0.87 -7.03 -19.55
CA ARG A 174 1.89 -7.18 -18.55
C ARG A 174 2.35 -8.63 -18.44
N GLY A 175 3.63 -8.74 -18.13
CA GLY A 175 4.21 -10.05 -17.92
C GLY A 175 5.30 -9.97 -16.88
N ALA A 176 5.53 -11.11 -16.24
CA ALA A 176 6.61 -11.24 -15.29
C ALA A 176 7.92 -11.12 -16.07
N PRO A 177 9.01 -10.63 -15.46
CA PRO A 177 10.28 -10.56 -16.19
C PRO A 177 10.58 -11.88 -16.91
N GLY A 178 10.94 -11.77 -18.19
CA GLY A 178 11.16 -12.93 -19.03
C GLY A 178 11.54 -12.53 -20.47
N PRO A 179 11.98 -13.48 -21.30
CA PRO A 179 12.36 -13.15 -22.68
C PRO A 179 11.15 -12.76 -23.52
N ASP A 180 9.95 -13.11 -23.00
CA ASP A 180 8.71 -12.79 -23.69
C ASP A 180 8.17 -11.43 -23.26
N ALA A 181 8.83 -10.71 -22.32
CA ALA A 181 8.27 -9.52 -21.68
C ALA A 181 9.30 -8.40 -21.62
N PRO A 182 9.86 -7.95 -22.76
CA PRO A 182 10.70 -6.75 -22.74
C PRO A 182 9.87 -5.58 -22.28
N TRP A 183 10.43 -4.73 -21.41
CA TRP A 183 9.74 -3.57 -20.89
C TRP A 183 8.52 -3.99 -20.08
N GLY A 184 8.50 -5.22 -19.56
CA GLY A 184 7.40 -5.64 -18.71
C GLY A 184 6.13 -5.95 -19.49
N MET A 185 6.23 -6.11 -20.81
CA MET A 185 5.10 -6.24 -21.70
C MET A 185 5.34 -7.39 -22.67
N ARG A 186 4.38 -8.30 -22.78
CA ARG A 186 4.49 -9.50 -23.58
C ARG A 186 4.05 -9.24 -25.00
N GLY A 187 3.45 -8.06 -25.23
CA GLY A 187 3.04 -7.69 -26.56
C GLY A 187 3.13 -6.18 -26.68
N THR A 188 3.05 -5.73 -27.92
CA THR A 188 3.05 -4.31 -28.21
C THR A 188 1.60 -3.90 -28.40
N GLN A 189 1.20 -2.84 -27.69
CA GLN A 189 -0.12 -2.30 -27.88
C GLN A 189 -0.20 -1.47 -29.16
N SER A 190 -1.41 -1.29 -29.64
CA SER A 190 -1.74 -0.40 -30.73
C SER A 190 -2.92 0.48 -30.33
N VAL A 191 -2.98 1.66 -30.94
CA VAL A 191 -4.08 2.58 -30.76
C VAL A 191 -4.34 3.26 -32.10
N ARG A 192 -5.62 3.41 -32.46
CA ARG A 192 -5.95 4.15 -33.66
C ARG A 192 -7.27 4.88 -33.47
N TRP A 193 -7.37 6.01 -34.19
CA TRP A 193 -8.62 6.68 -34.41
C TRP A 193 -9.52 5.79 -35.27
N ARG A 194 -10.77 5.67 -34.83
CA ARG A 194 -11.74 4.90 -35.58
C ARG A 194 -13.11 5.58 -35.55
N GLU A 195 -13.81 5.49 -36.69
CA GLU A 195 -15.16 5.96 -36.79
C GLU A 195 -15.97 4.88 -37.51
N SER A 196 -16.77 4.14 -36.75
CA SER A 196 -17.61 3.09 -37.28
C SER A 196 -18.74 2.81 -36.28
N ASP A 197 -19.81 2.16 -36.77
CA ASP A 197 -20.84 1.62 -35.89
C ASP A 197 -21.55 2.73 -35.11
N GLY A 198 -21.60 3.94 -35.68
CA GLY A 198 -22.32 5.06 -35.07
C GLY A 198 -21.50 5.80 -34.01
N ILE A 199 -20.21 5.44 -33.84
CA ILE A 199 -19.41 6.04 -32.78
C ILE A 199 -18.04 6.41 -33.33
N ARG A 200 -17.27 7.15 -32.53
CA ARG A 200 -15.94 7.55 -32.94
C ARG A 200 -15.05 7.65 -31.71
N GLY A 201 -13.77 7.39 -31.92
CA GLY A 201 -12.82 7.55 -30.82
C GLY A 201 -11.61 6.65 -31.01
N LEU A 202 -11.07 6.21 -29.90
CA LEU A 202 -9.83 5.48 -29.90
C LEU A 202 -10.06 4.00 -29.72
N ASP A 203 -9.39 3.19 -30.57
CA ASP A 203 -9.53 1.74 -30.53
C ASP A 203 -8.17 1.15 -30.20
N PHE A 204 -8.07 0.48 -29.03
CA PHE A 204 -6.83 -0.10 -28.57
C PHE A 204 -6.79 -1.62 -28.77
N ASP A 205 -5.60 -2.12 -29.11
CA ASP A 205 -5.40 -3.57 -29.27
C ASP A 205 -3.99 -3.94 -28.83
N ILE A 206 -3.68 -5.23 -28.97
CA ILE A 206 -2.35 -5.73 -28.61
C ILE A 206 -2.05 -6.96 -29.47
N ASP A 207 -0.76 -7.17 -29.77
CA ASP A 207 -0.41 -8.26 -30.68
C ASP A 207 -0.14 -9.55 -29.90
N LEU A 208 -0.84 -9.74 -28.76
CA LEU A 208 -0.87 -11.09 -28.17
C LEU A 208 -1.79 -11.95 -29.03
N ASP A 209 -1.57 -13.28 -28.99
CA ASP A 209 -2.44 -14.23 -29.65
C ASP A 209 -3.85 -14.10 -29.06
N HIS A 210 -4.83 -14.33 -29.95
CA HIS A 210 -6.26 -14.22 -29.66
C HIS A 210 -6.66 -15.06 -28.43
N ASP A 211 -5.96 -16.16 -28.15
CA ASP A 211 -6.32 -17.11 -27.10
C ASP A 211 -5.49 -16.91 -25.84
N ASP A 212 -4.66 -15.86 -25.79
CA ASP A 212 -3.81 -15.61 -24.66
C ASP A 212 -4.72 -15.14 -23.54
N PRO A 213 -4.59 -15.68 -22.32
CA PRO A 213 -5.39 -15.16 -21.20
C PRO A 213 -5.30 -13.64 -21.02
N GLY A 214 -4.16 -13.06 -21.42
CA GLY A 214 -3.90 -11.64 -21.25
C GLY A 214 -4.36 -10.82 -22.44
N TYR A 215 -4.93 -11.45 -23.47
CA TYR A 215 -5.35 -10.73 -24.64
C TYR A 215 -6.58 -9.90 -24.31
N GLY A 216 -6.64 -8.69 -24.88
CA GLY A 216 -7.80 -7.86 -24.72
C GLY A 216 -7.71 -6.56 -25.51
N THR A 217 -8.80 -5.82 -25.48
CA THR A 217 -8.99 -4.59 -26.20
C THR A 217 -9.60 -3.56 -25.26
N MET A 218 -9.51 -2.29 -25.67
CA MET A 218 -10.13 -1.20 -24.93
C MET A 218 -10.55 -0.16 -25.95
N SER A 219 -11.49 0.69 -25.59
CA SER A 219 -11.85 1.79 -26.45
C SER A 219 -12.30 2.98 -25.59
N LEU A 220 -12.10 4.19 -26.13
CA LEU A 220 -12.65 5.42 -25.57
C LEU A 220 -13.37 6.15 -26.70
N THR A 221 -14.68 6.29 -26.56
CA THR A 221 -15.52 6.72 -27.66
C THR A 221 -16.53 7.77 -27.24
N THR A 222 -17.10 8.38 -28.29
CA THR A 222 -18.16 9.35 -28.16
C THR A 222 -19.01 9.33 -29.43
N THR A 223 -20.26 9.79 -29.26
CA THR A 223 -21.11 10.15 -30.38
C THR A 223 -21.07 11.63 -30.72
N ASP A 224 -20.30 12.42 -29.96
CA ASP A 224 -20.19 13.84 -30.23
C ASP A 224 -19.34 14.07 -31.49
N SER A 225 -19.84 14.92 -32.42
CA SER A 225 -19.13 15.25 -33.65
C SER A 225 -17.98 16.22 -33.41
N SER A 226 -17.99 16.93 -32.25
CA SER A 226 -17.07 18.04 -32.06
C SER A 226 -15.81 17.57 -31.31
N THR A 227 -14.92 16.92 -32.05
CA THR A 227 -13.76 16.28 -31.45
C THR A 227 -12.44 16.86 -31.94
N THR A 228 -11.43 16.69 -31.09
CA THR A 228 -10.05 17.04 -31.35
C THR A 228 -9.22 15.91 -30.73
N VAL A 229 -8.23 15.40 -31.47
CA VAL A 229 -7.65 14.14 -31.07
C VAL A 229 -6.13 14.14 -31.24
N LYS A 230 -5.45 13.44 -30.32
CA LYS A 230 -4.09 13.00 -30.50
C LYS A 230 -4.10 11.48 -30.38
N PRO A 231 -4.23 10.71 -31.48
CA PRO A 231 -4.51 9.28 -31.37
C PRO A 231 -3.41 8.48 -30.70
N GLN A 232 -2.13 8.92 -30.86
CA GLN A 232 -1.03 8.19 -30.27
C GLN A 232 0.01 9.16 -29.76
N TRP A 233 0.26 9.09 -28.46
CA TRP A 233 1.29 9.92 -27.85
C TRP A 233 2.65 9.44 -28.33
N VAL A 234 3.64 10.33 -28.30
CA VAL A 234 5.03 9.97 -28.58
C VAL A 234 5.54 8.94 -27.55
N THR A 235 6.27 7.95 -28.04
CA THR A 235 6.96 6.98 -27.19
C THR A 235 8.47 7.19 -27.31
N SER A 236 9.06 7.76 -26.26
CA SER A 236 10.50 7.93 -26.15
C SER A 236 11.00 7.18 -24.93
N TYR A 237 12.31 7.23 -24.69
CA TYR A 237 12.85 6.59 -23.50
C TYR A 237 12.39 7.34 -22.25
N TRP A 238 12.45 8.67 -22.34
CA TRP A 238 11.87 9.57 -21.36
C TRP A 238 10.46 9.94 -21.73
N PRO A 239 9.68 10.46 -20.75
CA PRO A 239 8.27 10.78 -20.99
C PRO A 239 8.09 12.06 -21.81
N ASP A 240 8.51 12.01 -23.07
CA ASP A 240 8.26 13.10 -23.97
C ASP A 240 6.77 13.18 -24.33
N GLY A 241 6.12 12.02 -24.46
CA GLY A 241 4.72 11.99 -24.89
C GLY A 241 3.80 12.86 -24.03
N ALA A 242 3.95 12.76 -22.70
CA ALA A 242 3.11 13.51 -21.78
C ALA A 242 3.38 15.02 -21.89
N ARG A 243 4.66 15.38 -22.00
CA ARG A 243 5.04 16.77 -22.02
C ARG A 243 4.46 17.39 -23.29
N LEU A 244 4.60 16.67 -24.40
CA LEU A 244 4.08 17.15 -25.67
C LEU A 244 2.58 17.23 -25.65
N PHE A 245 1.90 16.27 -24.98
CA PHE A 245 0.45 16.33 -24.82
C PHE A 245 0.01 17.58 -24.05
N TRP A 246 0.60 17.87 -22.91
CA TRP A 246 0.23 19.04 -22.14
C TRP A 246 0.57 20.32 -22.89
N ASN A 247 1.72 20.37 -23.57
CA ASN A 247 2.04 21.56 -24.36
C ASN A 247 0.90 21.79 -25.34
N ASP A 248 0.50 20.72 -26.04
CA ASP A 248 -0.49 20.79 -27.10
C ASP A 248 -1.87 21.21 -26.58
N LEU A 249 -2.26 20.71 -25.40
CA LEU A 249 -3.55 21.03 -24.84
C LEU A 249 -3.58 22.44 -24.25
N ALA A 250 -2.54 22.80 -23.49
CA ALA A 250 -2.57 24.05 -22.73
C ALA A 250 -2.36 25.23 -23.67
N ASP A 251 -1.77 25.01 -24.85
CA ASP A 251 -1.59 26.05 -25.84
C ASP A 251 -2.94 26.60 -26.29
N ASP A 252 -3.81 25.74 -26.81
CA ASP A 252 -4.98 26.17 -27.56
C ASP A 252 -6.23 25.37 -27.26
N GLY A 253 -6.17 24.36 -26.40
CA GLY A 253 -7.31 23.49 -26.17
C GLY A 253 -7.63 22.54 -27.31
N LEU A 254 -6.75 22.44 -28.32
CA LEU A 254 -6.89 21.53 -29.44
C LEU A 254 -5.67 20.60 -29.46
N LEU A 255 -5.83 19.46 -30.15
CA LEU A 255 -4.81 18.44 -30.23
C LEU A 255 -4.57 18.09 -31.68
N ALA A 256 -3.37 17.55 -31.93
CA ALA A 256 -3.06 17.06 -33.25
C ALA A 256 -2.39 15.70 -33.11
N PRO A 257 -2.52 14.83 -34.12
CA PRO A 257 -1.67 13.64 -34.21
C PRO A 257 -0.18 14.01 -34.20
N GLU A 258 0.65 13.12 -33.65
CA GLU A 258 2.09 13.35 -33.57
C GLU A 258 2.72 12.98 -34.91
N ALA A 259 3.57 13.87 -35.45
CA ALA A 259 4.20 13.63 -36.75
C ALA A 259 5.20 12.47 -36.62
N ARG A 260 5.92 12.44 -35.48
CA ARG A 260 6.86 11.37 -35.18
C ARG A 260 6.35 10.62 -33.96
N LEU A 261 6.24 9.31 -34.09
CA LEU A 261 5.72 8.49 -33.02
C LEU A 261 6.79 8.13 -31.98
N THR A 262 8.05 8.42 -32.30
CA THR A 262 9.13 8.39 -31.31
C THR A 262 10.06 9.56 -31.67
N LEU A 263 10.74 10.16 -30.69
CA LEU A 263 11.77 11.16 -30.98
C LEU A 263 13.15 10.53 -30.83
N GLU A 264 13.23 9.21 -30.65
CA GLU A 264 14.49 8.51 -30.66
C GLU A 264 14.91 8.21 -32.11
N ASP A 265 16.20 8.36 -32.36
CA ASP A 265 16.80 7.96 -33.65
C ASP A 265 17.48 6.60 -33.52
N LYS A 266 18.17 6.34 -32.42
CA LYS A 266 18.77 5.05 -32.11
C LYS A 266 18.92 5.00 -30.59
N PRO A 267 19.13 3.81 -29.99
CA PRO A 267 19.56 3.72 -28.58
C PRO A 267 20.83 4.54 -28.32
N ARG A 268 20.79 5.47 -27.35
CA ARG A 268 21.89 6.39 -27.06
C ARG A 268 22.10 6.48 -25.56
N GLY A 269 23.32 6.86 -25.15
CA GLY A 269 23.60 7.24 -23.76
C GLY A 269 23.42 6.04 -22.83
N LEU A 270 22.63 6.25 -21.75
CA LEU A 270 22.29 5.21 -20.78
C LEU A 270 21.56 4.05 -21.44
N PHE A 271 20.91 4.32 -22.60
CA PHE A 271 20.09 3.33 -23.27
C PHE A 271 20.87 2.64 -24.39
N ALA A 272 22.15 3.00 -24.56
CA ALA A 272 22.94 2.44 -25.64
C ALA A 272 23.12 0.94 -25.43
N GLU A 273 23.23 0.25 -26.56
CA GLU A 273 23.56 -1.16 -26.55
C GLU A 273 25.08 -1.29 -26.40
N ARG A 274 25.50 -2.10 -25.42
CA ARG A 274 26.91 -2.23 -25.06
C ARG A 274 27.77 -2.55 -26.29
N ASP A 275 27.29 -3.48 -27.14
CA ASP A 275 28.07 -3.99 -28.25
C ASP A 275 27.87 -3.14 -29.51
N ALA A 276 27.29 -1.95 -29.37
CA ALA A 276 26.90 -1.14 -30.52
C ALA A 276 28.07 -0.25 -30.97
N ASP A 277 28.25 -0.17 -32.29
CA ASP A 277 29.10 0.82 -32.93
C ASP A 277 28.45 2.19 -32.76
N PRO A 278 29.11 3.20 -32.13
CA PRO A 278 28.70 4.59 -32.28
C PRO A 278 29.06 5.12 -33.67
N ASP A 279 28.39 6.20 -34.11
CA ASP A 279 28.48 6.71 -35.47
C ASP A 279 27.68 5.83 -36.43
N ALA A 280 27.09 4.73 -35.94
CA ALA A 280 26.03 4.03 -36.65
C ALA A 280 24.85 5.00 -36.86
N PRO A 281 24.27 5.10 -38.09
CA PRO A 281 23.22 6.08 -38.37
C PRO A 281 21.87 5.74 -37.72
N ALA A 282 20.88 6.65 -37.89
CA ALA A 282 19.57 6.49 -37.28
C ALA A 282 18.94 5.18 -37.79
N LEU A 283 18.13 4.55 -36.93
CA LEU A 283 17.16 3.54 -37.37
C LEU A 283 15.90 4.20 -37.94
N THR A 284 15.10 3.41 -38.66
CA THR A 284 13.78 3.87 -39.08
C THR A 284 12.89 3.93 -37.83
N GLU A 285 11.79 4.68 -37.97
CA GLU A 285 10.86 4.85 -36.85
C GLU A 285 10.36 3.49 -36.38
N GLU A 286 10.04 2.58 -37.32
CA GLU A 286 9.48 1.29 -36.96
C GLU A 286 10.56 0.46 -36.28
N GLN A 287 11.83 0.56 -36.73
CA GLN A 287 12.87 -0.22 -36.06
C GLN A 287 13.08 0.31 -34.64
N MET A 288 13.00 1.62 -34.47
CA MET A 288 13.22 2.23 -33.18
C MET A 288 12.07 1.90 -32.22
N LEU A 289 10.84 1.97 -32.73
CA LEU A 289 9.68 1.65 -31.88
C LEU A 289 9.78 0.21 -31.36
N ALA A 290 10.33 -0.69 -32.17
CA ALA A 290 10.47 -2.09 -31.78
C ALA A 290 11.39 -2.25 -30.57
N LYS A 291 12.21 -1.24 -30.23
CA LYS A 291 13.13 -1.30 -29.12
C LYS A 291 12.61 -0.55 -27.87
N LEU A 292 11.40 -0.02 -27.93
CA LEU A 292 10.95 0.95 -26.93
C LEU A 292 9.77 0.37 -26.12
N PRO A 293 9.37 1.08 -25.04
CA PRO A 293 8.20 0.67 -24.23
C PRO A 293 6.94 0.42 -25.08
N ARG A 294 6.06 -0.47 -24.58
CA ARG A 294 5.08 -1.13 -25.41
C ARG A 294 3.61 -0.73 -25.12
N VAL A 295 3.42 0.08 -24.07
CA VAL A 295 2.11 0.68 -23.80
C VAL A 295 1.88 1.86 -24.75
N ARG A 296 0.65 1.99 -25.23
CA ARG A 296 0.26 3.12 -26.06
C ARG A 296 -0.84 3.94 -25.39
N THR A 297 -0.81 5.25 -25.63
CA THR A 297 -1.74 6.21 -25.04
C THR A 297 -2.33 7.07 -26.14
N GLY A 298 -3.62 7.42 -26.03
CA GLY A 298 -4.23 8.37 -26.96
C GLY A 298 -5.15 9.31 -26.19
N SER A 299 -5.54 10.40 -26.87
CA SER A 299 -6.40 11.44 -26.26
C SER A 299 -7.56 11.76 -27.19
N LEU A 300 -8.75 11.75 -26.61
CA LEU A 300 -9.98 12.10 -27.29
C LEU A 300 -10.57 13.30 -26.55
N GLY A 301 -10.64 14.43 -27.30
CA GLY A 301 -11.19 15.65 -26.79
C GLY A 301 -12.51 15.98 -27.44
N ILE A 302 -13.35 16.65 -26.66
CA ILE A 302 -14.65 17.15 -27.11
C ILE A 302 -14.67 18.65 -26.81
N VAL A 303 -15.08 19.47 -27.80
CA VAL A 303 -14.86 20.91 -27.72
C VAL A 303 -16.19 21.61 -27.96
N HIS A 304 -16.59 22.48 -27.02
CA HIS A 304 -17.80 23.27 -27.20
C HIS A 304 -17.60 24.63 -26.57
N THR A 305 -18.23 25.66 -27.15
CA THR A 305 -18.21 26.97 -26.55
C THR A 305 -19.53 27.15 -25.80
N LEU A 306 -19.43 27.59 -24.56
CA LEU A 306 -20.54 27.81 -23.66
C LEU A 306 -20.75 29.32 -23.42
N ALA A 307 -21.94 29.77 -23.78
CA ALA A 307 -22.36 31.13 -23.48
C ALA A 307 -22.52 31.26 -21.97
N PRO A 308 -22.50 32.47 -21.41
CA PRO A 308 -22.83 32.66 -20.01
C PRO A 308 -24.13 31.92 -19.66
N GLY A 309 -24.09 31.12 -18.59
CA GLY A 309 -25.22 30.35 -18.09
C GLY A 309 -25.46 29.02 -18.83
N GLU A 310 -24.78 28.76 -19.94
CA GLU A 310 -25.03 27.56 -20.71
C GLU A 310 -24.37 26.35 -20.00
N GLU A 311 -25.02 25.20 -20.18
CA GLU A 311 -24.58 23.90 -19.67
C GLU A 311 -24.46 22.95 -20.86
N ARG A 312 -23.45 22.09 -20.81
CA ARG A 312 -23.31 21.12 -21.88
C ARG A 312 -22.65 19.84 -21.37
N ASP A 313 -23.12 18.70 -21.91
CA ASP A 313 -22.56 17.41 -21.57
C ASP A 313 -21.45 17.05 -22.56
N PHE A 314 -20.32 16.56 -22.01
CA PHE A 314 -19.19 16.03 -22.77
C PHE A 314 -19.14 14.53 -22.42
N GLU A 315 -19.70 13.72 -23.33
CA GLU A 315 -19.99 12.34 -23.03
C GLU A 315 -19.07 11.34 -23.70
N PHE A 316 -18.43 10.51 -22.84
CA PHE A 316 -17.55 9.45 -23.27
C PHE A 316 -18.10 8.09 -22.81
N VAL A 317 -17.67 7.05 -23.55
CA VAL A 317 -17.77 5.66 -23.11
C VAL A 317 -16.36 5.07 -23.11
N LEU A 318 -16.05 4.41 -21.99
CA LEU A 318 -14.86 3.61 -21.81
C LEU A 318 -15.30 2.15 -21.83
N ALA A 319 -14.72 1.37 -22.74
CA ALA A 319 -15.07 -0.03 -22.89
C ALA A 319 -13.83 -0.90 -22.92
N TRP A 320 -14.03 -2.19 -22.62
CA TRP A 320 -12.93 -3.13 -22.49
C TRP A 320 -13.41 -4.54 -22.79
N SER A 321 -12.43 -5.43 -23.02
CA SER A 321 -12.72 -6.82 -23.31
C SER A 321 -11.48 -7.66 -23.07
N PHE A 322 -11.56 -8.60 -22.12
CA PHE A 322 -10.54 -9.61 -21.88
C PHE A 322 -11.23 -10.97 -21.91
N PRO A 323 -11.43 -11.53 -23.11
CA PRO A 323 -12.38 -12.62 -23.26
C PRO A 323 -11.95 -13.94 -22.64
N ASN A 324 -10.66 -14.12 -22.39
CA ASN A 324 -10.09 -15.44 -22.14
C ASN A 324 -9.69 -15.65 -20.69
N ARG A 325 -10.21 -16.72 -20.06
CA ARG A 325 -9.71 -17.18 -18.79
C ARG A 325 -8.97 -18.50 -18.92
N ARG A 326 -7.84 -18.63 -18.22
CA ARG A 326 -7.18 -19.91 -18.03
C ARG A 326 -8.19 -20.85 -17.38
N ARG A 327 -8.31 -22.05 -17.92
CA ARG A 327 -9.25 -23.02 -17.34
C ARG A 327 -8.79 -23.40 -15.95
N GLY A 328 -9.73 -23.39 -14.99
CA GLY A 328 -9.41 -23.76 -13.62
C GLY A 328 -9.56 -22.57 -12.67
N TRP A 329 -9.73 -22.85 -11.38
CA TRP A 329 -9.75 -21.82 -10.37
C TRP A 329 -8.38 -21.14 -10.22
N HIS A 330 -7.30 -21.93 -10.25
CA HIS A 330 -5.96 -21.49 -9.90
C HIS A 330 -6.01 -20.65 -8.64
N GLY A 331 -6.71 -21.15 -7.61
CA GLY A 331 -6.77 -20.47 -6.35
C GLY A 331 -5.75 -21.00 -5.36
N HIS A 332 -6.14 -21.01 -4.08
CA HIS A 332 -5.23 -21.27 -2.98
C HIS A 332 -5.77 -22.37 -2.05
N ILE A 333 -6.77 -23.13 -2.47
CA ILE A 333 -7.34 -24.19 -1.65
C ILE A 333 -7.31 -25.54 -2.38
N ILE A 334 -7.92 -25.59 -3.55
CA ILE A 334 -8.15 -26.81 -4.31
C ILE A 334 -6.95 -27.10 -5.23
N PHE A 335 -5.88 -27.61 -4.62
CA PHE A 335 -4.67 -27.96 -5.35
C PHE A 335 -4.80 -29.38 -5.91
N ASP A 336 -3.94 -29.73 -6.87
CA ASP A 336 -3.95 -31.08 -7.43
C ASP A 336 -3.85 -32.15 -6.36
N ASP A 337 -3.14 -31.89 -5.26
CA ASP A 337 -2.99 -32.87 -4.19
C ASP A 337 -4.24 -32.90 -3.30
N ALA A 338 -5.31 -32.18 -3.71
CA ALA A 338 -6.55 -32.09 -2.95
C ALA A 338 -7.75 -32.52 -3.79
N LEU A 339 -7.51 -33.25 -4.90
CA LEU A 339 -8.58 -33.74 -5.75
C LEU A 339 -8.87 -35.21 -5.43
N GLU A 340 -10.15 -35.61 -5.48
CA GLU A 340 -10.48 -37.01 -5.29
C GLU A 340 -10.65 -37.62 -6.68
N ASP A 341 -10.49 -38.94 -6.81
CA ASP A 341 -10.86 -39.56 -8.07
C ASP A 341 -12.23 -40.19 -7.87
N GLY A 342 -12.84 -40.63 -8.98
CA GLY A 342 -14.22 -41.10 -8.98
C GLY A 342 -15.09 -40.26 -9.92
N ALA A 343 -14.57 -39.10 -10.32
CA ALA A 343 -15.16 -38.30 -11.39
C ALA A 343 -14.06 -38.00 -12.41
N PRO A 344 -14.24 -38.38 -13.70
CA PRO A 344 -13.16 -38.32 -14.68
C PRO A 344 -12.72 -36.89 -15.05
N ASP A 345 -11.40 -36.74 -15.24
CA ASP A 345 -10.77 -35.45 -15.48
C ASP A 345 -10.85 -35.09 -16.96
N LEU A 346 -11.79 -34.17 -17.28
CA LEU A 346 -12.08 -33.80 -18.67
C LEU A 346 -11.12 -32.73 -19.18
N ARG A 347 -10.19 -32.21 -18.35
CA ARG A 347 -9.54 -30.94 -18.64
C ARG A 347 -8.70 -30.99 -19.92
N ASP A 348 -7.90 -32.05 -20.08
CA ASP A 348 -7.42 -32.47 -21.38
C ASP A 348 -8.57 -33.21 -22.07
N GLU A 349 -8.95 -32.69 -23.25
CA GLU A 349 -10.17 -33.01 -23.99
C GLU A 349 -10.99 -31.73 -24.11
N LEU A 350 -10.85 -30.85 -23.10
CA LEU A 350 -11.34 -29.49 -23.17
C LEU A 350 -10.16 -28.55 -23.38
N GLY A 351 -10.40 -27.38 -23.96
CA GLY A 351 -9.32 -26.46 -24.20
C GLY A 351 -8.75 -25.90 -22.88
N PRO A 352 -7.56 -25.25 -22.93
CA PRO A 352 -6.99 -24.59 -21.76
C PRO A 352 -7.61 -23.22 -21.44
N ILE A 353 -8.53 -22.76 -22.29
CA ILE A 353 -9.21 -21.47 -22.10
C ILE A 353 -10.71 -21.73 -21.92
N VAL A 354 -11.30 -20.96 -21.01
CA VAL A 354 -12.74 -20.77 -20.93
C VAL A 354 -13.06 -19.29 -21.17
N ARG A 355 -14.04 -19.01 -22.02
CA ARG A 355 -14.40 -17.65 -22.38
C ARG A 355 -15.34 -17.05 -21.34
N ASN A 356 -15.15 -15.76 -21.12
CA ASN A 356 -16.16 -14.97 -20.45
C ASN A 356 -17.40 -14.94 -21.31
N HIS A 357 -18.56 -15.10 -20.67
CA HIS A 357 -19.82 -15.05 -21.34
C HIS A 357 -20.03 -13.75 -22.10
N TYR A 358 -19.60 -12.61 -21.55
CA TYR A 358 -19.85 -11.33 -22.21
C TYR A 358 -19.19 -11.25 -23.59
N ALA A 359 -18.13 -12.03 -23.77
CA ALA A 359 -17.35 -12.01 -24.99
C ALA A 359 -18.08 -12.72 -26.13
N VAL A 360 -19.19 -13.41 -25.85
CA VAL A 360 -19.99 -14.00 -26.92
C VAL A 360 -20.77 -12.90 -27.64
N ARG A 361 -21.45 -12.04 -26.88
CA ARG A 361 -22.22 -10.98 -27.48
C ARG A 361 -21.28 -9.92 -28.07
N TRP A 362 -20.20 -9.59 -27.35
CA TRP A 362 -19.31 -8.51 -27.77
C TRP A 362 -17.92 -9.08 -28.04
N PRO A 363 -17.52 -9.25 -29.31
CA PRO A 363 -16.18 -9.82 -29.57
C PRO A 363 -14.98 -8.99 -29.02
N ASP A 364 -15.17 -7.67 -28.83
CA ASP A 364 -14.10 -6.79 -28.41
C ASP A 364 -14.71 -5.55 -27.77
N ALA A 365 -13.84 -4.63 -27.37
CA ALA A 365 -14.30 -3.45 -26.69
C ALA A 365 -15.22 -2.59 -27.54
N TRP A 366 -14.83 -2.33 -28.81
CA TRP A 366 -15.63 -1.51 -29.67
C TRP A 366 -17.05 -2.03 -29.77
N ALA A 367 -17.23 -3.37 -29.79
CA ALA A 367 -18.56 -3.92 -29.98
C ALA A 367 -19.43 -3.52 -28.77
N ALA A 368 -18.81 -3.60 -27.59
CA ALA A 368 -19.53 -3.27 -26.36
C ALA A 368 -19.87 -1.79 -26.32
N ALA A 369 -18.90 -0.92 -26.67
CA ALA A 369 -19.14 0.52 -26.76
C ALA A 369 -20.24 0.86 -27.77
N ALA A 370 -20.21 0.20 -28.93
CA ALA A 370 -21.19 0.49 -29.97
C ALA A 370 -22.61 0.17 -29.46
N GLN A 371 -22.74 -0.94 -28.75
CA GLN A 371 -24.03 -1.32 -28.18
C GLN A 371 -24.45 -0.34 -27.09
N LEU A 372 -23.57 -0.03 -26.14
CA LEU A 372 -23.94 0.92 -25.11
C LEU A 372 -24.41 2.25 -25.70
N HIS A 373 -23.65 2.81 -26.64
CA HIS A 373 -24.08 4.04 -27.26
C HIS A 373 -25.42 3.88 -28.02
N ARG A 374 -25.55 2.83 -28.83
CA ARG A 374 -26.76 2.66 -29.66
C ARG A 374 -28.01 2.58 -28.76
N ASP A 375 -27.88 1.81 -27.68
CA ASP A 375 -29.03 1.48 -26.83
C ASP A 375 -29.06 2.33 -25.57
N LEU A 376 -28.27 3.42 -25.53
CA LEU A 376 -28.16 4.19 -24.29
C LEU A 376 -29.51 4.65 -23.75
N PRO A 377 -30.46 5.18 -24.57
CA PRO A 377 -31.67 5.71 -23.95
C PRO A 377 -32.43 4.69 -23.14
N ALA A 378 -32.53 3.46 -23.66
CA ALA A 378 -33.25 2.38 -23.00
C ALA A 378 -32.46 1.84 -21.81
N LEU A 379 -31.14 1.65 -21.98
CA LEU A 379 -30.30 1.14 -20.90
C LEU A 379 -30.22 2.13 -19.75
N GLU A 380 -30.03 3.40 -20.07
CA GLU A 380 -29.99 4.43 -19.04
C GLU A 380 -31.35 4.62 -18.38
N GLY A 381 -32.43 4.54 -19.18
CA GLY A 381 -33.76 4.74 -18.63
C GLY A 381 -34.14 3.65 -17.64
N ALA A 382 -33.78 2.41 -17.95
CA ALA A 382 -33.95 1.31 -17.00
C ALA A 382 -33.11 1.51 -15.74
N THR A 383 -31.87 1.93 -15.93
CA THR A 383 -30.94 2.15 -14.82
C THR A 383 -31.50 3.24 -13.91
N ASP A 384 -31.98 4.34 -14.50
CA ASP A 384 -32.52 5.46 -13.75
C ASP A 384 -33.79 5.07 -13.01
N ALA A 385 -34.62 4.24 -13.64
CA ALA A 385 -35.83 3.79 -12.97
C ALA A 385 -35.49 2.93 -11.78
N PHE A 386 -34.48 2.09 -11.93
CA PHE A 386 -33.95 1.27 -10.86
C PHE A 386 -33.48 2.11 -9.68
N VAL A 387 -32.65 3.11 -10.00
CA VAL A 387 -32.14 4.01 -8.97
C VAL A 387 -33.27 4.72 -8.25
N GLU A 388 -34.27 5.23 -9.00
CA GLU A 388 -35.34 5.96 -8.33
C GLU A 388 -36.13 5.02 -7.39
N GLU A 389 -36.37 3.78 -7.79
CA GLU A 389 -37.14 2.88 -6.95
C GLU A 389 -36.33 2.45 -5.73
N LEU A 390 -35.02 2.21 -5.91
CA LEU A 390 -34.21 1.71 -4.80
C LEU A 390 -33.89 2.82 -3.81
N TYR A 391 -33.61 4.04 -4.30
CA TYR A 391 -33.13 5.09 -3.42
C TYR A 391 -34.14 6.21 -3.16
N GLY A 392 -35.23 6.23 -3.97
CA GLY A 392 -36.21 7.32 -3.89
C GLY A 392 -37.51 6.97 -3.16
N GLY A 393 -37.58 5.77 -2.57
CA GLY A 393 -38.73 5.26 -1.83
C GLY A 393 -38.67 5.61 -0.35
N SER A 394 -39.39 4.83 0.45
CA SER A 394 -39.63 5.10 1.86
C SER A 394 -38.55 4.51 2.77
N LEU A 395 -37.75 3.57 2.27
CA LEU A 395 -36.70 3.02 3.13
C LEU A 395 -35.93 4.15 3.81
N ASP A 396 -35.58 3.92 5.08
CA ASP A 396 -34.55 4.75 5.69
C ASP A 396 -33.34 4.75 4.75
N PRO A 397 -32.71 5.93 4.49
CA PRO A 397 -31.55 5.99 3.62
C PRO A 397 -30.45 4.98 4.01
N VAL A 398 -30.33 4.66 5.30
CA VAL A 398 -29.36 3.68 5.77
C VAL A 398 -29.63 2.32 5.12
N LEU A 399 -30.91 1.91 5.07
CA LEU A 399 -31.29 0.62 4.55
C LEU A 399 -31.13 0.63 3.02
N ALA A 400 -31.55 1.72 2.35
CA ALA A 400 -31.39 1.79 0.91
C ALA A 400 -29.91 1.73 0.51
N ASP A 401 -29.06 2.40 1.32
CA ASP A 401 -27.60 2.35 1.19
C ASP A 401 -27.09 0.89 1.24
N ALA A 402 -27.50 0.19 2.30
CA ALA A 402 -27.04 -1.17 2.53
C ALA A 402 -27.47 -2.07 1.38
N VAL A 403 -28.72 -1.91 0.92
CA VAL A 403 -29.20 -2.78 -0.15
C VAL A 403 -28.47 -2.46 -1.47
N GLY A 404 -28.43 -1.18 -1.81
CA GLY A 404 -27.95 -0.82 -3.14
C GLY A 404 -26.43 -0.84 -3.26
N ALA A 405 -25.73 -0.32 -2.25
CA ALA A 405 -24.27 -0.24 -2.36
C ALA A 405 -23.64 -1.62 -2.55
N ASN A 406 -24.22 -2.63 -1.87
CA ASN A 406 -23.67 -3.97 -1.87
C ASN A 406 -23.92 -4.73 -3.18
N ILE A 407 -24.76 -4.19 -4.09
CA ILE A 407 -24.90 -4.78 -5.40
C ILE A 407 -23.52 -4.77 -6.08
N ALA A 408 -22.65 -3.82 -5.66
CA ALA A 408 -21.32 -3.77 -6.28
C ALA A 408 -20.57 -5.09 -6.10
N ALA A 409 -20.78 -5.82 -5.03
CA ALA A 409 -20.06 -7.09 -4.82
C ALA A 409 -20.40 -8.05 -5.96
N LEU A 410 -21.72 -8.09 -6.33
CA LEU A 410 -22.20 -9.00 -7.36
C LEU A 410 -21.63 -8.64 -8.74
N ARG A 411 -21.34 -7.33 -8.93
CA ARG A 411 -20.78 -6.82 -10.16
C ARG A 411 -19.29 -6.58 -10.12
N SER A 412 -18.59 -7.23 -9.19
CA SER A 412 -17.17 -7.09 -8.96
C SER A 412 -16.42 -8.31 -9.51
N THR A 413 -15.09 -8.29 -9.34
CA THR A 413 -14.25 -9.42 -9.71
C THR A 413 -14.53 -10.66 -8.87
N THR A 414 -15.28 -10.54 -7.79
CA THR A 414 -15.61 -11.74 -6.99
C THR A 414 -16.43 -12.74 -7.81
N CYS A 415 -17.23 -12.25 -8.74
CA CYS A 415 -18.15 -13.07 -9.52
C CYS A 415 -17.85 -13.00 -11.01
N PHE A 416 -18.26 -14.06 -11.72
CA PHE A 416 -18.06 -14.08 -13.16
C PHE A 416 -18.98 -15.09 -13.80
N VAL A 417 -19.02 -15.05 -15.13
CA VAL A 417 -19.96 -15.87 -15.89
C VAL A 417 -19.17 -16.51 -17.03
N LEU A 418 -19.08 -17.85 -16.98
CA LEU A 418 -18.29 -18.61 -17.95
C LEU A 418 -19.17 -19.08 -19.09
N GLU A 419 -18.63 -19.08 -20.30
CA GLU A 419 -19.36 -19.63 -21.44
C GLU A 419 -19.01 -21.13 -21.52
N SER A 420 -20.00 -21.97 -21.25
CA SER A 420 -19.93 -23.40 -21.54
C SER A 420 -18.64 -24.04 -21.02
N PRO A 421 -18.32 -23.90 -19.72
CA PRO A 421 -17.06 -24.41 -19.21
C PRO A 421 -16.95 -25.94 -19.26
N THR A 422 -18.09 -26.65 -19.15
CA THR A 422 -18.06 -28.10 -19.12
C THR A 422 -19.24 -28.68 -19.91
N PRO A 423 -18.96 -29.70 -20.75
CA PRO A 423 -20.07 -30.34 -21.45
C PRO A 423 -21.04 -31.02 -20.49
N GLU A 424 -20.61 -31.29 -19.25
CA GLU A 424 -21.53 -31.97 -18.33
C GLU A 424 -22.75 -31.12 -17.98
N LEU A 425 -22.68 -29.78 -18.14
CA LEU A 425 -23.82 -28.92 -17.85
C LEU A 425 -24.56 -28.50 -19.12
N GLY A 426 -24.09 -28.95 -20.31
CA GLY A 426 -24.65 -28.44 -21.54
C GLY A 426 -24.12 -27.05 -21.88
N ASP A 427 -24.61 -26.48 -22.98
CA ASP A 427 -24.13 -25.21 -23.49
C ASP A 427 -24.82 -24.07 -22.76
N GLY A 428 -24.11 -22.96 -22.60
CA GLY A 428 -24.68 -21.74 -22.07
C GLY A 428 -23.85 -21.19 -20.92
N PRO A 429 -24.21 -19.99 -20.46
CA PRO A 429 -23.51 -19.34 -19.34
C PRO A 429 -23.71 -20.05 -17.99
N VAL A 430 -22.62 -20.05 -17.23
CA VAL A 430 -22.62 -20.59 -15.87
C VAL A 430 -22.00 -19.56 -14.95
N PHE A 431 -22.77 -19.15 -13.98
CA PHE A 431 -22.29 -18.23 -12.97
C PHE A 431 -21.38 -19.00 -12.01
N ALA A 432 -20.29 -18.36 -11.61
CA ALA A 432 -19.39 -18.91 -10.61
C ALA A 432 -18.76 -17.74 -9.88
N ALA A 433 -18.17 -18.01 -8.75
CA ALA A 433 -17.63 -16.94 -7.92
C ALA A 433 -16.64 -17.44 -6.91
N TRP A 434 -15.71 -16.54 -6.62
CA TRP A 434 -14.93 -16.56 -5.42
C TRP A 434 -15.86 -16.21 -4.26
N GLU A 435 -15.33 -16.28 -3.06
CA GLU A 435 -15.99 -15.68 -1.91
C GLU A 435 -15.75 -14.19 -1.89
N GLY A 436 -14.54 -13.77 -2.30
CA GLY A 436 -14.15 -12.39 -2.20
C GLY A 436 -13.02 -12.15 -3.18
N SER A 437 -12.50 -10.94 -3.15
CA SER A 437 -11.42 -10.51 -4.05
C SER A 437 -10.30 -10.00 -3.16
N PHE A 438 -9.19 -10.73 -2.98
CA PHE A 438 -8.03 -10.05 -2.49
C PHE A 438 -7.61 -8.96 -3.49
N ASP A 439 -6.68 -8.09 -3.07
CA ASP A 439 -6.34 -6.92 -3.87
C ASP A 439 -5.83 -7.40 -5.24
N HIS A 440 -5.15 -8.55 -5.29
CA HIS A 440 -4.48 -8.98 -6.52
C HIS A 440 -4.76 -10.41 -6.89
N GLY A 441 -5.79 -11.02 -6.29
CA GLY A 441 -6.11 -12.39 -6.61
C GLY A 441 -7.45 -12.78 -6.01
N GLY A 442 -8.04 -13.86 -6.54
CA GLY A 442 -9.28 -14.34 -6.00
C GLY A 442 -9.12 -14.86 -4.58
N SER A 443 -10.16 -14.65 -3.76
CA SER A 443 -10.22 -15.23 -2.43
C SER A 443 -11.24 -16.38 -2.36
N CYS A 444 -10.72 -17.61 -2.16
CA CYS A 444 -11.47 -18.77 -1.70
C CYS A 444 -12.43 -19.26 -2.76
N GLU A 445 -11.88 -20.07 -3.69
CA GLU A 445 -12.58 -20.55 -4.87
C GLU A 445 -13.75 -21.51 -4.58
N GLY A 446 -14.58 -21.65 -5.61
CA GLY A 446 -15.50 -22.79 -5.72
C GLY A 446 -16.96 -22.45 -5.48
N THR A 447 -17.39 -21.20 -5.74
CA THR A 447 -18.74 -20.74 -5.44
C THR A 447 -19.17 -21.34 -4.10
N CYS A 448 -18.31 -21.10 -3.10
CA CYS A 448 -18.41 -21.71 -1.80
C CYS A 448 -19.82 -21.69 -1.21
N THR A 449 -20.40 -22.87 -0.88
CA THR A 449 -21.82 -22.92 -0.62
C THR A 449 -22.14 -22.37 0.77
N HIS A 450 -21.24 -22.56 1.77
CA HIS A 450 -21.59 -22.04 3.09
C HIS A 450 -21.58 -20.50 3.14
N VAL A 451 -20.74 -19.86 2.29
CA VAL A 451 -20.72 -18.40 2.16
C VAL A 451 -21.84 -17.91 1.28
N TRP A 452 -21.94 -18.48 0.08
CA TRP A 452 -22.91 -18.05 -0.91
C TRP A 452 -24.36 -18.27 -0.44
N SER A 453 -24.59 -19.20 0.47
CA SER A 453 -25.93 -19.38 1.02
C SER A 453 -26.40 -18.08 1.68
N TYR A 454 -25.50 -17.23 2.18
CA TYR A 454 -25.93 -15.98 2.78
C TYR A 454 -26.41 -14.99 1.71
N ALA A 455 -25.81 -15.07 0.48
CA ALA A 455 -26.01 -14.07 -0.56
C ALA A 455 -27.39 -14.15 -1.21
N GLN A 456 -28.15 -13.04 -1.12
CA GLN A 456 -29.52 -12.98 -1.64
C GLN A 456 -29.66 -12.12 -2.88
N THR A 457 -28.77 -11.14 -3.11
CA THR A 457 -28.98 -10.14 -4.14
C THR A 457 -29.21 -10.77 -5.51
N ALA A 458 -28.38 -11.74 -5.90
CA ALA A 458 -28.47 -12.29 -7.23
C ALA A 458 -29.79 -13.07 -7.41
N ALA A 459 -30.29 -13.69 -6.32
CA ALA A 459 -31.51 -14.49 -6.38
C ALA A 459 -32.73 -13.64 -6.70
N TRP A 460 -32.70 -12.34 -6.35
CA TRP A 460 -33.78 -11.40 -6.68
C TRP A 460 -33.54 -10.49 -7.88
N LEU A 461 -32.31 -10.27 -8.30
CA LEU A 461 -32.02 -9.38 -9.43
C LEU A 461 -31.62 -10.14 -10.69
N PHE A 462 -30.94 -11.26 -10.54
CA PHE A 462 -30.39 -11.99 -11.69
C PHE A 462 -30.55 -13.47 -11.41
N PRO A 463 -31.82 -13.94 -11.27
CA PRO A 463 -32.07 -15.29 -10.78
C PRO A 463 -31.52 -16.38 -11.70
N GLY A 464 -31.43 -16.12 -13.00
CA GLY A 464 -30.85 -17.11 -13.93
C GLY A 464 -29.40 -17.46 -13.60
N LEU A 465 -28.65 -16.47 -13.11
CA LEU A 465 -27.30 -16.73 -12.66
C LEU A 465 -27.28 -17.73 -11.52
N GLU A 466 -28.11 -17.50 -10.50
CA GLU A 466 -28.18 -18.44 -9.40
C GLU A 466 -28.66 -19.84 -9.81
N ARG A 467 -29.63 -19.91 -10.73
CA ARG A 467 -30.06 -21.22 -11.20
C ARG A 467 -28.92 -21.99 -11.86
N SER A 468 -28.10 -21.30 -12.64
CA SER A 468 -27.01 -21.93 -13.37
C SER A 468 -26.01 -22.53 -12.38
N ALA A 469 -25.86 -21.89 -11.21
CA ALA A 469 -24.96 -22.35 -10.15
C ALA A 469 -25.56 -23.54 -9.39
N ARG A 470 -26.86 -23.53 -9.14
CA ARG A 470 -27.53 -24.66 -8.50
C ARG A 470 -27.37 -25.92 -9.35
N ARG A 471 -27.44 -25.77 -10.67
CA ARG A 471 -27.27 -26.91 -11.55
C ARG A 471 -25.88 -27.49 -11.37
N ALA A 472 -24.82 -26.66 -11.29
CA ALA A 472 -23.48 -27.17 -11.09
C ALA A 472 -23.38 -27.95 -9.78
N GLU A 473 -23.98 -27.44 -8.68
CA GLU A 473 -23.88 -28.11 -7.40
C GLU A 473 -24.59 -29.48 -7.42
N TYR A 474 -25.79 -29.53 -7.99
CA TYR A 474 -26.60 -30.75 -7.95
C TYR A 474 -26.14 -31.75 -9.00
N LEU A 475 -25.75 -31.28 -10.18
CA LEU A 475 -25.36 -32.20 -11.26
C LEU A 475 -23.91 -32.62 -11.15
N LEU A 476 -23.01 -31.77 -10.62
CA LEU A 476 -21.58 -32.07 -10.63
C LEU A 476 -21.00 -32.35 -9.24
N GLU A 477 -21.54 -31.78 -8.14
CA GLU A 477 -20.83 -31.82 -6.87
C GLU A 477 -21.56 -32.63 -5.81
N THR A 478 -22.58 -33.41 -6.24
CA THR A 478 -23.42 -34.17 -5.31
C THR A 478 -23.30 -35.67 -5.67
N ASP A 479 -22.79 -36.46 -4.73
CA ASP A 479 -22.59 -37.88 -5.00
C ASP A 479 -23.88 -38.66 -4.75
N GLU A 480 -23.84 -39.97 -5.01
CA GLU A 480 -25.04 -40.78 -5.03
C GLU A 480 -25.63 -40.93 -3.62
N SER A 481 -24.80 -40.72 -2.59
CA SER A 481 -25.24 -40.79 -1.21
C SER A 481 -25.91 -39.48 -0.75
N GLY A 482 -25.78 -38.40 -1.56
CA GLY A 482 -26.26 -37.07 -1.20
C GLY A 482 -25.22 -36.20 -0.47
N ALA A 483 -23.96 -36.64 -0.45
CA ALA A 483 -22.88 -35.80 0.00
C ALA A 483 -22.54 -34.78 -1.08
N GLN A 484 -22.61 -33.50 -0.70
CA GLN A 484 -22.38 -32.40 -1.61
C GLN A 484 -21.12 -31.66 -1.19
N LYS A 485 -20.28 -31.37 -2.18
CA LYS A 485 -19.13 -30.54 -1.91
C LYS A 485 -19.59 -29.10 -1.61
N PHE A 486 -18.81 -28.42 -0.77
CA PHE A 486 -19.06 -27.00 -0.53
C PHE A 486 -18.12 -26.05 -1.29
N ARG A 487 -17.13 -26.57 -2.01
CA ARG A 487 -16.40 -25.84 -3.03
C ARG A 487 -16.41 -26.67 -4.29
N GLY A 488 -16.82 -26.05 -5.40
CA GLY A 488 -17.05 -26.73 -6.66
C GLY A 488 -15.88 -26.54 -7.62
N ASN A 489 -15.20 -27.67 -7.93
CA ASN A 489 -14.13 -27.71 -8.90
C ASN A 489 -14.58 -28.25 -10.25
N ARG A 490 -15.68 -29.01 -10.29
CA ARG A 490 -16.04 -29.77 -11.47
C ARG A 490 -16.63 -28.87 -12.57
N ILE A 491 -17.00 -27.63 -12.25
CA ILE A 491 -17.43 -26.73 -13.30
C ILE A 491 -16.35 -26.63 -14.40
N PHE A 492 -15.08 -26.81 -14.06
CA PHE A 492 -13.99 -26.67 -15.04
C PHE A 492 -13.62 -28.01 -15.71
N GLY A 493 -14.33 -29.08 -15.35
CA GLY A 493 -14.07 -30.40 -15.93
C GLY A 493 -12.99 -31.15 -15.16
N ALA A 494 -12.50 -30.56 -14.06
CA ALA A 494 -11.58 -31.21 -13.16
C ALA A 494 -12.32 -32.12 -12.18
N PRO A 495 -11.59 -33.04 -11.51
CA PRO A 495 -12.15 -33.81 -10.41
C PRO A 495 -12.63 -32.93 -9.25
N ARG A 496 -13.51 -33.50 -8.42
CA ARG A 496 -13.98 -32.82 -7.24
C ARG A 496 -12.86 -32.65 -6.21
N TRP A 497 -13.06 -31.62 -5.39
CA TRP A 497 -12.30 -31.42 -4.18
C TRP A 497 -12.55 -32.58 -3.22
N PHE A 498 -11.48 -32.98 -2.52
CA PHE A 498 -11.56 -34.18 -1.71
C PHE A 498 -12.23 -33.94 -0.35
N ILE A 499 -12.30 -32.68 0.12
CA ILE A 499 -12.95 -32.37 1.39
C ILE A 499 -14.44 -32.67 1.25
N GLY A 500 -15.08 -33.04 2.37
CA GLY A 500 -16.46 -33.44 2.38
C GLY A 500 -17.41 -32.29 2.73
N PRO A 501 -18.68 -32.62 2.98
CA PRO A 501 -19.73 -31.60 3.15
C PRO A 501 -19.59 -30.77 4.42
N ALA A 502 -20.19 -29.58 4.33
CA ALA A 502 -20.50 -28.70 5.44
C ALA A 502 -22.01 -28.68 5.64
N VAL A 503 -22.45 -28.64 6.89
CA VAL A 503 -23.87 -28.79 7.17
C VAL A 503 -24.62 -27.54 6.68
N ASP A 504 -24.07 -26.36 6.97
CA ASP A 504 -24.66 -25.11 6.51
C ASP A 504 -24.63 -25.00 5.02
N GLY A 505 -23.50 -25.34 4.41
CA GLY A 505 -23.35 -25.29 2.97
C GLY A 505 -24.35 -26.18 2.24
N GLN A 506 -24.40 -27.45 2.65
CA GLN A 506 -25.23 -28.43 1.95
C GLN A 506 -26.72 -28.14 2.15
N LEU A 507 -27.14 -27.79 3.38
CA LEU A 507 -28.54 -27.53 3.62
C LEU A 507 -28.96 -26.11 3.19
N GLY A 508 -28.01 -25.17 3.22
CA GLY A 508 -28.27 -23.85 2.67
C GLY A 508 -28.44 -23.86 1.17
N THR A 509 -27.73 -24.76 0.47
CA THR A 509 -27.88 -24.90 -0.96
C THR A 509 -29.27 -25.46 -1.30
N PHE A 510 -29.77 -26.38 -0.46
CA PHE A 510 -31.13 -26.90 -0.60
C PHE A 510 -32.17 -25.78 -0.44
N LEU A 511 -32.01 -24.97 0.61
CA LEU A 511 -32.82 -23.78 0.82
C LEU A 511 -32.76 -22.87 -0.41
N ARG A 512 -31.57 -22.70 -1.02
CA ARG A 512 -31.47 -21.86 -2.20
C ARG A 512 -32.13 -22.47 -3.41
N LEU A 513 -32.14 -23.82 -3.51
CA LEU A 513 -32.87 -24.46 -4.58
C LEU A 513 -34.36 -24.11 -4.47
N HIS A 514 -34.90 -24.16 -3.24
CA HIS A 514 -36.26 -23.72 -2.98
C HIS A 514 -36.51 -22.26 -3.38
N ARG A 515 -35.55 -21.41 -2.96
CA ARG A 515 -35.64 -19.98 -3.26
C ARG A 515 -35.70 -19.76 -4.77
N GLU A 516 -34.78 -20.39 -5.50
CA GLU A 516 -34.69 -20.25 -6.94
C GLU A 516 -35.99 -20.75 -7.62
N TRP A 517 -36.44 -21.92 -7.20
CA TRP A 517 -37.66 -22.50 -7.78
C TRP A 517 -38.89 -21.63 -7.48
N ARG A 518 -39.00 -21.16 -6.24
CA ARG A 518 -40.09 -20.28 -5.86
C ARG A 518 -40.10 -18.97 -6.67
N PHE A 519 -38.93 -18.43 -6.97
CA PHE A 519 -38.83 -17.22 -7.74
C PHE A 519 -39.27 -17.43 -9.18
N CYS A 520 -38.85 -18.54 -9.82
CA CYS A 520 -39.04 -18.69 -11.25
C CYS A 520 -40.26 -19.54 -11.62
N GLY A 521 -40.66 -20.50 -10.79
CA GLY A 521 -41.84 -21.29 -11.12
C GLY A 521 -41.58 -22.32 -12.21
N ASP A 522 -40.29 -22.68 -12.41
CA ASP A 522 -39.90 -23.58 -13.48
C ASP A 522 -39.72 -24.99 -12.89
N ASP A 523 -40.77 -25.82 -12.99
CA ASP A 523 -40.74 -27.12 -12.37
C ASP A 523 -39.76 -28.05 -13.10
N GLU A 524 -39.45 -27.78 -14.36
CA GLU A 524 -38.48 -28.59 -15.09
C GLU A 524 -37.07 -28.32 -14.54
N PHE A 525 -36.80 -27.04 -14.23
CA PHE A 525 -35.55 -26.70 -13.54
C PHE A 525 -35.41 -27.52 -12.26
N LEU A 526 -36.51 -27.57 -11.47
CA LEU A 526 -36.46 -28.28 -10.21
C LEU A 526 -36.32 -29.79 -10.43
N ARG A 527 -37.12 -30.34 -11.36
CA ARG A 527 -37.12 -31.78 -11.61
C ARG A 527 -35.75 -32.31 -11.99
N GLU A 528 -34.98 -31.54 -12.78
CA GLU A 528 -33.67 -31.99 -13.22
C GLU A 528 -32.77 -32.25 -12.02
N LEU A 529 -32.89 -31.40 -10.98
CA LEU A 529 -31.96 -31.42 -9.86
C LEU A 529 -32.52 -32.19 -8.68
N TRP A 530 -33.79 -32.61 -8.77
CA TRP A 530 -34.50 -33.14 -7.61
C TRP A 530 -33.91 -34.44 -7.10
N PRO A 531 -33.56 -35.43 -7.94
CA PRO A 531 -33.01 -36.66 -7.37
C PRO A 531 -31.80 -36.39 -6.49
N ALA A 532 -30.87 -35.55 -6.99
CA ALA A 532 -29.71 -35.18 -6.19
C ALA A 532 -30.10 -34.37 -4.94
N ALA A 533 -30.96 -33.37 -5.11
CA ALA A 533 -31.28 -32.50 -3.99
C ALA A 533 -31.95 -33.26 -2.84
N ALA A 534 -32.95 -34.07 -3.18
CA ALA A 534 -33.59 -34.84 -2.14
C ALA A 534 -32.58 -35.70 -1.40
N ARG A 535 -31.60 -36.27 -2.12
CA ARG A 535 -30.58 -37.07 -1.46
C ARG A 535 -29.80 -36.23 -0.45
N THR A 536 -29.53 -34.94 -0.75
CA THR A 536 -28.75 -34.13 0.16
C THR A 536 -29.51 -33.78 1.43
N LEU A 537 -30.85 -33.76 1.38
CA LEU A 537 -31.63 -33.46 2.57
C LEU A 537 -31.72 -34.72 3.43
N ASP A 538 -31.98 -35.86 2.78
CA ASP A 538 -32.00 -37.14 3.47
C ASP A 538 -30.66 -37.45 4.13
N TYR A 539 -29.55 -37.09 3.45
CA TYR A 539 -28.21 -37.30 3.98
C TYR A 539 -28.08 -36.77 5.39
N ALA A 540 -28.62 -35.57 5.62
CA ALA A 540 -28.50 -34.95 6.94
C ALA A 540 -29.04 -35.82 8.07
N ALA A 541 -30.31 -36.25 7.98
CA ALA A 541 -30.89 -36.99 9.10
C ALA A 541 -30.17 -38.33 9.27
N ARG A 542 -29.73 -38.95 8.17
CA ARG A 542 -29.11 -40.26 8.22
C ARG A 542 -27.71 -40.18 8.79
N GLU A 543 -26.89 -39.20 8.37
CA GLU A 543 -25.45 -39.18 8.63
C GLU A 543 -25.04 -38.25 9.76
N TRP A 544 -25.87 -37.25 10.09
CA TRP A 544 -25.48 -36.24 11.07
C TRP A 544 -26.32 -36.30 12.34
N ASP A 545 -27.14 -37.34 12.51
CA ASP A 545 -27.80 -37.54 13.79
C ASP A 545 -27.36 -38.92 14.28
N HIS A 546 -26.61 -38.94 15.37
CA HIS A 546 -25.99 -40.20 15.82
C HIS A 546 -26.65 -40.78 17.06
N ASP A 547 -27.64 -40.09 17.64
CA ASP A 547 -28.23 -40.51 18.90
C ASP A 547 -29.73 -40.66 18.70
N GLY A 548 -30.16 -40.62 17.42
CA GLY A 548 -31.53 -40.87 16.99
C GLY A 548 -32.60 -39.92 17.53
N ASP A 549 -32.24 -38.70 17.92
CA ASP A 549 -33.23 -37.81 18.53
C ASP A 549 -33.85 -36.86 17.51
N GLY A 550 -33.39 -36.90 16.25
CA GLY A 550 -33.83 -35.95 15.25
C GLY A 550 -32.98 -34.67 15.14
N LEU A 551 -32.16 -34.42 16.14
CA LEU A 551 -31.27 -33.26 16.20
C LEU A 551 -29.94 -33.71 15.62
N LEU A 552 -29.39 -32.90 14.69
CA LEU A 552 -28.05 -33.14 14.18
C LEU A 552 -27.04 -32.86 15.31
N ASP A 553 -26.06 -33.73 15.44
CA ASP A 553 -25.21 -33.78 16.61
C ASP A 553 -23.82 -34.25 16.16
N GLY A 554 -22.84 -33.94 17.01
CA GLY A 554 -21.47 -34.33 16.74
C GLY A 554 -20.80 -33.43 15.70
N GLU A 555 -19.73 -33.93 15.12
CA GLU A 555 -18.76 -33.13 14.39
C GLU A 555 -19.34 -32.75 13.02
N MET A 556 -19.56 -31.44 12.82
CA MET A 556 -20.04 -30.93 11.55
C MET A 556 -19.28 -29.64 11.18
N HIS A 557 -18.79 -29.59 9.95
CA HIS A 557 -18.04 -28.44 9.44
C HIS A 557 -19.01 -27.31 9.06
N ASN A 558 -18.56 -26.08 9.20
CA ASN A 558 -19.41 -24.93 8.89
C ASN A 558 -18.55 -23.79 8.36
N THR A 559 -19.25 -22.67 8.11
CA THR A 559 -18.65 -21.46 7.55
C THR A 559 -17.57 -20.84 8.46
N TYR A 560 -17.45 -21.23 9.73
CA TYR A 560 -16.39 -20.72 10.60
C TYR A 560 -15.10 -21.51 10.42
N ASP A 561 -15.06 -22.45 9.45
CA ASP A 561 -13.85 -23.15 9.05
C ASP A 561 -13.38 -24.16 10.09
N ILE A 562 -14.30 -24.44 11.03
CA ILE A 562 -14.09 -25.38 12.11
C ILE A 562 -15.31 -26.30 12.16
N GLU A 563 -15.26 -27.27 13.08
CA GLU A 563 -16.39 -28.12 13.36
C GLU A 563 -16.95 -27.83 14.74
N PHE A 564 -18.27 -27.69 14.80
CA PHE A 564 -18.98 -27.74 16.06
C PHE A 564 -19.27 -29.20 16.43
N HIS A 565 -19.19 -29.43 17.73
CA HIS A 565 -19.53 -30.71 18.35
C HIS A 565 -20.83 -30.51 19.13
N GLY A 566 -21.19 -31.53 19.93
CA GLY A 566 -22.43 -31.48 20.66
C GLY A 566 -23.66 -31.33 19.75
N VAL A 567 -24.64 -30.57 20.27
CA VAL A 567 -25.88 -30.29 19.57
C VAL A 567 -26.11 -28.79 19.65
N GLU A 568 -26.33 -28.16 18.50
CA GLU A 568 -26.37 -26.72 18.51
C GLU A 568 -27.33 -26.19 17.44
N PRO A 569 -27.76 -24.91 17.59
CA PRO A 569 -28.77 -24.37 16.67
C PRO A 569 -28.42 -24.02 15.23
N LEU A 570 -27.16 -23.65 14.93
CA LEU A 570 -26.88 -23.30 13.55
C LEU A 570 -27.28 -24.42 12.58
N SER A 571 -26.79 -25.60 12.88
CA SER A 571 -27.05 -26.75 12.04
C SER A 571 -28.53 -27.14 12.11
N ASN A 572 -29.08 -27.10 13.31
CA ASN A 572 -30.41 -27.68 13.50
C ASN A 572 -31.51 -26.79 12.97
N ILE A 573 -31.37 -25.47 13.18
CA ILE A 573 -32.36 -24.54 12.66
C ILE A 573 -32.27 -24.42 11.15
N ILE A 574 -31.08 -24.55 10.53
CA ILE A 574 -30.98 -24.66 9.10
C ILE A 574 -31.68 -25.94 8.62
N HIS A 575 -31.47 -27.03 9.35
CA HIS A 575 -32.10 -28.29 8.96
C HIS A 575 -33.63 -28.19 8.99
N LEU A 576 -34.16 -27.59 10.05
CA LEU A 576 -35.60 -27.36 10.18
C LEU A 576 -36.11 -26.59 8.97
N ALA A 577 -35.42 -25.48 8.61
CA ALA A 577 -35.83 -24.69 7.46
C ALA A 577 -35.81 -25.49 6.17
N ALA A 578 -34.72 -26.26 5.97
CA ALA A 578 -34.54 -27.07 4.78
C ALA A 578 -35.70 -28.08 4.68
N LEU A 579 -36.04 -28.73 5.79
CA LEU A 579 -37.15 -29.69 5.79
C LEU A 579 -38.45 -29.03 5.33
N ARG A 580 -38.78 -27.86 5.90
CA ARG A 580 -39.98 -27.15 5.50
C ARG A 580 -40.00 -26.83 4.00
N ALA A 581 -38.88 -26.29 3.49
CA ALA A 581 -38.75 -26.04 2.05
C ALA A 581 -38.93 -27.33 1.25
N GLY A 582 -38.35 -28.40 1.75
CA GLY A 582 -38.41 -29.69 1.08
C GLY A 582 -39.83 -30.23 0.94
N VAL A 583 -40.64 -30.05 1.99
CA VAL A 583 -42.06 -30.40 1.97
C VAL A 583 -42.75 -29.63 0.85
N ARG A 584 -42.45 -28.33 0.66
CA ARG A 584 -43.12 -27.57 -0.39
C ARG A 584 -42.77 -28.12 -1.77
N MET A 585 -41.48 -28.36 -1.98
CA MET A 585 -41.01 -28.84 -3.28
C MET A 585 -41.51 -30.26 -3.57
N ALA A 586 -41.31 -31.15 -2.60
CA ALA A 586 -41.73 -32.55 -2.74
C ALA A 586 -43.22 -32.60 -3.05
N GLY A 587 -44.02 -31.92 -2.23
CA GLY A 587 -45.46 -31.91 -2.40
C GLY A 587 -45.89 -31.43 -3.77
N HIS A 588 -45.27 -30.36 -4.27
CA HIS A 588 -45.66 -29.82 -5.56
C HIS A 588 -45.33 -30.80 -6.67
N LEU A 589 -44.18 -31.47 -6.58
CA LEU A 589 -43.74 -32.40 -7.60
C LEU A 589 -44.52 -33.72 -7.60
N GLY A 590 -45.31 -33.98 -6.54
CA GLY A 590 -45.98 -35.27 -6.41
C GLY A 590 -45.20 -36.32 -5.62
N ASP A 591 -44.07 -35.93 -4.99
CA ASP A 591 -43.22 -36.81 -4.20
C ASP A 591 -43.81 -36.84 -2.80
N THR A 592 -45.03 -37.38 -2.76
CA THR A 592 -45.95 -37.24 -1.64
C THR A 592 -45.39 -37.92 -0.41
N ALA A 593 -44.76 -39.09 -0.60
CA ALA A 593 -44.19 -39.85 0.49
C ALA A 593 -43.10 -39.04 1.19
N ARG A 594 -42.18 -38.48 0.38
CA ARG A 594 -41.12 -37.64 0.91
C ARG A 594 -41.68 -36.39 1.58
N ALA A 595 -42.70 -35.77 0.99
CA ALA A 595 -43.33 -34.61 1.58
C ALA A 595 -43.85 -34.90 2.99
N GLN A 596 -44.55 -36.03 3.18
CA GLN A 596 -45.14 -36.35 4.49
C GLN A 596 -44.06 -36.72 5.50
N GLU A 597 -43.06 -37.48 5.06
CA GLU A 597 -41.94 -37.88 5.89
C GLU A 597 -41.21 -36.65 6.40
N TRP A 598 -40.97 -35.69 5.51
CA TRP A 598 -40.18 -34.52 5.86
C TRP A 598 -40.96 -33.57 6.74
N ALA A 599 -42.30 -33.50 6.56
CA ALA A 599 -43.13 -32.66 7.37
C ALA A 599 -43.13 -33.19 8.80
N LEU A 600 -43.24 -34.53 8.93
CA LEU A 600 -43.27 -35.12 10.25
C LEU A 600 -41.90 -35.00 10.93
N ARG A 601 -40.82 -35.20 10.14
CA ARG A 601 -39.47 -34.99 10.66
C ARG A 601 -39.29 -33.55 11.16
N ALA A 602 -39.80 -32.60 10.37
CA ALA A 602 -39.67 -31.19 10.73
C ALA A 602 -40.40 -30.92 12.04
N ASP A 603 -41.62 -31.48 12.20
CA ASP A 603 -42.35 -31.27 13.44
C ASP A 603 -41.56 -31.79 14.65
N HIS A 604 -40.92 -32.94 14.50
CA HIS A 604 -40.09 -33.50 15.55
C HIS A 604 -38.86 -32.63 15.83
N VAL A 605 -38.18 -32.19 14.75
CA VAL A 605 -37.01 -31.33 14.90
C VAL A 605 -37.40 -30.07 15.68
N ALA A 606 -38.50 -29.42 15.29
CA ALA A 606 -38.93 -28.19 15.93
C ALA A 606 -39.14 -28.43 17.44
N ALA A 607 -39.82 -29.54 17.81
CA ALA A 607 -40.08 -29.83 19.21
C ALA A 607 -38.77 -30.10 19.96
N ALA A 608 -37.85 -30.81 19.28
CA ALA A 608 -36.59 -31.14 19.92
C ALA A 608 -35.69 -29.91 20.11
N ILE A 609 -35.71 -28.98 19.14
CA ILE A 609 -34.98 -27.74 19.30
C ILE A 609 -35.49 -27.01 20.53
N GLU A 610 -36.82 -26.93 20.68
CA GLU A 610 -37.46 -26.25 21.80
C GLU A 610 -37.12 -26.94 23.13
N GLY A 611 -37.06 -28.27 23.09
CA GLY A 611 -36.83 -29.07 24.27
C GLY A 611 -35.39 -29.08 24.76
N VAL A 612 -34.43 -28.93 23.83
CA VAL A 612 -33.03 -29.17 24.11
C VAL A 612 -32.19 -27.89 23.95
N LEU A 613 -32.36 -27.15 22.84
CA LEU A 613 -31.41 -26.06 22.53
C LEU A 613 -31.86 -24.74 23.14
N TRP A 614 -33.17 -24.55 23.23
CA TRP A 614 -33.75 -23.41 23.90
C TRP A 614 -33.39 -23.42 25.38
N ASN A 615 -32.97 -22.25 25.92
CA ASN A 615 -32.65 -22.10 27.33
C ASN A 615 -33.60 -21.18 28.09
N GLY A 616 -34.70 -20.75 27.46
CA GLY A 616 -35.63 -19.82 28.06
C GLY A 616 -35.42 -18.38 27.59
N GLU A 617 -34.37 -18.14 26.78
CA GLU A 617 -34.07 -16.81 26.27
C GLU A 617 -33.52 -16.86 24.84
N TYR A 618 -32.63 -17.81 24.58
CA TYR A 618 -32.07 -18.02 23.26
C TYR A 618 -31.77 -19.49 23.05
N TYR A 619 -31.23 -19.80 21.87
CA TYR A 619 -30.84 -21.16 21.52
C TYR A 619 -29.32 -21.26 21.61
N ARG A 620 -28.80 -22.38 22.12
CA ARG A 620 -27.36 -22.47 22.36
C ARG A 620 -26.88 -23.90 22.18
N GLN A 621 -25.56 -24.04 22.31
CA GLN A 621 -24.90 -25.32 22.13
C GLN A 621 -24.91 -26.14 23.43
N VAL A 622 -25.45 -27.34 23.31
CA VAL A 622 -25.46 -28.32 24.39
C VAL A 622 -24.31 -29.29 24.17
N ILE A 623 -23.40 -29.30 25.16
CA ILE A 623 -22.17 -30.06 25.09
C ILE A 623 -21.72 -30.34 26.52
N ASP A 624 -21.17 -31.54 26.73
CA ASP A 624 -20.74 -32.02 28.04
C ASP A 624 -19.73 -31.03 28.59
N ASP A 625 -18.73 -30.71 27.79
CA ASP A 625 -17.65 -29.86 28.26
C ASP A 625 -17.24 -28.92 27.12
N VAL A 626 -17.45 -27.63 27.32
CA VAL A 626 -17.25 -26.69 26.22
C VAL A 626 -15.77 -26.59 25.85
N ASP A 627 -14.85 -27.05 26.73
CA ASP A 627 -13.43 -27.02 26.43
C ASP A 627 -12.87 -28.37 26.01
N ALA A 628 -13.70 -29.40 25.88
CA ALA A 628 -13.19 -30.73 25.51
C ALA A 628 -12.61 -30.70 24.10
N HIS A 629 -13.31 -29.98 23.20
CA HIS A 629 -12.91 -29.75 21.84
C HIS A 629 -12.60 -28.26 21.76
N ARG A 630 -11.54 -27.88 21.03
CA ARG A 630 -11.34 -26.49 20.68
C ARG A 630 -12.50 -26.02 19.82
N TYR A 631 -12.71 -24.68 19.87
CA TYR A 631 -13.47 -23.96 18.85
C TYR A 631 -14.98 -24.15 18.98
N GLN A 632 -15.48 -24.28 20.21
CA GLN A 632 -16.90 -24.42 20.50
C GLN A 632 -17.47 -23.11 21.08
N TYR A 633 -18.73 -23.12 21.58
CA TYR A 633 -19.26 -21.90 22.20
C TYR A 633 -20.22 -22.14 23.38
N GLY A 634 -20.86 -23.32 23.45
CA GLY A 634 -21.67 -23.69 24.61
C GLY A 634 -22.81 -22.69 24.86
N ASP A 635 -22.76 -22.07 26.03
CA ASP A 635 -23.80 -21.16 26.50
C ASP A 635 -23.59 -19.75 25.96
N GLY A 636 -22.61 -19.54 25.08
CA GLY A 636 -22.56 -18.26 24.42
C GLY A 636 -23.76 -18.04 23.52
N VAL A 637 -23.92 -16.78 23.15
CA VAL A 637 -24.94 -16.35 22.20
C VAL A 637 -24.30 -16.31 20.82
N LEU A 638 -24.72 -17.19 19.91
CA LEU A 638 -24.23 -17.24 18.56
C LEU A 638 -25.14 -16.36 17.71
N SER A 639 -24.59 -15.36 17.01
CA SER A 639 -25.40 -14.49 16.20
C SER A 639 -26.13 -15.23 15.08
N ASP A 640 -25.48 -16.28 14.51
CA ASP A 640 -26.05 -17.11 13.46
C ASP A 640 -26.96 -18.23 13.97
N GLN A 641 -27.37 -18.22 15.25
CA GLN A 641 -28.18 -19.35 15.73
C GLN A 641 -29.46 -19.51 14.93
N LEU A 642 -30.05 -18.40 14.48
CA LEU A 642 -31.28 -18.41 13.70
C LEU A 642 -31.07 -18.16 12.22
N LEU A 643 -29.91 -18.57 11.67
CA LEU A 643 -29.68 -18.39 10.24
C LEU A 643 -30.76 -19.12 9.45
N GLY A 644 -31.15 -20.32 9.89
CA GLY A 644 -32.21 -21.06 9.24
C GLY A 644 -33.50 -20.24 9.09
N GLN A 645 -33.78 -19.44 10.09
CA GLN A 645 -35.00 -18.64 10.16
C GLN A 645 -34.92 -17.44 9.20
N PHE A 646 -33.71 -16.89 8.99
CA PHE A 646 -33.50 -15.93 7.91
C PHE A 646 -33.95 -16.50 6.57
N HIS A 647 -33.47 -17.69 6.22
CA HIS A 647 -33.83 -18.31 4.97
C HIS A 647 -35.34 -18.57 4.94
N ALA A 648 -35.87 -19.06 6.07
CA ALA A 648 -37.29 -19.39 6.09
C ALA A 648 -38.15 -18.14 5.84
N PHE A 649 -37.83 -17.03 6.53
CA PHE A 649 -38.59 -15.82 6.29
C PHE A 649 -38.55 -15.42 4.83
N LEU A 650 -37.34 -15.36 4.25
CA LEU A 650 -37.16 -15.01 2.87
C LEU A 650 -37.86 -15.95 1.90
N GLY A 651 -38.02 -17.22 2.30
CA GLY A 651 -38.60 -18.26 1.47
C GLY A 651 -40.11 -18.37 1.61
N GLY A 652 -40.72 -17.50 2.42
CA GLY A 652 -42.18 -17.52 2.55
C GLY A 652 -42.65 -18.59 3.52
N LEU A 653 -41.75 -19.13 4.34
CA LEU A 653 -42.02 -20.26 5.21
C LEU A 653 -42.47 -19.80 6.60
N GLY A 654 -42.37 -18.49 6.88
CA GLY A 654 -42.76 -17.93 8.15
C GLY A 654 -41.87 -18.36 9.31
N TYR A 655 -42.43 -18.27 10.53
CA TYR A 655 -41.71 -18.67 11.72
C TYR A 655 -41.59 -20.18 11.73
N LEU A 656 -40.39 -20.64 12.09
CA LEU A 656 -40.08 -22.06 12.18
C LEU A 656 -40.35 -22.60 13.59
N LEU A 657 -40.33 -21.71 14.57
CA LEU A 657 -40.34 -22.00 16.00
C LEU A 657 -41.32 -21.03 16.61
N PRO A 658 -41.74 -21.19 17.88
CA PRO A 658 -42.66 -20.24 18.49
C PRO A 658 -42.21 -18.80 18.34
N GLU A 659 -43.12 -17.93 17.86
CA GLU A 659 -42.79 -16.55 17.59
C GLU A 659 -42.13 -15.88 18.77
N ALA A 660 -42.66 -16.04 19.99
CA ALA A 660 -42.10 -15.35 21.13
C ALA A 660 -40.66 -15.83 21.39
N HIS A 661 -40.36 -17.09 21.10
CA HIS A 661 -39.03 -17.60 21.34
C HIS A 661 -38.06 -17.09 20.27
N VAL A 662 -38.52 -17.04 19.03
CA VAL A 662 -37.70 -16.52 17.94
C VAL A 662 -37.40 -15.04 18.23
N ARG A 663 -38.40 -14.26 18.65
CA ARG A 663 -38.17 -12.85 18.95
C ARG A 663 -37.28 -12.69 20.18
N SER A 664 -37.46 -13.55 21.19
CA SER A 664 -36.59 -13.53 22.37
C SER A 664 -35.11 -13.75 21.98
N ALA A 665 -34.88 -14.73 21.09
CA ALA A 665 -33.53 -15.12 20.69
C ALA A 665 -32.90 -14.00 19.86
N LEU A 666 -33.66 -13.42 18.94
CA LEU A 666 -33.16 -12.26 18.19
C LEU A 666 -32.87 -11.10 19.12
N ASP A 667 -33.75 -10.85 20.12
CA ASP A 667 -33.51 -9.78 21.06
C ASP A 667 -32.24 -10.06 21.85
N ALA A 668 -31.95 -11.31 22.16
CA ALA A 668 -30.76 -11.69 22.91
C ALA A 668 -29.50 -11.45 22.07
N ILE A 669 -29.57 -11.83 20.79
CA ILE A 669 -28.46 -11.57 19.87
C ILE A 669 -28.11 -10.07 19.91
N VAL A 670 -29.11 -9.20 19.73
CA VAL A 670 -28.85 -7.77 19.75
C VAL A 670 -28.33 -7.31 21.10
N GLN A 671 -29.04 -7.68 22.18
CA GLN A 671 -28.73 -7.16 23.49
C GLN A 671 -27.31 -7.56 23.89
N HIS A 672 -26.93 -8.82 23.62
CA HIS A 672 -25.67 -9.31 24.14
C HIS A 672 -24.51 -9.13 23.15
N ASN A 673 -24.78 -9.24 21.85
CA ASN A 673 -23.70 -9.31 20.86
C ASN A 673 -23.46 -7.99 20.15
N HIS A 674 -24.39 -7.04 20.20
CA HIS A 674 -24.17 -5.78 19.51
C HIS A 674 -23.31 -4.87 20.39
N ARG A 675 -22.26 -4.32 19.80
CA ARG A 675 -21.39 -3.36 20.45
C ARG A 675 -21.57 -2.01 19.76
N GLY A 676 -21.88 -0.98 20.52
CA GLY A 676 -21.88 0.34 19.92
C GLY A 676 -20.48 0.93 19.71
N ASP A 677 -19.55 0.42 20.54
CA ASP A 677 -18.17 0.91 20.52
C ASP A 677 -17.25 -0.25 20.86
N LEU A 678 -16.04 -0.26 20.28
CA LEU A 678 -15.13 -1.39 20.42
C LEU A 678 -13.82 -1.02 21.14
N ARG A 679 -13.78 0.13 21.83
CA ARG A 679 -12.58 0.48 22.58
C ARG A 679 -12.25 -0.61 23.59
N ASP A 680 -13.27 -1.13 24.29
CA ASP A 680 -13.08 -2.08 25.37
C ASP A 680 -13.12 -3.53 24.89
N HIS A 681 -13.23 -3.79 23.59
CA HIS A 681 -13.29 -5.17 23.10
C HIS A 681 -11.90 -5.76 23.06
N GLU A 682 -11.82 -7.04 23.45
CA GLU A 682 -10.58 -7.80 23.39
C GLU A 682 -10.76 -8.92 22.37
N SER A 683 -9.94 -8.90 21.33
CA SER A 683 -9.96 -9.94 20.34
C SER A 683 -8.54 -10.21 19.86
N THR A 684 -8.19 -11.51 19.76
CA THR A 684 -6.97 -11.89 19.06
C THR A 684 -7.27 -12.33 17.63
N GLN A 685 -8.39 -11.87 17.05
CA GLN A 685 -8.85 -12.37 15.78
C GLN A 685 -8.67 -11.29 14.70
N ARG A 686 -9.29 -11.48 13.55
CA ARG A 686 -9.14 -10.55 12.45
C ARG A 686 -10.05 -9.36 12.67
N VAL A 687 -9.69 -8.21 12.10
CA VAL A 687 -10.39 -6.96 12.44
C VAL A 687 -11.08 -6.34 11.22
N TYR A 688 -12.42 -6.27 11.34
CA TYR A 688 -13.32 -5.68 10.37
C TYR A 688 -14.17 -4.58 11.01
N ALA A 689 -13.81 -4.23 12.21
CA ALA A 689 -14.48 -3.27 13.07
C ALA A 689 -13.59 -3.08 14.28
N LEU A 690 -13.38 -1.83 14.69
CA LEU A 690 -12.46 -1.55 15.80
C LEU A 690 -12.64 -0.15 16.36
N ASN A 691 -11.98 0.10 17.48
CA ASN A 691 -11.84 1.43 18.05
C ASN A 691 -13.25 1.99 18.33
N ASP A 692 -13.54 3.17 17.77
CA ASP A 692 -14.80 3.85 18.04
C ASP A 692 -15.91 3.42 17.07
N GLU A 693 -15.73 2.32 16.36
CA GLU A 693 -16.80 1.72 15.59
C GLU A 693 -17.63 0.79 16.47
N GLY A 694 -18.79 0.39 15.95
CA GLY A 694 -19.58 -0.67 16.56
C GLY A 694 -19.76 -1.83 15.59
N GLY A 695 -20.46 -2.85 16.06
CA GLY A 695 -20.76 -3.98 15.22
C GLY A 695 -21.43 -5.09 16.01
N LEU A 696 -21.95 -6.07 15.25
CA LEU A 696 -22.50 -7.28 15.86
C LEU A 696 -21.41 -8.33 15.87
N LEU A 697 -21.00 -8.73 17.09
CA LEU A 697 -20.02 -9.81 17.24
C LEU A 697 -20.60 -11.14 16.79
N LEU A 698 -19.75 -12.06 16.29
CA LEU A 698 -20.23 -13.39 15.93
C LEU A 698 -20.78 -14.14 17.14
N ALA A 699 -20.16 -13.97 18.31
CA ALA A 699 -20.67 -14.55 19.55
C ALA A 699 -20.22 -13.75 20.75
N SER A 700 -20.97 -13.86 21.85
CA SER A 700 -20.45 -13.41 23.13
C SER A 700 -20.99 -14.32 24.23
N TRP A 701 -20.47 -14.11 25.46
CA TRP A 701 -20.72 -14.97 26.60
C TRP A 701 -21.25 -14.14 27.76
N PRO A 702 -22.48 -13.62 27.64
CA PRO A 702 -23.02 -12.73 28.67
C PRO A 702 -23.27 -13.41 30.01
N GLU A 703 -23.43 -14.74 30.00
CA GLU A 703 -23.67 -15.49 31.22
C GLU A 703 -22.47 -16.41 31.54
N GLY A 704 -21.30 -16.03 31.03
CA GLY A 704 -20.10 -16.82 31.23
C GLY A 704 -20.03 -18.03 30.30
N GLY A 705 -19.15 -18.97 30.68
CA GLY A 705 -18.97 -20.19 29.92
C GLY A 705 -18.15 -20.00 28.66
N ARG A 706 -17.40 -18.91 28.54
CA ARG A 706 -16.54 -18.77 27.39
C ARG A 706 -15.46 -19.86 27.43
N PRO A 707 -15.24 -20.56 26.31
CA PRO A 707 -14.15 -21.54 26.21
C PRO A 707 -12.80 -20.81 26.24
N ALA A 708 -11.72 -21.52 26.61
CA ALA A 708 -10.39 -20.95 26.51
C ALA A 708 -10.05 -20.58 25.05
N LEU A 709 -10.47 -21.45 24.13
CA LEU A 709 -10.27 -21.30 22.70
C LEU A 709 -11.61 -21.46 21.99
N PRO A 710 -12.39 -20.37 21.92
CA PRO A 710 -13.66 -20.42 21.19
C PRO A 710 -13.42 -20.51 19.70
N PHE A 711 -14.51 -20.70 18.96
CA PHE A 711 -14.32 -20.74 17.52
C PHE A 711 -13.63 -19.45 17.08
N VAL A 712 -12.91 -19.60 15.97
CA VAL A 712 -11.75 -18.79 15.66
C VAL A 712 -12.12 -17.37 15.20
N TYR A 713 -13.41 -17.15 14.96
CA TYR A 713 -13.94 -15.90 14.45
C TYR A 713 -14.96 -15.27 15.41
N ALA A 714 -15.15 -15.84 16.60
CA ALA A 714 -16.23 -15.50 17.52
C ALA A 714 -16.21 -14.01 17.88
N ASP A 715 -15.00 -13.43 18.03
CA ASP A 715 -14.84 -12.08 18.47
C ASP A 715 -14.82 -11.06 17.32
N GLU A 716 -15.00 -11.54 16.10
CA GLU A 716 -15.00 -10.73 14.89
C GLU A 716 -16.39 -10.18 14.60
N VAL A 717 -16.44 -9.32 13.58
CA VAL A 717 -17.67 -8.73 13.06
C VAL A 717 -17.70 -8.98 11.57
N TRP A 718 -18.76 -9.64 11.07
CA TRP A 718 -18.95 -9.93 9.67
C TRP A 718 -20.19 -9.21 9.17
N THR A 719 -20.07 -8.40 8.14
CA THR A 719 -21.26 -7.69 7.64
C THR A 719 -22.34 -8.66 7.19
N GLY A 720 -21.97 -9.85 6.66
CA GLY A 720 -23.02 -10.72 6.17
C GLY A 720 -23.92 -11.20 7.30
N ILE A 721 -23.32 -11.47 8.45
CA ILE A 721 -24.05 -11.90 9.63
C ILE A 721 -24.86 -10.75 10.20
N GLU A 722 -24.30 -9.55 10.30
CA GLU A 722 -25.06 -8.36 10.63
C GLU A 722 -26.28 -8.20 9.73
N HIS A 723 -26.10 -8.39 8.43
CA HIS A 723 -27.23 -8.22 7.52
C HIS A 723 -28.29 -9.28 7.79
N GLN A 724 -27.88 -10.54 7.99
CA GLN A 724 -28.88 -11.59 8.05
C GLN A 724 -29.69 -11.38 9.31
N VAL A 725 -29.03 -11.05 10.41
CA VAL A 725 -29.73 -10.80 11.66
C VAL A 725 -30.68 -9.60 11.52
N ALA A 726 -30.20 -8.51 10.90
CA ALA A 726 -31.04 -7.35 10.66
C ALA A 726 -32.28 -7.75 9.87
N VAL A 727 -32.09 -8.56 8.84
CA VAL A 727 -33.22 -9.02 8.02
C VAL A 727 -34.24 -9.76 8.91
N SER A 728 -33.78 -10.75 9.68
CA SER A 728 -34.67 -11.49 10.57
C SER A 728 -35.37 -10.54 11.52
N LEU A 729 -34.67 -9.55 12.06
CA LEU A 729 -35.27 -8.59 12.97
C LEU A 729 -36.40 -7.83 12.28
N LEU A 730 -36.21 -7.40 11.02
CA LEU A 730 -37.27 -6.74 10.24
C LEU A 730 -38.49 -7.66 10.13
N PHE A 731 -38.28 -8.92 9.77
CA PHE A 731 -39.42 -9.84 9.66
C PHE A 731 -40.11 -10.05 11.01
N ALA A 732 -39.34 -10.04 12.10
CA ALA A 732 -39.91 -10.21 13.42
C ALA A 732 -40.52 -8.94 14.00
N GLY A 733 -40.48 -7.81 13.29
CA GLY A 733 -41.06 -6.57 13.78
C GLY A 733 -40.15 -5.67 14.60
N ARG A 734 -38.86 -6.07 14.76
CA ARG A 734 -37.90 -5.36 15.59
C ARG A 734 -37.17 -4.33 14.72
N TYR A 735 -37.93 -3.33 14.28
CA TYR A 735 -37.40 -2.39 13.31
C TYR A 735 -36.21 -1.60 13.89
N ASP A 736 -36.35 -1.02 15.09
CA ASP A 736 -35.32 -0.15 15.66
C ASP A 736 -33.98 -0.90 15.73
N ASP A 737 -34.03 -2.16 16.10
CA ASP A 737 -32.81 -2.93 16.27
C ASP A 737 -32.20 -3.29 14.92
N ALA A 738 -33.01 -3.62 13.91
CA ALA A 738 -32.50 -3.83 12.57
C ALA A 738 -31.77 -2.56 12.11
N LEU A 739 -32.40 -1.39 12.32
CA LEU A 739 -31.85 -0.14 11.84
C LEU A 739 -30.57 0.18 12.61
N ARG A 740 -30.54 -0.09 13.90
CA ARG A 740 -29.33 0.10 14.72
C ARG A 740 -28.16 -0.73 14.15
N ILE A 741 -28.41 -1.98 13.84
CA ILE A 741 -27.36 -2.84 13.27
C ILE A 741 -26.86 -2.28 11.95
N GLU A 742 -27.78 -1.87 11.08
CA GLU A 742 -27.37 -1.42 9.76
C GLU A 742 -26.70 -0.05 9.84
N ARG A 743 -27.21 0.85 10.68
CA ARG A 743 -26.57 2.15 10.78
C ARG A 743 -25.14 2.02 11.28
N THR A 744 -24.95 1.10 12.22
CA THR A 744 -23.65 0.91 12.83
C THR A 744 -22.69 0.34 11.78
N LEU A 745 -23.12 -0.70 11.07
CA LEU A 745 -22.33 -1.37 10.05
C LEU A 745 -21.98 -0.43 8.92
N ARG A 746 -22.98 0.28 8.37
CA ARG A 746 -22.72 1.14 7.23
C ARG A 746 -21.85 2.33 7.62
N ALA A 747 -21.89 2.74 8.88
CA ALA A 747 -20.99 3.77 9.37
C ALA A 747 -19.52 3.34 9.20
N ARG A 748 -19.26 2.03 9.35
CA ARG A 748 -17.90 1.53 9.17
C ARG A 748 -17.49 1.67 7.72
N TYR A 749 -18.48 1.82 6.81
CA TYR A 749 -18.26 1.89 5.38
C TYR A 749 -18.79 3.22 4.83
N ASP A 750 -18.55 4.30 5.55
CA ASP A 750 -19.10 5.58 5.14
C ASP A 750 -18.08 6.43 4.40
N GLY A 751 -16.92 5.90 4.09
CA GLY A 751 -15.86 6.59 3.42
C GLY A 751 -14.73 7.03 4.35
N ALA A 752 -15.00 7.26 5.63
CA ALA A 752 -13.98 7.75 6.53
C ALA A 752 -12.79 6.79 6.64
N HIS A 753 -13.08 5.49 6.65
CA HIS A 753 -12.04 4.47 6.86
C HIS A 753 -12.14 3.32 5.85
N ARG A 754 -13.33 3.16 5.23
CA ARG A 754 -13.60 2.08 4.28
C ARG A 754 -14.64 2.62 3.29
N SER A 755 -14.71 1.95 2.13
CA SER A 755 -15.54 2.40 1.03
C SER A 755 -16.98 1.88 1.15
N PRO A 756 -17.97 2.74 0.87
CA PRO A 756 -19.36 2.25 0.87
C PRO A 756 -19.61 1.07 -0.05
N TRP A 757 -18.86 0.98 -1.16
CA TRP A 757 -19.10 0.02 -2.23
C TRP A 757 -18.23 -1.23 -2.08
N ASN A 758 -17.60 -1.39 -0.91
CA ASN A 758 -16.79 -2.58 -0.69
C ASN A 758 -16.83 -3.02 0.76
N GLU A 759 -17.84 -3.83 1.10
CA GLU A 759 -17.82 -4.50 2.40
C GLU A 759 -16.93 -5.73 2.32
N ILE A 760 -16.09 -5.89 3.35
CA ILE A 760 -14.95 -6.79 3.39
C ILE A 760 -15.14 -7.88 4.44
N GLU A 761 -14.63 -9.07 4.12
CA GLU A 761 -14.38 -10.12 5.09
C GLU A 761 -13.08 -10.83 4.68
N CYS A 762 -13.16 -12.08 4.21
CA CYS A 762 -11.99 -12.71 3.63
C CYS A 762 -11.89 -12.30 2.16
N GLY A 763 -11.50 -11.03 1.99
CA GLY A 763 -11.52 -10.41 0.69
C GLY A 763 -12.44 -9.21 0.59
N ASN A 764 -12.11 -8.36 -0.38
CA ASN A 764 -12.95 -7.28 -0.86
C ASN A 764 -14.20 -7.87 -1.50
N HIS A 765 -15.24 -7.04 -1.58
CA HIS A 765 -16.42 -7.39 -2.37
C HIS A 765 -16.90 -8.80 -1.97
N TYR A 766 -17.10 -8.96 -0.67
CA TYR A 766 -17.28 -10.27 -0.08
C TYR A 766 -18.71 -10.76 -0.28
N ALA A 767 -18.84 -12.00 -0.74
CA ALA A 767 -20.14 -12.52 -1.14
C ALA A 767 -21.17 -12.47 -0.01
N ARG A 768 -20.73 -12.72 1.21
CA ARG A 768 -21.62 -12.73 2.37
C ARG A 768 -22.38 -11.41 2.47
N SER A 769 -21.77 -10.32 2.02
CA SER A 769 -22.39 -8.99 2.09
C SER A 769 -23.67 -8.91 1.27
N LEU A 770 -23.88 -9.86 0.35
CA LEU A 770 -25.08 -9.90 -0.47
C LEU A 770 -26.29 -10.41 0.34
N ALA A 771 -26.10 -10.74 1.61
CA ALA A 771 -27.24 -10.95 2.52
C ALA A 771 -28.12 -9.68 2.54
N SER A 772 -27.47 -8.53 2.36
CA SER A 772 -28.11 -7.22 2.43
C SER A 772 -29.41 -7.08 1.60
N TRP A 773 -29.52 -7.80 0.51
CA TRP A 773 -30.73 -7.70 -0.33
C TRP A 773 -31.96 -8.03 0.51
N GLY A 774 -31.81 -8.96 1.46
CA GLY A 774 -32.89 -9.35 2.34
C GLY A 774 -33.51 -8.19 3.09
N LEU A 775 -32.76 -7.08 3.29
CA LEU A 775 -33.31 -5.90 3.95
C LEU A 775 -34.53 -5.36 3.17
N LEU A 776 -34.45 -5.35 1.87
CA LEU A 776 -35.54 -4.88 1.03
C LEU A 776 -36.74 -5.81 1.20
N ILE A 777 -36.47 -7.11 1.16
CA ILE A 777 -37.52 -8.12 1.25
C ILE A 777 -38.16 -8.02 2.63
N GLY A 778 -37.36 -7.94 3.70
CA GLY A 778 -37.92 -7.88 5.02
C GLY A 778 -38.65 -6.56 5.28
N ALA A 779 -38.09 -5.44 4.83
CA ALA A 779 -38.74 -4.16 5.08
C ALA A 779 -40.10 -4.07 4.39
N SER A 780 -40.19 -4.63 3.18
CA SER A 780 -41.38 -4.58 2.36
C SER A 780 -42.29 -5.77 2.66
N GLY A 781 -41.78 -6.82 3.32
CA GLY A 781 -42.52 -8.07 3.46
C GLY A 781 -42.87 -8.72 2.12
N ALA A 782 -42.04 -8.50 1.08
CA ALA A 782 -42.28 -9.04 -0.23
C ALA A 782 -42.27 -10.55 -0.22
N GLN A 783 -43.33 -11.14 -0.78
CA GLN A 783 -43.41 -12.58 -0.96
C GLN A 783 -43.95 -12.84 -2.35
N TRP A 784 -43.08 -13.30 -3.25
CA TRP A 784 -43.39 -13.67 -4.61
C TRP A 784 -43.33 -15.19 -4.74
N ASP A 785 -44.46 -15.78 -5.17
CA ASP A 785 -44.54 -17.21 -5.39
C ASP A 785 -44.92 -17.42 -6.85
N ALA A 786 -43.93 -17.71 -7.72
CA ALA A 786 -44.15 -17.87 -9.14
C ALA A 786 -45.08 -19.06 -9.42
N GLY A 787 -45.01 -20.13 -8.64
CA GLY A 787 -45.89 -21.27 -8.87
C GLY A 787 -47.36 -20.90 -8.67
N ALA A 788 -47.64 -20.13 -7.61
CA ALA A 788 -49.01 -19.70 -7.28
C ALA A 788 -49.45 -18.45 -8.03
N ARG A 789 -48.50 -17.74 -8.65
CA ARG A 789 -48.71 -16.46 -9.30
C ARG A 789 -49.26 -15.45 -8.28
N THR A 790 -48.67 -15.39 -7.08
CA THR A 790 -49.12 -14.49 -6.05
C THR A 790 -48.00 -13.58 -5.59
N LEU A 791 -48.35 -12.32 -5.35
CA LEU A 791 -47.41 -11.34 -4.80
C LEU A 791 -48.07 -10.71 -3.59
N SER A 792 -47.34 -10.66 -2.47
CA SER A 792 -47.88 -10.01 -1.30
C SER A 792 -46.79 -9.12 -0.70
N PHE A 793 -47.26 -8.10 0.00
CA PHE A 793 -46.39 -7.18 0.73
C PHE A 793 -46.91 -7.08 2.15
N ASP A 794 -46.00 -6.81 3.09
CA ASP A 794 -46.35 -6.67 4.48
C ASP A 794 -45.29 -5.79 5.13
N PRO A 795 -45.32 -4.46 4.88
CA PRO A 795 -44.21 -3.61 5.30
C PRO A 795 -44.05 -3.62 6.79
N VAL A 796 -42.80 -3.58 7.27
CA VAL A 796 -42.52 -3.60 8.69
C VAL A 796 -43.12 -2.36 9.36
N LEU A 797 -42.98 -1.19 8.71
CA LEU A 797 -43.52 0.04 9.27
C LEU A 797 -44.89 0.32 8.66
N PRO A 798 -45.83 0.77 9.51
CA PRO A 798 -47.17 1.11 9.02
C PRO A 798 -47.20 2.38 8.20
N GLY A 799 -48.32 2.58 7.49
CA GLY A 799 -48.57 3.79 6.74
C GLY A 799 -47.93 3.77 5.35
N ASP A 800 -47.59 4.96 4.87
CA ASP A 800 -47.13 5.13 3.51
C ASP A 800 -45.80 4.37 3.36
N ALA A 801 -45.65 3.69 2.22
CA ALA A 801 -44.40 3.04 1.90
C ALA A 801 -44.22 3.01 0.40
N ARG A 802 -42.95 2.92 -0.06
CA ARG A 802 -42.66 2.85 -1.47
C ARG A 802 -41.36 2.08 -1.64
N PHE A 803 -41.41 0.96 -2.38
CA PHE A 803 -40.26 0.09 -2.54
C PHE A 803 -40.08 -0.39 -3.96
N LEU A 804 -38.83 -0.71 -4.30
CA LEU A 804 -38.53 -1.57 -5.41
C LEU A 804 -39.11 -2.95 -5.11
N PHE A 805 -39.55 -3.65 -6.16
CA PHE A 805 -39.78 -5.09 -6.06
C PHE A 805 -39.33 -5.77 -7.36
N THR A 806 -39.04 -7.06 -7.24
CA THR A 806 -38.79 -7.93 -8.38
C THR A 806 -39.57 -9.24 -8.26
N THR A 807 -39.81 -9.80 -9.43
CA THR A 807 -40.39 -11.12 -9.60
C THR A 807 -39.67 -11.73 -10.81
N ALA A 808 -39.99 -12.98 -11.16
CA ALA A 808 -39.28 -13.58 -12.27
C ALA A 808 -39.63 -12.91 -13.60
N THR A 809 -40.85 -12.40 -13.74
CA THR A 809 -41.34 -11.96 -15.03
C THR A 809 -41.12 -10.45 -15.25
N GLY A 810 -41.01 -9.70 -14.17
CA GLY A 810 -41.01 -8.25 -14.26
C GLY A 810 -40.59 -7.60 -12.95
N TRP A 811 -40.26 -6.32 -13.04
CA TRP A 811 -39.82 -5.58 -11.86
C TRP A 811 -40.38 -4.18 -11.90
N GLY A 812 -40.46 -3.55 -10.74
CA GLY A 812 -40.97 -2.19 -10.69
C GLY A 812 -40.99 -1.64 -9.31
N GLY A 813 -41.99 -0.79 -9.06
CA GLY A 813 -42.16 -0.18 -7.76
C GLY A 813 -43.52 -0.55 -7.20
N VAL A 814 -43.62 -0.62 -5.87
CA VAL A 814 -44.89 -0.76 -5.18
C VAL A 814 -45.01 0.45 -4.27
N GLU A 815 -46.19 1.08 -4.23
CA GLU A 815 -46.43 2.20 -3.36
C GLU A 815 -47.70 1.92 -2.56
N ILE A 816 -47.61 2.16 -1.26
CA ILE A 816 -48.64 1.80 -0.29
C ILE A 816 -48.98 3.07 0.50
N GLY A 817 -50.27 3.31 0.72
CA GLY A 817 -50.64 4.37 1.64
C GLY A 817 -51.91 5.03 1.17
N ASP A 818 -52.57 5.78 2.07
CA ASP A 818 -53.87 6.34 1.71
C ASP A 818 -54.84 5.21 1.31
N ASP A 819 -54.76 4.06 2.01
CA ASP A 819 -55.68 2.94 1.82
C ASP A 819 -55.71 2.46 0.36
N VAL A 820 -54.59 2.59 -0.37
CA VAL A 820 -54.42 1.99 -1.69
C VAL A 820 -53.05 1.33 -1.81
N ILE A 821 -52.93 0.51 -2.86
CA ILE A 821 -51.67 -0.08 -3.24
C ILE A 821 -51.50 0.06 -4.74
N THR A 822 -50.35 0.60 -5.17
CA THR A 822 -50.07 0.82 -6.56
C THR A 822 -48.88 -0.02 -7.00
N LEU A 823 -48.97 -0.68 -8.14
CA LEU A 823 -47.85 -1.34 -8.79
C LEU A 823 -47.52 -0.57 -10.04
N ARG A 824 -46.22 -0.26 -10.22
CA ARG A 824 -45.77 0.30 -11.49
C ARG A 824 -44.66 -0.59 -12.03
N LEU A 825 -44.83 -1.10 -13.24
CA LEU A 825 -43.89 -2.06 -13.78
C LEU A 825 -42.94 -1.34 -14.73
N HIS A 826 -41.64 -1.46 -14.45
CA HIS A 826 -40.63 -0.80 -15.27
C HIS A 826 -40.03 -1.73 -16.31
N GLY A 827 -40.05 -3.04 -16.07
CA GLY A 827 -39.55 -4.00 -17.01
C GLY A 827 -40.33 -5.32 -16.93
N GLY A 828 -40.39 -6.00 -18.07
CA GLY A 828 -41.00 -7.31 -18.19
C GLY A 828 -42.53 -7.24 -18.16
N ALA A 829 -43.11 -8.24 -17.48
CA ALA A 829 -44.54 -8.39 -17.37
C ALA A 829 -44.85 -8.95 -16.00
N LEU A 830 -46.09 -8.77 -15.55
CA LEU A 830 -46.55 -9.37 -14.32
C LEU A 830 -47.99 -9.88 -14.47
N ASP A 831 -48.22 -11.15 -14.12
CA ASP A 831 -49.55 -11.74 -14.24
C ASP A 831 -49.92 -12.39 -12.91
N LEU A 832 -50.69 -11.68 -12.06
CA LEU A 832 -50.95 -12.11 -10.71
C LEU A 832 -52.36 -12.70 -10.58
N ASP A 833 -52.42 -13.92 -10.06
CA ASP A 833 -53.68 -14.46 -9.59
C ASP A 833 -54.17 -13.60 -8.43
N GLU A 834 -53.28 -13.22 -7.49
CA GLU A 834 -53.65 -12.41 -6.33
C GLU A 834 -52.50 -11.47 -5.99
N LEU A 835 -52.87 -10.25 -5.62
CA LEU A 835 -52.01 -9.31 -4.94
C LEU A 835 -52.58 -9.14 -3.54
N ARG A 836 -51.75 -9.37 -2.50
CA ARG A 836 -52.16 -9.20 -1.12
C ARG A 836 -51.33 -8.11 -0.46
N LEU A 837 -51.93 -7.46 0.52
CA LEU A 837 -51.25 -6.49 1.37
C LEU A 837 -51.66 -6.80 2.82
N ARG A 838 -50.69 -7.09 3.68
CA ARG A 838 -50.97 -7.42 5.07
C ARG A 838 -52.02 -8.52 5.19
N GLY A 839 -51.85 -9.52 4.33
CA GLY A 839 -52.60 -10.75 4.46
C GLY A 839 -53.98 -10.64 3.83
N GLU A 840 -54.34 -9.48 3.25
CA GLU A 840 -55.65 -9.29 2.65
C GLU A 840 -55.53 -9.14 1.14
N VAL A 841 -56.52 -9.65 0.41
CA VAL A 841 -56.52 -9.56 -1.03
C VAL A 841 -56.83 -8.12 -1.40
N ALA A 842 -55.91 -7.52 -2.15
CA ALA A 842 -56.09 -6.19 -2.71
C ALA A 842 -56.72 -6.34 -4.08
N GLY A 843 -56.30 -7.35 -4.85
CA GLY A 843 -56.84 -7.51 -6.18
C GLY A 843 -56.55 -8.89 -6.73
N ARG A 844 -57.30 -9.29 -7.75
CA ARG A 844 -57.13 -10.56 -8.41
C ARG A 844 -57.01 -10.30 -9.92
N GLY A 845 -56.30 -11.21 -10.59
CA GLY A 845 -56.17 -11.20 -12.03
C GLY A 845 -55.54 -9.92 -12.54
N ILE A 846 -54.41 -9.54 -11.94
CA ILE A 846 -53.71 -8.32 -12.30
C ILE A 846 -52.68 -8.61 -13.37
N HIS A 847 -52.78 -7.95 -14.52
CA HIS A 847 -51.88 -8.15 -15.65
C HIS A 847 -51.28 -6.79 -15.96
N LEU A 848 -49.94 -6.68 -15.91
CA LEU A 848 -49.23 -5.48 -16.28
C LEU A 848 -48.12 -5.79 -17.28
N ASP A 849 -47.83 -4.82 -18.13
CA ASP A 849 -46.66 -4.83 -18.97
C ASP A 849 -45.82 -3.62 -18.59
N ALA A 850 -44.56 -3.67 -19.02
CA ALA A 850 -43.59 -2.63 -18.74
C ALA A 850 -44.20 -1.28 -19.11
N GLY A 851 -44.11 -0.30 -18.19
CA GLY A 851 -44.59 1.06 -18.44
C GLY A 851 -46.00 1.28 -17.90
N GLU A 852 -46.65 0.21 -17.43
CA GLU A 852 -48.01 0.32 -16.94
C GLU A 852 -48.01 0.41 -15.42
N THR A 853 -49.11 0.99 -14.91
CA THR A 853 -49.40 1.14 -13.49
C THR A 853 -50.84 0.71 -13.24
N ARG A 854 -51.08 0.12 -12.08
CA ARG A 854 -52.41 -0.08 -11.54
C ARG A 854 -52.47 0.29 -10.06
N THR A 855 -53.52 1.02 -9.65
CA THR A 855 -53.76 1.40 -8.28
C THR A 855 -55.05 0.74 -7.80
N LEU A 856 -54.93 -0.09 -6.77
CA LEU A 856 -56.09 -0.75 -6.20
C LEU A 856 -56.44 -0.11 -4.86
N THR A 857 -57.73 0.18 -4.67
CA THR A 857 -58.23 0.64 -3.40
C THR A 857 -58.51 -0.54 -2.48
N LEU A 858 -58.03 -0.46 -1.22
CA LEU A 858 -58.19 -1.55 -0.26
C LEU A 858 -59.61 -1.54 0.31
N THR A 859 -60.08 -2.71 0.78
CA THR A 859 -61.41 -2.79 1.34
C THR A 859 -61.48 -2.09 2.70
N LEU A 860 -62.49 -1.21 2.85
CA LEU A 860 -62.93 -0.71 4.16
C LEU A 860 -63.93 -1.72 4.73
N ARG B 7 8.90 18.67 26.46
CA ARG B 7 9.84 18.06 25.45
C ARG B 7 10.32 19.08 24.41
N ARG B 8 11.58 18.99 24.01
CA ARG B 8 12.12 19.97 23.08
C ARG B 8 11.59 19.75 21.66
N ALA B 9 11.58 18.49 21.18
CA ALA B 9 11.08 18.23 19.85
C ALA B 9 9.56 18.46 19.77
N ARG B 10 9.14 18.83 18.57
CA ARG B 10 7.73 19.03 18.27
C ARG B 10 6.97 17.71 18.44
N ARG B 11 5.80 17.79 19.08
CA ARG B 11 4.94 16.62 19.22
C ARG B 11 4.31 16.25 17.89
N ILE B 12 4.62 15.05 17.38
CA ILE B 12 3.93 14.53 16.23
C ILE B 12 2.83 13.62 16.73
N PRO B 13 1.60 13.84 16.29
CA PRO B 13 0.49 13.03 16.83
C PRO B 13 0.48 11.62 16.25
N HIS B 14 -0.16 10.71 16.99
CA HIS B 14 -0.25 9.30 16.61
C HIS B 14 -1.07 9.07 15.32
N THR B 15 -1.78 10.08 14.83
CA THR B 15 -2.57 10.07 13.61
C THR B 15 -1.66 10.27 12.38
N ALA B 16 -0.40 10.63 12.56
CA ALA B 16 0.48 10.95 11.41
C ALA B 16 1.08 9.65 10.84
N GLU B 17 0.36 8.99 9.94
CA GLU B 17 0.62 7.60 9.59
C GLU B 17 1.95 7.38 8.86
N SER B 18 2.48 8.42 8.20
CA SER B 18 3.71 8.27 7.43
C SER B 18 4.92 8.20 8.38
N VAL B 19 4.77 8.72 9.57
CA VAL B 19 5.93 8.96 10.44
C VAL B 19 6.52 7.63 10.87
N ALA B 20 7.85 7.54 10.73
CA ALA B 20 8.53 6.34 11.20
C ALA B 20 9.92 6.74 11.68
N PHE B 21 10.19 6.50 12.94
CA PHE B 21 11.47 6.85 13.51
C PHE B 21 12.37 5.62 13.49
N PRO B 22 13.43 5.61 12.64
CA PRO B 22 14.16 4.38 12.40
C PRO B 22 15.22 4.07 13.42
N LEU B 23 15.13 2.88 13.96
CA LEU B 23 16.14 2.34 14.85
C LEU B 23 17.07 1.51 13.98
N GLY B 24 18.20 1.15 14.58
CA GLY B 24 19.28 0.55 13.81
C GLY B 24 20.40 1.54 13.53
N GLY B 25 21.53 1.01 13.02
CA GLY B 25 22.68 1.83 12.76
C GLY B 25 23.24 1.70 11.35
N ILE B 26 24.48 2.18 11.21
CA ILE B 26 25.12 2.15 9.91
C ILE B 26 25.26 0.70 9.45
N GLY B 27 24.66 0.41 8.31
CA GLY B 27 24.81 -0.89 7.68
C GLY B 27 24.10 -2.04 8.38
N THR B 28 23.28 -1.81 9.38
CA THR B 28 22.71 -2.89 10.16
C THR B 28 21.35 -3.39 9.63
N GLY B 29 20.68 -2.59 8.82
CA GLY B 29 19.26 -2.80 8.62
C GLY B 29 18.52 -2.17 9.81
N ASN B 30 17.21 -2.14 9.71
CA ASN B 30 16.46 -1.27 10.60
C ASN B 30 15.08 -1.87 10.93
N VAL B 31 14.51 -1.35 12.04
CA VAL B 31 13.08 -1.42 12.33
C VAL B 31 12.73 -0.03 12.82
N SER B 32 11.48 0.39 12.53
CA SER B 32 11.08 1.75 12.89
C SER B 32 9.95 1.71 13.95
N LEU B 33 9.80 2.87 14.57
CA LEU B 33 8.67 3.12 15.47
C LEU B 33 7.76 4.17 14.80
N GLY B 34 6.46 3.86 14.73
CA GLY B 34 5.54 4.87 14.22
C GLY B 34 5.06 5.75 15.37
N ALA B 35 4.33 6.77 15.04
CA ALA B 35 3.85 7.74 16.02
C ALA B 35 2.82 7.10 16.96
N ARG B 36 2.37 5.89 16.69
CA ARG B 36 1.53 5.13 17.64
C ARG B 36 2.40 4.33 18.62
N GLY B 37 3.75 4.33 18.43
CA GLY B 37 4.60 3.49 19.26
C GLY B 37 4.74 2.08 18.73
N GLU B 38 4.18 1.82 17.57
CA GLU B 38 4.20 0.47 17.01
C GLU B 38 5.53 0.25 16.25
N LEU B 39 5.99 -0.99 16.24
CA LEU B 39 7.12 -1.35 15.38
C LEU B 39 6.59 -1.64 13.99
N ARG B 40 7.38 -1.19 12.99
CA ARG B 40 6.95 -1.23 11.61
C ARG B 40 8.22 -1.24 10.75
N ASP B 41 8.03 -1.54 9.48
CA ASP B 41 9.09 -1.48 8.48
C ASP B 41 10.25 -2.37 8.92
N TRP B 42 9.98 -3.65 9.15
CA TRP B 42 10.99 -4.60 9.58
C TRP B 42 11.91 -4.92 8.40
N GLU B 43 13.16 -4.46 8.47
CA GLU B 43 14.06 -4.51 7.30
C GLU B 43 15.49 -4.77 7.78
N PHE B 44 15.70 -5.97 8.33
CA PHE B 44 16.99 -6.38 8.86
C PHE B 44 17.84 -7.16 7.87
N GLU B 45 17.27 -7.61 6.77
CA GLU B 45 17.79 -8.76 6.03
C GLU B 45 18.51 -8.34 4.75
N ASN B 46 19.15 -7.18 4.79
CA ASN B 46 20.00 -6.68 3.71
C ASN B 46 19.17 -6.17 2.52
N LEU B 47 17.92 -5.84 2.75
CA LEU B 47 17.08 -5.23 1.73
C LEU B 47 16.08 -4.35 2.45
N PRO B 48 15.57 -3.32 1.77
CA PRO B 48 14.50 -2.51 2.33
C PRO B 48 13.22 -3.34 2.40
N ASP B 49 12.34 -2.94 3.31
CA ASP B 49 11.09 -3.66 3.45
C ASP B 49 10.11 -2.78 4.20
N LYS B 50 9.84 -1.59 3.62
CA LYS B 50 8.83 -0.74 4.20
C LYS B 50 7.47 -1.45 4.09
N GLY B 51 6.72 -1.40 5.20
CA GLY B 51 5.40 -2.01 5.21
C GLY B 51 5.41 -3.48 5.59
N ARG B 52 6.59 -4.10 5.79
CA ARG B 52 6.60 -5.47 6.27
C ARG B 52 6.08 -5.51 7.72
N LEU B 53 5.12 -6.42 7.96
CA LEU B 53 4.52 -6.65 9.25
C LEU B 53 5.23 -7.86 9.86
N ASN B 54 5.65 -7.72 11.09
CA ASN B 54 6.26 -8.85 11.78
C ASN B 54 5.18 -9.49 12.64
N PRO B 55 4.72 -10.71 12.33
CA PRO B 55 3.65 -11.31 13.13
C PRO B 55 3.91 -11.28 14.61
N ARG B 56 2.87 -10.98 15.41
CA ARG B 56 2.90 -11.20 16.83
C ARG B 56 4.08 -10.51 17.51
N SER B 57 4.44 -9.30 17.04
CA SER B 57 5.61 -8.58 17.52
C SER B 57 5.17 -7.20 18.02
N PHE B 58 5.12 -7.06 19.32
CA PHE B 58 4.49 -5.95 19.98
C PHE B 58 4.80 -5.98 21.47
N PHE B 59 4.65 -4.81 22.11
CA PHE B 59 4.73 -4.65 23.53
C PHE B 59 3.34 -4.45 24.14
N ALA B 60 3.21 -4.95 25.36
CA ALA B 60 1.95 -4.92 26.10
C ALA B 60 2.23 -4.61 27.55
N ILE B 61 1.20 -4.13 28.25
CA ILE B 61 1.29 -3.81 29.64
C ILE B 61 0.14 -4.47 30.38
N HIS B 62 0.42 -5.03 31.56
CA HIS B 62 -0.60 -5.43 32.52
C HIS B 62 -0.37 -4.55 33.74
N ALA B 63 -1.38 -3.81 34.16
CA ALA B 63 -1.31 -2.94 35.33
C ALA B 63 -2.39 -3.40 36.31
N ALA B 64 -1.93 -3.90 37.47
CA ALA B 64 -2.79 -4.49 38.49
C ALA B 64 -2.75 -3.61 39.75
N PRO B 65 -3.67 -2.64 39.90
CA PRO B 65 -3.75 -1.79 41.10
C PRO B 65 -4.09 -2.68 42.29
N GLN B 66 -3.43 -2.42 43.42
CA GLN B 66 -3.70 -3.14 44.65
C GLN B 66 -5.16 -2.85 45.03
N GLY B 67 -5.98 -3.89 45.13
CA GLY B 67 -7.38 -3.69 45.48
C GLY B 67 -8.16 -2.90 44.43
N GLY B 68 -7.81 -3.09 43.15
CA GLY B 68 -8.54 -2.49 42.05
C GLY B 68 -8.56 -3.44 40.86
N PRO B 69 -9.38 -3.16 39.83
CA PRO B 69 -9.46 -4.01 38.63
C PRO B 69 -8.20 -3.80 37.78
N SER B 70 -7.74 -4.90 37.18
CA SER B 70 -6.54 -4.83 36.37
C SER B 70 -6.88 -4.31 34.97
N ALA B 71 -5.83 -3.88 34.25
CA ALA B 71 -5.92 -3.38 32.87
C ALA B 71 -4.81 -4.08 32.09
N THR B 72 -5.14 -4.52 30.89
CA THR B 72 -4.17 -5.14 29.99
C THR B 72 -4.32 -4.51 28.63
N ARG B 73 -3.23 -3.94 28.08
CA ARG B 73 -3.31 -3.22 26.81
C ARG B 73 -2.07 -3.51 26.00
N VAL B 74 -2.22 -3.48 24.70
CA VAL B 74 -1.06 -3.32 23.83
C VAL B 74 -0.55 -1.89 23.98
N LEU B 75 0.78 -1.75 24.07
CA LEU B 75 1.43 -0.47 24.27
C LEU B 75 1.62 0.28 22.97
N GLU B 76 0.48 0.59 22.37
CA GLU B 76 0.38 1.34 21.14
C GLU B 76 -0.82 2.23 21.24
N ALA B 77 -0.75 3.41 20.64
CA ALA B 77 -1.93 4.22 20.42
C ALA B 77 -2.85 3.58 19.39
N ARG B 78 -4.13 3.96 19.48
CA ARG B 78 -5.13 3.51 18.52
C ARG B 78 -4.69 3.84 17.10
N SER B 79 -5.04 2.93 16.19
CA SER B 79 -4.91 3.18 14.77
C SER B 79 -6.00 4.12 14.26
N SER B 80 -5.77 4.64 13.07
CA SER B 80 -6.64 5.61 12.46
C SER B 80 -6.43 5.44 10.94
N GLY B 81 -7.02 6.31 10.20
CA GLY B 81 -6.86 6.25 8.77
C GLY B 81 -7.62 5.07 8.19
N ARG B 82 -7.18 4.66 7.03
CA ARG B 82 -7.91 3.63 6.31
C ARG B 82 -7.81 2.30 7.06
N HIS B 83 -8.97 1.59 7.15
CA HIS B 83 -9.07 0.31 7.81
C HIS B 83 -9.48 -0.81 6.83
N ASP B 84 -9.45 -0.49 5.54
CA ASP B 84 -9.99 -1.35 4.49
C ASP B 84 -8.94 -2.31 3.92
N ARG B 85 -8.17 -2.95 4.81
CA ARG B 85 -7.36 -4.09 4.41
C ARG B 85 -8.26 -5.10 3.71
N ASP B 86 -7.77 -5.72 2.63
CA ASP B 86 -8.56 -6.63 1.84
C ASP B 86 -9.06 -7.83 2.62
N ALA B 87 -8.33 -8.29 3.65
CA ALA B 87 -8.81 -9.42 4.44
C ALA B 87 -8.99 -9.10 5.91
N GLY B 88 -9.19 -7.81 6.16
CA GLY B 88 -9.16 -7.23 7.47
C GLY B 88 -7.73 -7.19 7.99
N TYR B 89 -7.54 -6.53 9.13
CA TYR B 89 -6.27 -6.73 9.80
C TYR B 89 -6.18 -8.20 10.17
N GLY B 90 -5.05 -8.83 9.79
CA GLY B 90 -4.91 -10.26 9.99
C GLY B 90 -4.72 -10.67 11.43
N PHE B 91 -4.90 -12.00 11.67
CA PHE B 91 -4.71 -12.56 12.99
C PHE B 91 -3.42 -12.06 13.66
N ASP B 92 -2.34 -12.12 12.91
CA ASP B 92 -1.04 -11.95 13.55
C ASP B 92 -0.77 -10.47 13.85
N GLU B 93 -1.60 -9.56 13.32
CA GLU B 93 -1.47 -8.14 13.63
C GLU B 93 -2.06 -7.83 15.00
N LEU B 94 -2.96 -8.69 15.50
CA LEU B 94 -3.61 -8.49 16.79
C LEU B 94 -4.16 -7.07 16.93
N ALA B 95 -4.84 -6.63 15.87
CA ALA B 95 -5.34 -5.25 15.77
C ALA B 95 -6.58 -5.07 16.64
N GLY B 96 -7.15 -6.20 17.09
CA GLY B 96 -8.37 -6.18 17.89
C GLY B 96 -8.13 -6.16 19.38
N LEU B 97 -6.87 -6.16 19.82
CA LEU B 97 -6.58 -6.04 21.22
C LEU B 97 -6.65 -4.58 21.65
N PRO B 98 -7.03 -4.32 22.92
CA PRO B 98 -7.18 -2.96 23.39
C PRO B 98 -5.82 -2.28 23.39
N ARG B 99 -5.87 -1.01 23.08
CA ARG B 99 -4.70 -0.16 22.93
C ARG B 99 -4.89 1.09 23.77
N LEU B 100 -3.93 2.03 23.69
CA LEU B 100 -3.99 3.29 24.41
C LEU B 100 -4.61 4.35 23.50
N ASP B 101 -5.27 5.33 24.12
CA ASP B 101 -6.04 6.27 23.32
C ASP B 101 -5.18 7.04 22.30
N SER B 102 -4.03 7.60 22.74
CA SER B 102 -3.29 8.50 21.87
C SER B 102 -1.82 8.47 22.24
N ALA B 103 -0.98 9.08 21.38
CA ALA B 103 0.41 9.22 21.70
C ALA B 103 0.97 10.40 20.92
N GLY B 104 2.09 10.89 21.42
CA GLY B 104 2.85 11.94 20.79
C GLY B 104 4.29 11.48 20.67
N LEU B 105 4.85 11.65 19.45
CA LEU B 105 6.20 11.23 19.14
C LEU B 105 7.10 12.44 19.04
N HIS B 106 8.20 12.40 19.82
CA HIS B 106 9.16 13.49 19.91
C HIS B 106 10.54 12.98 19.49
N GLY B 107 10.91 13.24 18.25
CA GLY B 107 12.14 12.69 17.71
C GLY B 107 13.25 13.74 17.58
N GLU B 108 14.40 13.41 18.19
CA GLU B 108 15.65 14.09 17.96
C GLU B 108 16.70 13.04 17.55
N TYR B 109 16.60 12.64 16.29
CA TYR B 109 17.35 11.51 15.82
C TYR B 109 18.82 11.67 16.22
N PRO B 110 19.48 10.67 16.86
CA PRO B 110 19.04 9.29 16.94
C PRO B 110 18.13 8.84 18.10
N VAL B 111 17.57 9.77 18.88
CA VAL B 111 16.77 9.40 20.03
C VAL B 111 15.30 9.78 19.77
N VAL B 112 14.37 8.95 20.28
CA VAL B 112 12.95 9.29 20.22
C VAL B 112 12.31 9.05 21.60
N ASP B 113 11.34 9.92 21.95
CA ASP B 113 10.42 9.69 23.04
C ASP B 113 9.00 9.64 22.50
N ILE B 114 8.23 8.64 22.94
CA ILE B 114 6.83 8.53 22.56
C ILE B 114 6.03 8.49 23.86
N ASP B 115 5.26 9.55 24.09
CA ASP B 115 4.48 9.69 25.29
C ASP B 115 3.04 9.24 25.01
N PHE B 116 2.58 8.22 25.73
CA PHE B 116 1.23 7.74 25.54
C PHE B 116 0.25 8.44 26.48
N THR B 117 -0.98 8.65 25.96
CA THR B 117 -2.04 9.20 26.79
C THR B 117 -3.21 8.22 26.71
N ASP B 118 -3.84 7.99 27.86
CA ASP B 118 -4.99 7.10 27.90
C ASP B 118 -5.91 7.57 29.02
N ALA B 119 -7.21 7.53 28.76
CA ALA B 119 -8.17 8.02 29.75
C ALA B 119 -8.34 7.12 30.97
N THR B 120 -8.10 5.83 30.87
CA THR B 120 -8.46 4.88 31.90
C THR B 120 -7.30 4.06 32.43
N LEU B 121 -6.18 3.93 31.68
CA LEU B 121 -5.09 3.12 32.21
C LEU B 121 -4.66 3.69 33.56
N PRO B 122 -4.41 2.82 34.57
CA PRO B 122 -4.08 3.33 35.91
C PRO B 122 -2.61 3.70 36.12
N VAL B 123 -1.82 3.64 35.04
CA VAL B 123 -0.46 4.16 35.06
C VAL B 123 -0.26 4.95 33.76
N THR B 124 0.81 5.73 33.69
CA THR B 124 1.15 6.44 32.48
C THR B 124 2.48 5.89 31.96
N VAL B 125 2.61 5.92 30.62
CA VAL B 125 3.72 5.24 29.97
C VAL B 125 4.32 6.17 28.93
N SER B 126 5.65 6.02 28.80
CA SER B 126 6.43 6.63 27.72
C SER B 126 7.44 5.60 27.24
N LEU B 127 7.84 5.69 25.96
CA LEU B 127 8.91 4.90 25.37
C LEU B 127 10.07 5.79 24.94
N HIS B 128 11.26 5.50 25.46
CA HIS B 128 12.48 6.11 25.00
C HIS B 128 13.23 5.06 24.19
N ALA B 129 13.66 5.38 22.98
CA ALA B 129 14.28 4.37 22.13
C ALA B 129 15.42 5.01 21.33
N PHE B 130 16.44 4.21 21.07
CA PHE B 130 17.57 4.66 20.28
C PHE B 130 18.49 3.48 19.97
N THR B 131 19.26 3.65 18.87
CA THR B 131 20.46 2.89 18.57
C THR B 131 21.63 3.85 18.71
N PRO B 132 22.64 3.56 19.54
CA PRO B 132 23.67 4.55 19.77
C PRO B 132 24.27 5.12 18.51
N LEU B 133 24.64 6.39 18.62
CA LEU B 133 25.41 7.07 17.59
C LEU B 133 26.58 7.75 18.30
N VAL B 134 27.78 7.37 17.85
CA VAL B 134 29.03 7.85 18.43
C VAL B 134 29.82 8.46 17.29
N PRO B 135 29.76 9.79 17.12
CA PRO B 135 30.49 10.38 16.00
C PRO B 135 31.94 9.89 15.93
N LEU B 136 32.43 9.67 14.70
CA LEU B 136 33.80 9.26 14.38
C LEU B 136 34.06 7.79 14.74
N ASP B 137 33.02 7.08 15.22
CA ASP B 137 33.15 5.67 15.54
C ASP B 137 32.04 4.94 14.80
N ALA B 138 32.36 4.47 13.60
CA ALA B 138 31.36 3.87 12.71
C ALA B 138 30.92 2.51 13.26
N ASP B 139 31.80 1.78 13.95
CA ASP B 139 31.41 0.49 14.50
C ASP B 139 30.45 0.71 15.68
N ALA B 140 30.73 1.66 16.56
CA ALA B 140 29.86 1.94 17.72
C ALA B 140 28.51 2.52 17.26
N SER B 141 28.49 3.07 16.05
CA SER B 141 27.31 3.63 15.43
C SER B 141 26.59 2.63 14.54
N GLY B 142 27.14 1.41 14.47
CA GLY B 142 26.74 0.34 13.59
C GLY B 142 26.42 -0.94 14.35
N ILE B 143 25.78 -0.78 15.53
CA ILE B 143 25.33 -1.94 16.28
C ILE B 143 23.93 -2.34 15.83
N PRO B 144 23.72 -3.62 15.45
CA PRO B 144 22.41 -4.08 15.01
C PRO B 144 21.49 -4.36 16.18
N ALA B 145 21.17 -3.28 16.90
CA ALA B 145 20.38 -3.41 18.11
C ALA B 145 19.82 -2.03 18.45
N ALA B 146 18.80 -2.05 19.32
CA ALA B 146 18.18 -0.82 19.82
C ALA B 146 17.71 -1.01 21.24
N VAL B 147 17.79 0.08 21.99
CA VAL B 147 17.17 0.13 23.29
C VAL B 147 15.71 0.54 23.12
N LEU B 148 14.86 -0.18 23.86
CA LEU B 148 13.44 0.13 24.00
C LEU B 148 13.16 0.19 25.50
N ARG B 149 13.11 1.41 26.00
CA ARG B 149 13.01 1.66 27.42
C ARG B 149 11.64 2.28 27.74
N TYR B 150 10.75 1.48 28.34
CA TYR B 150 9.43 1.96 28.72
C TYR B 150 9.43 2.49 30.14
N ARG B 151 9.15 3.76 30.30
CA ARG B 151 9.06 4.37 31.62
C ARG B 151 7.60 4.39 32.06
N VAL B 152 7.28 3.79 33.19
CA VAL B 152 5.92 3.71 33.72
C VAL B 152 5.85 4.48 35.02
N VAL B 153 4.83 5.31 35.13
CA VAL B 153 4.60 6.14 36.32
C VAL B 153 3.28 5.72 36.95
N ASN B 154 3.30 5.57 38.28
CA ASN B 154 2.10 5.34 39.08
C ASN B 154 1.63 6.66 39.68
N PRO B 155 0.65 7.36 39.08
CA PRO B 155 0.22 8.62 39.64
C PRO B 155 -0.86 8.45 40.74
N GLY B 156 -1.13 7.19 41.15
CA GLY B 156 -2.23 6.87 42.05
C GLY B 156 -1.78 6.93 43.50
N ASP B 157 -2.68 6.60 44.45
CA ASP B 157 -2.25 6.59 45.84
C ASP B 157 -2.21 5.16 46.40
N ALA B 158 -2.39 4.15 45.53
CA ALA B 158 -2.12 2.76 45.90
C ALA B 158 -1.03 2.19 45.00
N PRO B 159 -0.26 1.19 45.45
CA PRO B 159 0.66 0.47 44.55
C PRO B 159 -0.06 -0.19 43.38
N VAL B 160 0.69 -0.32 42.27
CA VAL B 160 0.24 -0.99 41.06
C VAL B 160 1.37 -1.92 40.64
N THR B 161 1.02 -3.19 40.42
CA THR B 161 2.01 -4.14 39.92
C THR B 161 1.93 -4.07 38.41
N VAL B 162 3.07 -3.74 37.78
CA VAL B 162 3.10 -3.54 36.34
C VAL B 162 4.00 -4.60 35.69
N THR B 163 3.47 -5.23 34.67
CA THR B 163 4.27 -6.05 33.77
C THR B 163 4.34 -5.36 32.41
N VAL B 164 5.54 -5.14 31.89
CA VAL B 164 5.73 -4.71 30.51
C VAL B 164 6.31 -5.89 29.77
N VAL B 165 5.65 -6.32 28.72
CA VAL B 165 6.01 -7.55 28.05
C VAL B 165 6.26 -7.29 26.56
N GLY B 166 7.43 -7.68 26.06
CA GLY B 166 7.74 -7.70 24.65
C GLY B 166 7.51 -9.08 24.08
N SER B 167 6.63 -9.19 23.07
CA SER B 167 6.41 -10.39 22.31
C SER B 167 7.08 -10.18 20.95
N MET B 168 7.77 -11.18 20.44
CA MET B 168 8.55 -10.99 19.24
C MET B 168 8.55 -12.27 18.44
N SER B 169 8.59 -12.11 17.13
CA SER B 169 8.89 -13.19 16.19
C SER B 169 10.16 -12.85 15.44
N HIS B 170 10.96 -13.88 15.19
CA HIS B 170 12.10 -13.73 14.31
C HIS B 170 11.59 -13.46 12.90
N THR B 171 12.37 -12.73 12.06
CA THR B 171 11.93 -12.38 10.73
C THR B 171 12.53 -13.31 9.66
N ALA B 172 13.55 -14.09 10.02
CA ALA B 172 14.32 -14.83 9.02
C ALA B 172 13.47 -15.91 8.34
N GLY B 173 13.75 -16.20 7.07
CA GLY B 173 13.39 -17.48 6.51
C GLY B 173 12.42 -17.44 5.34
N ARG B 174 11.90 -16.27 4.94
CA ARG B 174 10.93 -16.25 3.88
C ARG B 174 11.50 -16.79 2.58
N GLY B 175 10.62 -17.45 1.81
CA GLY B 175 10.94 -17.87 0.47
C GLY B 175 9.67 -17.75 -0.36
N ALA B 176 9.88 -17.67 -1.67
CA ALA B 176 8.79 -17.62 -2.64
C ALA B 176 7.93 -18.87 -2.48
N PRO B 177 6.61 -18.81 -2.70
CA PRO B 177 5.75 -19.98 -2.49
C PRO B 177 6.24 -21.13 -3.36
N GLY B 178 6.24 -22.34 -2.81
CA GLY B 178 6.86 -23.47 -3.49
C GLY B 178 7.05 -24.65 -2.54
N PRO B 179 7.52 -25.81 -3.04
CA PRO B 179 7.80 -26.96 -2.18
C PRO B 179 8.98 -26.71 -1.25
N ASP B 180 9.83 -25.72 -1.63
CA ASP B 180 11.01 -25.36 -0.86
C ASP B 180 10.66 -24.41 0.29
N ALA B 181 9.47 -23.82 0.27
CA ALA B 181 9.06 -22.89 1.30
C ALA B 181 7.66 -23.25 1.82
N PRO B 182 7.49 -24.39 2.52
CA PRO B 182 6.19 -24.69 3.12
C PRO B 182 5.85 -23.53 4.04
N TRP B 183 4.60 -23.07 4.00
CA TRP B 183 4.13 -22.02 4.88
C TRP B 183 4.93 -20.74 4.62
N GLY B 184 5.47 -20.53 3.41
CA GLY B 184 6.23 -19.34 3.06
C GLY B 184 7.64 -19.28 3.66
N MET B 185 8.13 -20.38 4.22
CA MET B 185 9.34 -20.41 5.01
C MET B 185 10.32 -21.51 4.56
N ARG B 186 11.56 -21.13 4.24
CA ARG B 186 12.59 -22.03 3.76
C ARG B 186 13.28 -22.78 4.86
N GLY B 187 13.16 -22.29 6.10
CA GLY B 187 13.74 -22.94 7.24
C GLY B 187 12.76 -22.83 8.39
N THR B 188 13.10 -23.53 9.46
CA THR B 188 12.33 -23.50 10.67
C THR B 188 13.04 -22.69 11.72
N GLN B 189 12.33 -21.74 12.35
CA GLN B 189 12.90 -20.94 13.39
C GLN B 189 12.92 -21.68 14.72
N SER B 190 13.73 -21.19 15.62
CA SER B 190 13.82 -21.61 16.98
C SER B 190 13.84 -20.38 17.86
N VAL B 191 13.33 -20.55 19.10
CA VAL B 191 13.42 -19.55 20.14
C VAL B 191 13.69 -20.25 21.47
N ARG B 192 14.54 -19.65 22.30
CA ARG B 192 14.70 -20.14 23.67
C ARG B 192 15.00 -19.02 24.65
N TRP B 193 14.69 -19.29 25.91
CA TRP B 193 15.22 -18.52 27.02
C TRP B 193 16.72 -18.75 27.15
N ARG B 194 17.46 -17.66 27.30
CA ARG B 194 18.90 -17.73 27.47
C ARG B 194 19.34 -16.70 28.50
N GLU B 195 20.34 -17.08 29.30
CA GLU B 195 20.98 -16.15 30.23
C GLU B 195 22.49 -16.37 30.15
N SER B 196 23.17 -15.41 29.55
CA SER B 196 24.62 -15.47 29.41
C SER B 196 25.13 -14.09 29.10
N ASP B 197 26.45 -13.89 29.21
CA ASP B 197 27.07 -12.64 28.78
C ASP B 197 26.48 -11.43 29.49
N GLY B 198 25.93 -11.63 30.69
CA GLY B 198 25.44 -10.57 31.55
C GLY B 198 24.02 -10.10 31.19
N ILE B 199 23.35 -10.82 30.31
CA ILE B 199 22.02 -10.42 29.86
C ILE B 199 21.11 -11.65 29.87
N ARG B 200 19.81 -11.43 29.69
CA ARG B 200 18.86 -12.53 29.72
C ARG B 200 17.70 -12.21 28.79
N GLY B 201 17.08 -13.24 28.26
CA GLY B 201 15.91 -13.05 27.43
C GLY B 201 15.81 -14.13 26.36
N LEU B 202 15.27 -13.76 25.20
CA LEU B 202 14.88 -14.66 24.15
C LEU B 202 15.92 -14.60 23.03
N ASP B 203 16.36 -15.78 22.61
CA ASP B 203 17.36 -15.92 21.56
C ASP B 203 16.74 -16.69 20.41
N PHE B 204 16.67 -16.06 19.23
CA PHE B 204 16.00 -16.66 18.10
C PHE B 204 17.02 -17.07 17.06
N ASP B 205 16.73 -18.17 16.39
CA ASP B 205 17.61 -18.64 15.33
C ASP B 205 16.79 -19.32 14.24
N ILE B 206 17.47 -19.88 13.23
CA ILE B 206 16.83 -20.59 12.15
C ILE B 206 17.80 -21.65 11.60
N ASP B 207 17.27 -22.72 11.02
CA ASP B 207 18.07 -23.87 10.62
C ASP B 207 18.56 -23.76 9.18
N LEU B 208 18.53 -22.54 8.58
CA LEU B 208 19.17 -22.36 7.28
C LEU B 208 20.68 -22.58 7.42
N ASP B 209 21.34 -22.88 6.29
CA ASP B 209 22.79 -23.03 6.31
C ASP B 209 23.51 -21.74 6.71
N HIS B 210 24.69 -21.90 7.32
CA HIS B 210 25.48 -20.80 7.87
C HIS B 210 25.81 -19.74 6.81
N ASP B 211 25.88 -20.12 5.52
CA ASP B 211 26.25 -19.23 4.45
C ASP B 211 25.05 -18.89 3.54
N ASP B 212 23.84 -19.12 4.06
CA ASP B 212 22.65 -18.76 3.30
C ASP B 212 22.51 -17.24 3.43
N PRO B 213 22.18 -16.51 2.35
CA PRO B 213 21.91 -15.07 2.46
C PRO B 213 20.77 -14.74 3.40
N GLY B 214 19.84 -15.67 3.56
CA GLY B 214 18.69 -15.47 4.39
C GLY B 214 18.91 -15.82 5.83
N TYR B 215 20.07 -16.39 6.20
CA TYR B 215 20.36 -16.77 7.55
C TYR B 215 20.44 -15.56 8.48
N GLY B 216 19.88 -15.69 9.69
CA GLY B 216 20.13 -14.68 10.66
C GLY B 216 19.49 -15.03 12.00
N THR B 217 19.71 -14.11 12.92
CA THR B 217 19.29 -14.27 14.30
C THR B 217 18.65 -12.99 14.80
N MET B 218 17.94 -13.14 15.94
CA MET B 218 17.35 -12.02 16.64
C MET B 218 17.32 -12.30 18.14
N SER B 219 17.26 -11.26 18.94
CA SER B 219 17.10 -11.43 20.37
C SER B 219 16.33 -10.30 21.01
N LEU B 220 15.68 -10.61 22.13
CA LEU B 220 15.01 -9.61 22.96
C LEU B 220 15.47 -9.83 24.38
N THR B 221 16.20 -8.86 24.91
CA THR B 221 16.95 -9.06 26.13
C THR B 221 16.70 -7.94 27.13
N THR B 222 17.15 -8.21 28.35
CA THR B 222 17.14 -7.23 29.41
C THR B 222 18.28 -7.56 30.39
N THR B 223 18.64 -6.59 31.19
CA THR B 223 19.49 -6.86 32.35
C THR B 223 18.65 -6.83 33.64
N ASP B 224 17.33 -6.62 33.53
CA ASP B 224 16.45 -6.66 34.69
C ASP B 224 16.32 -8.08 35.19
N SER B 225 16.49 -8.27 36.53
CA SER B 225 16.36 -9.61 37.10
C SER B 225 14.89 -10.00 37.34
N SER B 226 13.95 -9.05 37.22
CA SER B 226 12.57 -9.34 37.59
C SER B 226 11.74 -9.70 36.38
N THR B 227 11.91 -10.90 35.83
CA THR B 227 11.26 -11.31 34.59
C THR B 227 10.16 -12.35 34.77
N THR B 228 9.24 -12.40 33.80
CA THR B 228 8.26 -13.47 33.65
C THR B 228 8.24 -13.82 32.15
N VAL B 229 8.17 -15.09 31.75
CA VAL B 229 8.49 -15.45 30.36
C VAL B 229 7.59 -16.56 29.84
N LYS B 230 7.20 -16.42 28.58
CA LYS B 230 6.65 -17.51 27.80
C LYS B 230 7.57 -17.65 26.61
N PRO B 231 8.60 -18.50 26.66
CA PRO B 231 9.62 -18.48 25.62
C PRO B 231 9.17 -18.83 24.21
N GLN B 232 8.16 -19.70 24.11
CA GLN B 232 7.68 -20.15 22.84
C GLN B 232 6.17 -20.27 22.90
N TRP B 233 5.48 -19.48 22.04
CA TRP B 233 4.04 -19.59 21.93
C TRP B 233 3.67 -20.90 21.26
N VAL B 234 2.44 -21.35 21.55
CA VAL B 234 1.85 -22.49 20.86
C VAL B 234 1.79 -22.23 19.36
N THR B 235 2.14 -23.24 18.55
CA THR B 235 1.90 -23.22 17.11
C THR B 235 0.81 -24.23 16.79
N SER B 236 -0.39 -23.75 16.41
CA SER B 236 -1.48 -24.58 15.89
C SER B 236 -1.79 -24.13 14.47
N TYR B 237 -2.72 -24.79 13.80
CA TYR B 237 -3.16 -24.30 12.49
C TYR B 237 -3.86 -22.96 12.62
N TRP B 238 -4.71 -22.87 13.64
CA TRP B 238 -5.35 -21.64 14.02
C TRP B 238 -4.54 -20.91 15.06
N PRO B 239 -4.77 -19.59 15.24
CA PRO B 239 -3.97 -18.79 16.17
C PRO B 239 -4.31 -19.03 17.63
N ASP B 240 -4.06 -20.25 18.10
CA ASP B 240 -4.20 -20.56 19.51
C ASP B 240 -3.10 -19.89 20.33
N GLY B 241 -1.92 -19.69 19.74
CA GLY B 241 -0.82 -19.14 20.52
C GLY B 241 -1.13 -17.77 21.14
N ALA B 242 -1.69 -16.91 20.26
CA ALA B 242 -1.96 -15.53 20.66
C ALA B 242 -3.08 -15.52 21.71
N ARG B 243 -4.12 -16.35 21.47
CA ARG B 243 -5.22 -16.39 22.43
C ARG B 243 -4.72 -16.84 23.80
N LEU B 244 -3.89 -17.89 23.84
CA LEU B 244 -3.35 -18.40 25.08
C LEU B 244 -2.42 -17.38 25.71
N PHE B 245 -1.66 -16.65 24.89
CA PHE B 245 -0.81 -15.59 25.43
C PHE B 245 -1.63 -14.54 26.18
N TRP B 246 -2.65 -14.01 25.51
CA TRP B 246 -3.44 -12.96 26.13
C TRP B 246 -4.19 -13.49 27.35
N ASN B 247 -4.76 -14.71 27.23
CA ASN B 247 -5.37 -15.32 28.44
C ASN B 247 -4.36 -15.30 29.60
N ASP B 248 -3.10 -15.67 29.33
CA ASP B 248 -2.10 -15.83 30.37
C ASP B 248 -1.68 -14.48 30.95
N LEU B 249 -1.53 -13.44 30.08
CA LEU B 249 -1.14 -12.14 30.57
C LEU B 249 -2.24 -11.40 31.35
N ALA B 250 -3.46 -11.43 30.80
CA ALA B 250 -4.58 -10.67 31.32
C ALA B 250 -5.07 -11.29 32.63
N ASP B 251 -4.82 -12.60 32.81
CA ASP B 251 -5.21 -13.27 34.05
C ASP B 251 -4.50 -12.63 35.24
N ASP B 252 -3.15 -12.54 35.22
CA ASP B 252 -2.38 -12.26 36.42
C ASP B 252 -1.14 -11.42 36.18
N GLY B 253 -0.89 -11.03 34.93
CA GLY B 253 0.28 -10.23 34.63
C GLY B 253 1.56 -11.05 34.64
N LEU B 254 1.40 -12.38 34.69
CA LEU B 254 2.54 -13.28 34.68
C LEU B 254 2.37 -14.28 33.55
N LEU B 255 3.50 -14.81 33.09
CA LEU B 255 3.51 -15.75 31.99
C LEU B 255 4.15 -17.06 32.42
N ALA B 256 3.83 -18.09 31.66
CA ALA B 256 4.46 -19.38 31.87
C ALA B 256 4.82 -19.99 30.51
N PRO B 257 5.83 -20.86 30.48
CA PRO B 257 6.08 -21.67 29.30
C PRO B 257 4.86 -22.50 28.97
N GLU B 258 4.69 -22.79 27.69
CA GLU B 258 3.61 -23.62 27.20
C GLU B 258 4.01 -25.09 27.38
N ALA B 259 3.11 -25.86 28.01
CA ALA B 259 3.42 -27.26 28.29
C ALA B 259 3.42 -28.02 26.97
N ARG B 260 2.52 -27.63 26.07
CA ARG B 260 2.42 -28.21 24.74
C ARG B 260 2.78 -27.14 23.70
N LEU B 261 3.73 -27.45 22.79
CA LEU B 261 4.16 -26.43 21.84
C LEU B 261 3.25 -26.42 20.61
N THR B 262 2.39 -27.43 20.49
CA THR B 262 1.26 -27.37 19.57
C THR B 262 0.07 -28.05 20.24
N LEU B 263 -1.15 -27.67 19.83
CA LEU B 263 -2.36 -28.35 20.26
C LEU B 263 -2.90 -29.25 19.17
N GLU B 264 -2.16 -29.42 18.05
CA GLU B 264 -2.53 -30.41 17.05
C GLU B 264 -1.99 -31.78 17.46
N ASP B 265 -2.76 -32.82 17.13
CA ASP B 265 -2.28 -34.19 17.27
C ASP B 265 -1.85 -34.73 15.92
N LYS B 266 -2.66 -34.48 14.89
CA LYS B 266 -2.33 -34.79 13.52
C LYS B 266 -3.07 -33.81 12.64
N PRO B 267 -2.70 -33.67 11.34
CA PRO B 267 -3.49 -32.87 10.40
C PRO B 267 -4.90 -33.44 10.31
N ARG B 268 -5.90 -32.57 10.43
CA ARG B 268 -7.28 -33.00 10.40
C ARG B 268 -8.15 -31.98 9.66
N GLY B 269 -9.33 -32.47 9.24
CA GLY B 269 -10.36 -31.61 8.66
C GLY B 269 -9.83 -30.88 7.43
N LEU B 270 -9.89 -29.54 7.44
CA LEU B 270 -9.45 -28.80 6.27
C LEU B 270 -7.95 -28.96 6.03
N PHE B 271 -7.21 -29.37 7.06
CA PHE B 271 -5.75 -29.45 7.01
C PHE B 271 -5.26 -30.89 6.80
N ALA B 272 -6.22 -31.81 6.65
CA ALA B 272 -5.94 -33.22 6.48
C ALA B 272 -5.17 -33.39 5.18
N GLU B 273 -4.24 -34.37 5.17
CA GLU B 273 -3.61 -34.78 3.93
C GLU B 273 -4.52 -35.80 3.26
N ARG B 274 -4.94 -35.55 2.03
CA ARG B 274 -5.74 -36.48 1.24
C ARG B 274 -5.13 -37.88 1.22
N ASP B 275 -3.80 -37.97 1.13
CA ASP B 275 -3.13 -39.24 0.96
C ASP B 275 -2.75 -39.86 2.30
N ALA B 276 -3.21 -39.25 3.41
CA ALA B 276 -2.89 -39.72 4.75
C ALA B 276 -3.68 -40.98 5.08
N ASP B 277 -2.92 -42.00 5.49
CA ASP B 277 -3.38 -43.20 6.16
C ASP B 277 -4.30 -42.77 7.31
N PRO B 278 -5.64 -42.98 7.24
CA PRO B 278 -6.57 -42.42 8.23
C PRO B 278 -6.41 -43.03 9.62
N ASP B 279 -5.68 -44.15 9.70
CA ASP B 279 -5.37 -44.84 10.95
C ASP B 279 -3.85 -44.99 11.06
N ALA B 280 -3.11 -43.89 10.84
CA ALA B 280 -1.66 -43.93 10.88
C ALA B 280 -1.18 -43.93 12.33
N PRO B 281 0.11 -44.22 12.60
CA PRO B 281 0.64 -44.17 13.96
C PRO B 281 0.63 -42.72 14.45
N ALA B 282 0.31 -42.54 15.75
CA ALA B 282 0.31 -41.22 16.37
C ALA B 282 1.59 -40.48 16.01
N LEU B 283 1.46 -39.16 15.76
CA LEU B 283 2.59 -38.28 15.52
C LEU B 283 3.14 -37.84 16.88
N THR B 284 4.45 -37.72 17.00
CA THR B 284 5.00 -37.08 18.18
C THR B 284 4.81 -35.56 18.04
N GLU B 285 4.98 -34.83 19.12
CA GLU B 285 4.92 -33.36 19.07
C GLU B 285 5.91 -32.83 18.03
N GLU B 286 7.13 -33.37 18.04
CA GLU B 286 8.16 -32.92 17.13
C GLU B 286 7.76 -33.22 15.68
N GLN B 287 7.12 -34.38 15.45
CA GLN B 287 6.65 -34.72 14.11
C GLN B 287 5.50 -33.81 13.67
N MET B 288 4.59 -33.48 14.60
CA MET B 288 3.47 -32.60 14.30
C MET B 288 3.97 -31.16 14.01
N LEU B 289 4.90 -30.67 14.84
CA LEU B 289 5.52 -29.37 14.59
C LEU B 289 6.13 -29.27 13.20
N ALA B 290 6.73 -30.35 12.72
CA ALA B 290 7.34 -30.38 11.40
C ALA B 290 6.33 -30.13 10.29
N LYS B 291 5.02 -30.33 10.55
CA LYS B 291 4.01 -30.11 9.53
C LYS B 291 3.36 -28.72 9.63
N LEU B 292 3.86 -27.87 10.55
CA LEU B 292 3.19 -26.64 10.98
C LEU B 292 4.01 -25.41 10.62
N PRO B 293 3.37 -24.21 10.59
CA PRO B 293 4.10 -22.96 10.32
C PRO B 293 5.42 -22.86 11.07
N ARG B 294 6.37 -22.16 10.45
CA ARG B 294 7.78 -22.23 10.84
C ARG B 294 8.29 -20.98 11.55
N VAL B 295 7.42 -19.97 11.74
CA VAL B 295 7.81 -18.80 12.52
C VAL B 295 7.62 -19.09 14.00
N ARG B 296 8.53 -18.60 14.84
CA ARG B 296 8.40 -18.78 16.28
C ARG B 296 8.30 -17.43 16.99
N THR B 297 7.58 -17.43 18.12
CA THR B 297 7.23 -16.22 18.86
C THR B 297 7.48 -16.51 20.35
N GLY B 298 8.09 -15.57 21.06
CA GLY B 298 8.25 -15.64 22.50
C GLY B 298 7.96 -14.31 23.16
N SER B 299 7.74 -14.35 24.48
CA SER B 299 7.44 -13.15 25.25
C SER B 299 8.38 -13.01 26.43
N LEU B 300 8.94 -11.80 26.61
CA LEU B 300 9.77 -11.44 27.74
C LEU B 300 9.10 -10.35 28.53
N GLY B 301 8.65 -10.68 29.74
CA GLY B 301 8.03 -9.71 30.64
C GLY B 301 8.97 -9.25 31.73
N ILE B 302 8.82 -7.99 32.12
CA ILE B 302 9.49 -7.41 33.25
C ILE B 302 8.41 -6.94 34.21
N VAL B 303 8.54 -7.34 35.49
CA VAL B 303 7.48 -7.11 36.48
C VAL B 303 8.01 -6.35 37.68
N HIS B 304 7.34 -5.23 38.03
CA HIS B 304 7.67 -4.40 39.19
C HIS B 304 6.38 -3.87 39.82
N THR B 305 6.37 -3.84 41.15
CA THR B 305 5.33 -3.14 41.90
C THR B 305 5.76 -1.70 42.11
N LEU B 306 5.00 -0.77 41.56
CA LEU B 306 5.26 0.65 41.69
C LEU B 306 4.48 1.23 42.88
N ALA B 307 5.21 1.88 43.77
CA ALA B 307 4.63 2.63 44.86
C ALA B 307 3.86 3.82 44.31
N PRO B 308 2.93 4.41 45.09
CA PRO B 308 2.33 5.69 44.72
C PRO B 308 3.40 6.71 44.36
N GLY B 309 3.28 7.32 43.16
CA GLY B 309 4.20 8.32 42.69
C GLY B 309 5.47 7.78 42.02
N GLU B 310 5.74 6.48 42.11
CA GLU B 310 7.00 5.91 41.64
C GLU B 310 7.03 5.87 40.11
N GLU B 311 8.22 6.16 39.54
CA GLU B 311 8.53 5.96 38.12
C GLU B 311 9.54 4.83 38.02
N ARG B 312 9.37 3.92 37.08
CA ARG B 312 10.34 2.85 36.86
C ARG B 312 10.52 2.58 35.37
N ASP B 313 11.77 2.31 34.99
CA ASP B 313 12.08 1.94 33.63
C ASP B 313 12.06 0.42 33.45
N PHE B 314 11.42 -0.03 32.39
CA PHE B 314 11.33 -1.40 31.94
C PHE B 314 12.13 -1.43 30.64
N GLU B 315 13.37 -1.91 30.72
CA GLU B 315 14.32 -1.70 29.64
C GLU B 315 14.62 -2.99 28.89
N PHE B 316 14.42 -2.92 27.56
CA PHE B 316 14.69 -4.02 26.66
C PHE B 316 15.70 -3.57 25.61
N VAL B 317 16.40 -4.56 25.02
CA VAL B 317 17.16 -4.43 23.80
C VAL B 317 16.64 -5.43 22.78
N LEU B 318 16.36 -4.93 21.56
CA LEU B 318 16.02 -5.76 20.43
C LEU B 318 17.23 -5.77 19.53
N ALA B 319 17.76 -6.97 19.21
CA ALA B 319 18.94 -7.07 18.37
C ALA B 319 18.70 -8.04 17.25
N TRP B 320 19.53 -7.96 16.22
CA TRP B 320 19.36 -8.80 15.06
C TRP B 320 20.72 -8.97 14.40
N SER B 321 20.82 -9.93 13.47
CA SER B 321 22.06 -10.10 12.71
C SER B 321 21.73 -10.96 11.49
N PHE B 322 21.97 -10.42 10.32
CA PHE B 322 21.82 -11.11 9.04
C PHE B 322 23.14 -10.96 8.29
N PRO B 323 24.15 -11.78 8.65
CA PRO B 323 25.52 -11.46 8.29
C PRO B 323 25.89 -11.65 6.83
N ASN B 324 25.08 -12.39 6.06
CA ASN B 324 25.50 -12.83 4.73
C ASN B 324 24.75 -12.03 3.67
N ARG B 325 25.50 -11.43 2.75
CA ARG B 325 24.94 -10.86 1.53
C ARG B 325 25.36 -11.69 0.31
N ARG B 326 24.45 -11.81 -0.67
CA ARG B 326 24.90 -12.30 -1.97
C ARG B 326 25.91 -11.32 -2.52
N ARG B 327 26.92 -11.88 -3.19
CA ARG B 327 27.92 -11.08 -3.85
C ARG B 327 27.24 -10.44 -5.06
N GLY B 328 27.32 -9.12 -5.13
CA GLY B 328 26.76 -8.38 -6.24
C GLY B 328 25.72 -7.39 -5.74
N TRP B 329 25.42 -6.42 -6.62
CA TRP B 329 24.38 -5.45 -6.32
C TRP B 329 22.99 -6.07 -6.48
N HIS B 330 22.85 -6.91 -7.49
CA HIS B 330 21.54 -7.51 -7.79
C HIS B 330 20.49 -6.41 -7.90
N GLY B 331 20.86 -5.34 -8.59
CA GLY B 331 20.00 -4.20 -8.74
C GLY B 331 19.35 -4.18 -10.11
N HIS B 332 19.09 -3.00 -10.63
CA HIS B 332 18.31 -2.86 -11.85
C HIS B 332 19.04 -2.04 -12.91
N ILE B 333 20.39 -1.91 -12.81
CA ILE B 333 21.18 -1.13 -13.78
C ILE B 333 22.42 -1.91 -14.24
N ILE B 334 23.23 -2.39 -13.30
CA ILE B 334 24.53 -3.00 -13.61
C ILE B 334 24.32 -4.50 -13.73
N PHE B 335 23.68 -4.87 -14.81
CA PHE B 335 23.45 -6.29 -15.13
C PHE B 335 24.73 -6.96 -15.62
N ASP B 336 24.82 -8.29 -15.44
CA ASP B 336 26.02 -9.05 -15.78
C ASP B 336 26.28 -8.98 -17.29
N ASP B 337 25.30 -8.60 -18.12
CA ASP B 337 25.54 -8.32 -19.52
C ASP B 337 25.61 -6.81 -19.83
N ALA B 338 25.77 -5.94 -18.81
CA ALA B 338 26.04 -4.53 -18.99
C ALA B 338 27.46 -4.21 -18.51
N LEU B 339 28.35 -5.22 -18.57
CA LEU B 339 29.72 -5.07 -18.06
C LEU B 339 30.68 -4.96 -19.24
N GLU B 340 31.76 -4.22 -19.02
CA GLU B 340 32.80 -4.18 -20.02
C GLU B 340 33.89 -5.16 -19.60
N ASP B 341 34.69 -5.58 -20.59
CA ASP B 341 35.83 -6.43 -20.31
C ASP B 341 36.99 -5.55 -19.88
N GLY B 342 37.99 -6.18 -19.26
CA GLY B 342 39.24 -5.52 -18.98
C GLY B 342 39.68 -5.63 -17.53
N ALA B 343 38.74 -5.94 -16.64
CA ALA B 343 39.05 -6.16 -15.24
C ALA B 343 38.79 -7.61 -14.91
N PRO B 344 39.73 -8.30 -14.24
CA PRO B 344 39.54 -9.72 -13.93
C PRO B 344 38.31 -9.99 -13.06
N ASP B 345 37.51 -11.01 -13.45
CA ASP B 345 36.31 -11.38 -12.74
C ASP B 345 36.71 -12.32 -11.61
N LEU B 346 36.66 -11.79 -10.40
CA LEU B 346 37.17 -12.54 -9.25
C LEU B 346 36.05 -13.34 -8.59
N ARG B 347 34.82 -13.23 -9.09
CA ARG B 347 33.68 -13.71 -8.31
C ARG B 347 33.69 -15.22 -8.10
N ASP B 348 34.09 -16.03 -9.09
CA ASP B 348 34.01 -17.46 -8.90
C ASP B 348 35.02 -17.86 -7.83
N GLU B 349 36.18 -17.20 -7.81
CA GLU B 349 37.18 -17.50 -6.80
C GLU B 349 36.70 -17.07 -5.42
N LEU B 350 36.15 -15.86 -5.27
CA LEU B 350 35.80 -15.29 -3.98
C LEU B 350 34.57 -15.98 -3.40
N GLY B 351 33.68 -16.48 -4.26
CA GLY B 351 32.52 -17.22 -3.81
C GLY B 351 31.30 -16.29 -3.74
N PRO B 352 30.11 -16.88 -3.51
CA PRO B 352 28.86 -16.17 -3.71
C PRO B 352 28.37 -15.28 -2.57
N ILE B 353 29.10 -15.22 -1.44
CA ILE B 353 28.68 -14.44 -0.28
C ILE B 353 29.72 -13.37 0.01
N VAL B 354 29.28 -12.20 0.48
CA VAL B 354 30.12 -11.23 1.11
C VAL B 354 29.47 -10.93 2.47
N ARG B 355 30.26 -10.74 3.52
CA ARG B 355 29.65 -10.53 4.81
C ARG B 355 29.50 -9.04 5.07
N ASN B 356 28.52 -8.76 5.91
CA ASN B 356 28.39 -7.46 6.52
C ASN B 356 29.53 -7.23 7.50
N HIS B 357 30.11 -6.03 7.49
CA HIS B 357 31.19 -5.76 8.42
C HIS B 357 30.75 -5.91 9.87
N TYR B 358 29.52 -5.57 10.23
CA TYR B 358 29.11 -5.61 11.64
C TYR B 358 29.16 -7.05 12.15
N ALA B 359 29.12 -8.04 11.26
CA ALA B 359 29.15 -9.43 11.70
C ALA B 359 30.50 -9.87 12.23
N VAL B 360 31.57 -9.12 11.93
CA VAL B 360 32.87 -9.45 12.51
C VAL B 360 32.81 -9.34 14.04
N ARG B 361 32.39 -8.19 14.56
CA ARG B 361 32.20 -8.07 16.00
C ARG B 361 30.98 -8.84 16.49
N TRP B 362 29.90 -8.81 15.71
CA TRP B 362 28.59 -9.26 16.18
C TRP B 362 27.99 -10.23 15.17
N PRO B 363 28.48 -11.50 15.22
CA PRO B 363 28.03 -12.51 14.25
C PRO B 363 26.64 -13.07 14.50
N ASP B 364 26.11 -12.76 15.70
CA ASP B 364 24.70 -13.04 15.95
C ASP B 364 24.13 -11.93 16.81
N ALA B 365 22.80 -12.04 17.01
CA ALA B 365 22.04 -11.02 17.70
C ALA B 365 22.51 -10.90 19.14
N TRP B 366 22.75 -12.05 19.83
CA TRP B 366 23.13 -11.97 21.22
C TRP B 366 24.43 -11.22 21.44
N ALA B 367 25.37 -11.33 20.49
CA ALA B 367 26.65 -10.67 20.62
C ALA B 367 26.46 -9.16 20.61
N ALA B 368 25.61 -8.67 19.67
CA ALA B 368 25.30 -7.25 19.57
C ALA B 368 24.59 -6.81 20.85
N ALA B 369 23.57 -7.57 21.27
CA ALA B 369 22.86 -7.20 22.50
C ALA B 369 23.84 -7.09 23.68
N ALA B 370 24.67 -8.13 23.85
CA ALA B 370 25.55 -8.19 25.00
C ALA B 370 26.45 -6.95 25.01
N GLN B 371 26.95 -6.53 23.83
CA GLN B 371 27.77 -5.34 23.74
C GLN B 371 26.98 -4.08 24.11
N LEU B 372 25.75 -3.93 23.56
CA LEU B 372 24.97 -2.75 23.84
C LEU B 372 24.65 -2.65 25.33
N HIS B 373 24.24 -3.78 25.93
CA HIS B 373 23.96 -3.73 27.37
C HIS B 373 25.24 -3.42 28.17
N ARG B 374 26.35 -4.10 27.85
CA ARG B 374 27.55 -3.97 28.68
C ARG B 374 28.09 -2.56 28.65
N ASP B 375 28.06 -1.95 27.45
CA ASP B 375 28.67 -0.65 27.20
C ASP B 375 27.63 0.47 27.17
N LEU B 376 26.42 0.20 27.70
CA LEU B 376 25.34 1.17 27.50
C LEU B 376 25.69 2.51 28.14
N PRO B 377 26.27 2.62 29.36
CA PRO B 377 26.55 3.95 29.92
C PRO B 377 27.37 4.83 28.98
N ALA B 378 28.43 4.26 28.42
CA ALA B 378 29.32 4.99 27.51
C ALA B 378 28.61 5.28 26.17
N LEU B 379 27.95 4.28 25.59
CA LEU B 379 27.28 4.41 24.30
C LEU B 379 26.14 5.41 24.42
N GLU B 380 25.33 5.29 25.47
CA GLU B 380 24.19 6.21 25.62
C GLU B 380 24.71 7.60 26.00
N GLY B 381 25.77 7.67 26.81
CA GLY B 381 26.28 8.99 27.15
C GLY B 381 26.77 9.77 25.92
N ALA B 382 27.45 9.12 24.99
CA ALA B 382 27.95 9.73 23.77
C ALA B 382 26.76 10.16 22.90
N THR B 383 25.75 9.27 22.84
CA THR B 383 24.57 9.52 22.03
C THR B 383 23.86 10.77 22.57
N ASP B 384 23.68 10.80 23.89
CA ASP B 384 23.01 11.92 24.54
C ASP B 384 23.79 13.23 24.35
N ALA B 385 25.12 13.19 24.45
CA ALA B 385 25.91 14.39 24.22
C ALA B 385 25.76 14.89 22.78
N PHE B 386 25.72 13.92 21.86
CA PHE B 386 25.50 14.23 20.46
C PHE B 386 24.17 14.96 20.27
N VAL B 387 23.12 14.39 20.85
CA VAL B 387 21.80 14.99 20.73
C VAL B 387 21.80 16.40 21.35
N GLU B 388 22.45 16.58 22.50
CA GLU B 388 22.42 17.90 23.13
C GLU B 388 23.17 18.92 22.27
N GLU B 389 24.29 18.50 21.66
CA GLU B 389 25.03 19.46 20.84
C GLU B 389 24.25 19.79 19.58
N LEU B 390 23.63 18.78 18.95
CA LEU B 390 23.01 19.00 17.66
C LEU B 390 21.69 19.77 17.80
N TYR B 391 20.89 19.46 18.83
CA TYR B 391 19.54 19.99 18.97
C TYR B 391 19.41 21.03 20.10
N GLY B 392 20.44 21.13 20.98
CA GLY B 392 20.34 22.00 22.14
C GLY B 392 21.14 23.29 22.04
N GLY B 393 21.75 23.57 20.88
CA GLY B 393 22.52 24.76 20.65
C GLY B 393 21.71 25.89 20.03
N SER B 394 22.42 26.73 19.28
CA SER B 394 21.83 28.00 18.85
C SER B 394 21.14 27.90 17.49
N LEU B 395 21.43 26.87 16.67
CA LEU B 395 20.76 26.74 15.38
C LEU B 395 19.25 26.93 15.51
N ASP B 396 18.68 27.60 14.52
CA ASP B 396 17.24 27.57 14.41
C ASP B 396 16.81 26.11 14.41
N PRO B 397 15.74 25.75 15.13
CA PRO B 397 15.29 24.36 15.18
C PRO B 397 15.02 23.75 13.81
N VAL B 398 14.61 24.56 12.82
CA VAL B 398 14.42 24.04 11.48
C VAL B 398 15.74 23.49 10.92
N LEU B 399 16.87 24.21 11.17
CA LEU B 399 18.14 23.80 10.62
C LEU B 399 18.70 22.61 11.38
N ALA B 400 18.52 22.58 12.71
CA ALA B 400 18.94 21.41 13.48
C ALA B 400 18.14 20.16 13.03
N ASP B 401 16.85 20.34 12.73
CA ASP B 401 15.96 19.28 12.23
C ASP B 401 16.48 18.75 10.91
N ALA B 402 16.80 19.65 9.98
CA ALA B 402 17.28 19.22 8.67
C ALA B 402 18.61 18.48 8.79
N VAL B 403 19.52 19.00 9.63
CA VAL B 403 20.81 18.32 9.82
C VAL B 403 20.69 16.94 10.47
N GLY B 404 19.94 16.88 11.57
CA GLY B 404 19.90 15.69 12.37
C GLY B 404 18.95 14.64 11.85
N ALA B 405 17.80 15.02 11.32
CA ALA B 405 16.84 14.00 10.93
C ALA B 405 17.38 13.20 9.74
N ASN B 406 18.07 13.90 8.84
CA ASN B 406 18.61 13.28 7.64
C ASN B 406 19.78 12.33 7.91
N ILE B 407 20.35 12.34 9.09
CA ILE B 407 21.33 11.31 9.43
C ILE B 407 20.72 9.94 9.21
N ALA B 408 19.40 9.85 9.42
CA ALA B 408 18.71 8.57 9.20
C ALA B 408 19.04 7.93 7.85
N ALA B 409 19.22 8.73 6.80
CA ALA B 409 19.50 8.15 5.48
C ALA B 409 20.81 7.36 5.50
N LEU B 410 21.82 7.94 6.19
CA LEU B 410 23.12 7.28 6.29
C LEU B 410 23.04 5.98 7.08
N ARG B 411 22.09 5.90 8.04
CA ARG B 411 21.92 4.70 8.85
C ARG B 411 20.77 3.82 8.41
N SER B 412 20.33 3.99 7.16
CA SER B 412 19.25 3.20 6.58
C SER B 412 19.80 2.10 5.67
N THR B 413 18.87 1.36 5.07
CA THR B 413 19.19 0.33 4.09
C THR B 413 19.85 0.89 2.85
N THR B 414 19.75 2.21 2.62
CA THR B 414 20.42 2.80 1.45
C THR B 414 21.93 2.50 1.47
N CYS B 415 22.51 2.44 2.68
CA CYS B 415 23.95 2.31 2.88
C CYS B 415 24.30 1.00 3.58
N PHE B 416 25.51 0.50 3.32
CA PHE B 416 25.99 -0.68 4.01
C PHE B 416 27.52 -0.73 3.99
N VAL B 417 28.06 -1.68 4.79
CA VAL B 417 29.49 -1.77 4.99
C VAL B 417 29.87 -3.23 4.84
N LEU B 418 30.66 -3.52 3.80
CA LEU B 418 31.05 -4.88 3.49
C LEU B 418 32.38 -5.23 4.16
N GLU B 419 32.51 -6.46 4.63
CA GLU B 419 33.78 -6.91 5.17
C GLU B 419 34.64 -7.47 4.05
N SER B 420 35.76 -6.79 3.76
CA SER B 420 36.76 -7.28 2.83
C SER B 420 36.12 -7.87 1.58
N PRO B 421 35.30 -7.12 0.83
CA PRO B 421 34.64 -7.69 -0.33
C PRO B 421 35.58 -8.08 -1.47
N THR B 422 36.70 -7.35 -1.59
CA THR B 422 37.68 -7.67 -2.64
C THR B 422 39.10 -7.57 -2.08
N PRO B 423 39.96 -8.56 -2.41
CA PRO B 423 41.37 -8.44 -2.03
C PRO B 423 42.09 -7.26 -2.64
N GLU B 424 41.53 -6.68 -3.69
CA GLU B 424 42.16 -5.53 -4.33
C GLU B 424 42.17 -4.29 -3.46
N LEU B 425 41.35 -4.24 -2.39
CA LEU B 425 41.36 -3.08 -1.50
C LEU B 425 42.03 -3.41 -0.18
N GLY B 426 42.47 -4.66 -0.03
CA GLY B 426 43.02 -5.14 1.22
C GLY B 426 41.89 -5.44 2.19
N ASP B 427 42.22 -5.83 3.42
CA ASP B 427 41.25 -6.27 4.41
C ASP B 427 40.63 -5.05 5.08
N GLY B 428 39.38 -5.22 5.52
CA GLY B 428 38.72 -4.20 6.30
C GLY B 428 37.37 -3.78 5.68
N PRO B 429 36.65 -2.92 6.42
CA PRO B 429 35.36 -2.44 5.90
C PRO B 429 35.43 -1.56 4.67
N VAL B 430 34.48 -1.78 3.77
CA VAL B 430 34.24 -0.93 2.62
C VAL B 430 32.80 -0.46 2.63
N PHE B 431 32.65 0.84 2.72
CA PHE B 431 31.36 1.51 2.55
C PHE B 431 30.90 1.46 1.11
N ALA B 432 29.64 1.09 0.94
CA ALA B 432 29.02 1.13 -0.37
C ALA B 432 27.53 1.47 -0.20
N ALA B 433 26.90 1.95 -1.26
CA ALA B 433 25.54 2.44 -1.05
C ALA B 433 24.75 2.47 -2.36
N TRP B 434 23.46 2.18 -2.22
CA TRP B 434 22.49 2.57 -3.20
C TRP B 434 22.40 4.10 -3.23
N GLU B 435 21.62 4.62 -4.19
CA GLU B 435 21.21 6.02 -4.09
C GLU B 435 20.11 6.16 -3.05
N GLY B 436 19.21 5.18 -3.04
CA GLY B 436 18.07 5.18 -2.15
C GLY B 436 17.56 3.77 -1.97
N SER B 437 16.42 3.71 -1.27
CA SER B 437 15.75 2.46 -0.99
C SER B 437 14.34 2.54 -1.57
N PHE B 438 14.03 1.72 -2.55
CA PHE B 438 12.61 1.52 -2.83
C PHE B 438 11.99 0.79 -1.66
N ASP B 439 10.66 0.68 -1.60
CA ASP B 439 10.05 0.01 -0.47
C ASP B 439 10.56 -1.41 -0.27
N HIS B 440 10.91 -2.13 -1.35
CA HIS B 440 11.24 -3.54 -1.22
C HIS B 440 12.52 -3.94 -1.98
N GLY B 441 13.33 -2.94 -2.32
CA GLY B 441 14.55 -3.23 -3.04
C GLY B 441 15.44 -1.99 -3.10
N GLY B 442 16.72 -2.21 -3.38
CA GLY B 442 17.63 -1.09 -3.55
C GLY B 442 17.26 -0.25 -4.77
N SER B 443 17.51 1.06 -4.67
CA SER B 443 17.42 1.98 -5.78
C SER B 443 18.80 2.44 -6.26
N CYS B 444 19.13 2.04 -7.48
CA CYS B 444 20.21 2.63 -8.26
C CYS B 444 21.57 2.38 -7.60
N GLU B 445 22.10 1.21 -7.95
CA GLU B 445 23.32 0.71 -7.36
C GLU B 445 24.58 1.44 -7.80
N GLY B 446 25.66 1.21 -7.02
CA GLY B 446 27.00 1.51 -7.50
C GLY B 446 27.72 2.59 -6.73
N THR B 447 27.23 2.98 -5.54
CA THR B 447 27.69 4.15 -4.83
C THR B 447 27.83 5.32 -5.79
N CYS B 448 26.73 5.56 -6.51
CA CYS B 448 26.70 6.47 -7.62
C CYS B 448 27.36 7.82 -7.35
N THR B 449 28.34 8.18 -8.18
CA THR B 449 29.18 9.27 -7.76
C THR B 449 28.52 10.61 -7.99
N HIS B 450 27.67 10.74 -9.01
CA HIS B 450 27.02 12.01 -9.26
C HIS B 450 25.99 12.32 -8.17
N VAL B 451 25.39 11.29 -7.58
CA VAL B 451 24.49 11.48 -6.42
C VAL B 451 25.23 11.68 -5.11
N TRP B 452 26.13 10.73 -4.83
CA TRP B 452 26.89 10.74 -3.59
C TRP B 452 27.80 11.96 -3.48
N SER B 453 28.15 12.62 -4.59
CA SER B 453 28.92 13.84 -4.45
C SER B 453 28.15 14.88 -3.65
N TYR B 454 26.80 14.86 -3.71
CA TYR B 454 26.06 15.80 -2.90
C TYR B 454 26.05 15.49 -1.40
N ALA B 455 26.26 14.23 -1.03
CA ALA B 455 26.17 13.75 0.32
C ALA B 455 27.39 14.20 1.16
N GLN B 456 27.11 14.92 2.26
CA GLN B 456 28.16 15.45 3.14
C GLN B 456 28.19 14.81 4.52
N THR B 457 27.07 14.23 5.00
CA THR B 457 27.00 13.79 6.37
C THR B 457 28.08 12.79 6.75
N ALA B 458 28.37 11.79 5.89
CA ALA B 458 29.29 10.74 6.29
C ALA B 458 30.71 11.34 6.34
N ALA B 459 30.98 12.33 5.47
CA ALA B 459 32.33 12.90 5.44
C ALA B 459 32.70 13.64 6.71
N TRP B 460 31.72 14.12 7.51
CA TRP B 460 31.95 14.84 8.77
C TRP B 460 31.71 13.96 9.98
N LEU B 461 30.90 12.89 9.86
CA LEU B 461 30.59 12.05 11.00
C LEU B 461 31.32 10.71 10.99
N PHE B 462 31.60 10.12 9.80
CA PHE B 462 32.14 8.77 9.68
C PHE B 462 33.10 8.78 8.48
N PRO B 463 34.15 9.60 8.60
CA PRO B 463 34.99 9.88 7.42
C PRO B 463 35.67 8.64 6.87
N GLY B 464 36.04 7.71 7.76
CA GLY B 464 36.65 6.46 7.30
C GLY B 464 35.80 5.68 6.31
N LEU B 465 34.47 5.74 6.47
CA LEU B 465 33.57 5.16 5.49
C LEU B 465 33.77 5.81 4.13
N GLU B 466 33.76 7.14 4.08
CA GLU B 466 33.94 7.83 2.81
C GLU B 466 35.31 7.54 2.21
N ARG B 467 36.37 7.46 3.05
CA ARG B 467 37.68 7.21 2.49
C ARG B 467 37.72 5.84 1.85
N SER B 468 37.04 4.84 2.44
CA SER B 468 37.04 3.48 1.91
C SER B 468 36.38 3.45 0.52
N ALA B 469 35.37 4.32 0.29
CA ALA B 469 34.66 4.43 -0.96
C ALA B 469 35.54 5.15 -1.99
N ARG B 470 36.26 6.19 -1.56
CA ARG B 470 37.18 6.86 -2.48
C ARG B 470 38.19 5.83 -2.98
N ARG B 471 38.73 5.00 -2.07
CA ARG B 471 39.70 4.01 -2.51
C ARG B 471 39.14 3.10 -3.61
N ALA B 472 37.91 2.65 -3.46
CA ALA B 472 37.28 1.86 -4.50
C ALA B 472 37.21 2.60 -5.84
N GLU B 473 36.84 3.86 -5.81
CA GLU B 473 36.68 4.60 -7.06
C GLU B 473 38.01 4.83 -7.79
N TYR B 474 39.07 5.18 -7.04
CA TYR B 474 40.34 5.50 -7.69
C TYR B 474 41.14 4.24 -7.98
N LEU B 475 41.11 3.26 -7.09
CA LEU B 475 41.90 2.04 -7.31
C LEU B 475 41.21 1.07 -8.25
N LEU B 476 39.86 1.04 -8.30
CA LEU B 476 39.18 0.00 -9.04
C LEU B 476 38.40 0.52 -10.24
N GLU B 477 37.92 1.76 -10.22
CA GLU B 477 36.95 2.21 -11.20
C GLU B 477 37.50 3.31 -12.10
N THR B 478 38.82 3.57 -12.04
CA THR B 478 39.47 4.60 -12.85
C THR B 478 40.49 3.98 -13.78
N ASP B 479 40.30 4.19 -15.08
CA ASP B 479 41.19 3.52 -16.03
C ASP B 479 42.45 4.39 -16.18
N GLU B 480 43.34 3.87 -17.03
CA GLU B 480 44.65 4.45 -17.25
C GLU B 480 44.53 5.83 -17.92
N SER B 481 43.43 6.08 -18.66
CA SER B 481 43.18 7.34 -19.32
C SER B 481 42.60 8.38 -18.35
N GLY B 482 42.18 7.94 -17.15
CA GLY B 482 41.51 8.86 -16.26
C GLY B 482 39.97 8.85 -16.35
N ALA B 483 39.38 7.95 -17.16
CA ALA B 483 37.94 7.76 -17.23
C ALA B 483 37.55 6.96 -15.97
N GLN B 484 36.65 7.57 -15.19
CA GLN B 484 36.14 6.96 -13.96
C GLN B 484 34.68 6.58 -14.16
N LYS B 485 34.33 5.37 -13.72
CA LYS B 485 32.95 4.96 -13.72
C LYS B 485 32.21 5.78 -12.66
N PHE B 486 30.91 6.01 -12.92
CA PHE B 486 30.10 6.67 -11.89
C PHE B 486 29.18 5.70 -11.14
N ARG B 487 29.17 4.46 -11.54
CA ARG B 487 28.60 3.37 -10.73
C ARG B 487 29.61 2.24 -10.66
N GLY B 488 29.92 1.81 -9.45
CA GLY B 488 31.00 0.89 -9.17
C GLY B 488 30.51 -0.53 -8.96
N ASN B 489 31.08 -1.45 -9.72
CA ASN B 489 30.88 -2.89 -9.62
C ASN B 489 32.08 -3.64 -9.03
N ARG B 490 33.27 -3.07 -9.13
CA ARG B 490 34.51 -3.80 -8.82
C ARG B 490 34.69 -4.07 -7.33
N ILE B 491 33.96 -3.35 -6.44
CA ILE B 491 34.02 -3.74 -5.03
C ILE B 491 33.68 -5.21 -4.80
N PHE B 492 32.83 -5.82 -5.66
CA PHE B 492 32.46 -7.21 -5.49
C PHE B 492 33.42 -8.16 -6.22
N GLY B 493 34.42 -7.65 -6.95
CA GLY B 493 35.28 -8.48 -7.78
C GLY B 493 34.75 -8.64 -9.19
N ALA B 494 33.65 -7.96 -9.51
CA ALA B 494 32.97 -8.06 -10.77
C ALA B 494 33.58 -7.07 -11.75
N PRO B 495 33.52 -7.38 -13.06
CA PRO B 495 33.99 -6.43 -14.08
C PRO B 495 33.17 -5.14 -14.02
N ARG B 496 33.74 -4.08 -14.57
CA ARG B 496 33.18 -2.75 -14.49
C ARG B 496 31.93 -2.61 -15.37
N TRP B 497 31.04 -1.70 -14.94
CA TRP B 497 29.92 -1.27 -15.78
C TRP B 497 30.43 -0.66 -17.09
N PHE B 498 29.70 -0.87 -18.21
CA PHE B 498 30.22 -0.46 -19.51
C PHE B 498 29.99 1.03 -19.78
N ILE B 499 29.08 1.68 -19.05
CA ILE B 499 28.78 3.08 -19.30
C ILE B 499 29.95 3.94 -18.83
N GLY B 500 30.15 5.04 -19.54
CA GLY B 500 31.29 5.91 -19.36
C GLY B 500 31.05 6.99 -18.31
N PRO B 501 32.00 7.94 -18.17
CA PRO B 501 31.98 8.88 -17.06
C PRO B 501 30.90 9.96 -17.18
N ALA B 502 30.54 10.46 -16.00
CA ALA B 502 29.71 11.64 -15.88
C ALA B 502 30.59 12.80 -15.42
N VAL B 503 30.34 14.02 -15.93
CA VAL B 503 31.20 15.15 -15.60
C VAL B 503 31.07 15.56 -14.13
N ASP B 504 29.84 15.57 -13.61
CA ASP B 504 29.62 15.93 -12.20
C ASP B 504 30.09 14.81 -11.28
N GLY B 505 29.84 13.55 -11.65
CA GLY B 505 30.33 12.45 -10.83
C GLY B 505 31.85 12.38 -10.76
N GLN B 506 32.53 12.40 -11.93
CA GLN B 506 33.98 12.29 -11.95
C GLN B 506 34.67 13.43 -11.22
N LEU B 507 34.27 14.65 -11.52
CA LEU B 507 34.88 15.80 -10.87
C LEU B 507 34.39 16.00 -9.44
N GLY B 508 33.14 15.63 -9.15
CA GLY B 508 32.66 15.62 -7.76
C GLY B 508 33.43 14.65 -6.87
N THR B 509 33.85 13.52 -7.47
CA THR B 509 34.61 12.55 -6.70
C THR B 509 35.97 13.16 -6.38
N PHE B 510 36.59 13.85 -7.36
CA PHE B 510 37.85 14.52 -7.12
C PHE B 510 37.70 15.56 -6.00
N LEU B 511 36.63 16.34 -6.00
CA LEU B 511 36.33 17.25 -4.89
C LEU B 511 36.17 16.50 -3.56
N ARG B 512 35.57 15.32 -3.59
CA ARG B 512 35.45 14.53 -2.36
C ARG B 512 36.77 13.96 -1.91
N LEU B 513 37.67 13.62 -2.87
CA LEU B 513 38.99 13.19 -2.43
C LEU B 513 39.65 14.30 -1.62
N HIS B 514 39.55 15.53 -2.10
CA HIS B 514 40.09 16.70 -1.40
C HIS B 514 39.41 16.89 -0.04
N ARG B 515 38.08 16.77 0.01
CA ARG B 515 37.33 16.79 1.26
C ARG B 515 37.81 15.75 2.28
N GLU B 516 37.97 14.54 1.83
CA GLU B 516 38.39 13.45 2.70
C GLU B 516 39.79 13.71 3.22
N TRP B 517 40.67 14.10 2.31
CA TRP B 517 42.06 14.33 2.70
C TRP B 517 42.17 15.50 3.66
N ARG B 518 41.43 16.57 3.40
CA ARG B 518 41.43 17.70 4.28
C ARG B 518 40.89 17.32 5.67
N PHE B 519 39.91 16.41 5.70
CA PHE B 519 39.34 16.06 7.01
C PHE B 519 40.35 15.23 7.81
N CYS B 520 41.05 14.30 7.16
CA CYS B 520 41.84 13.33 7.90
C CYS B 520 43.31 13.70 7.97
N GLY B 521 43.86 14.46 7.04
CA GLY B 521 45.28 14.81 7.10
C GLY B 521 46.25 13.69 6.73
N ASP B 522 45.77 12.57 6.19
CA ASP B 522 46.58 11.40 5.93
C ASP B 522 47.11 11.49 4.50
N ASP B 523 48.39 11.85 4.37
CA ASP B 523 48.95 11.98 3.05
C ASP B 523 49.20 10.65 2.36
N GLU B 524 49.32 9.57 3.14
CA GLU B 524 49.45 8.26 2.54
C GLU B 524 48.15 7.81 1.85
N PHE B 525 47.02 8.11 2.47
CA PHE B 525 45.70 7.97 1.85
C PHE B 525 45.68 8.68 0.51
N LEU B 526 46.13 9.95 0.50
CA LEU B 526 46.06 10.73 -0.74
C LEU B 526 47.06 10.20 -1.77
N ARG B 527 48.31 9.90 -1.35
CA ARG B 527 49.32 9.46 -2.32
C ARG B 527 48.93 8.16 -3.02
N GLU B 528 48.23 7.26 -2.32
CA GLU B 528 47.89 5.97 -2.91
C GLU B 528 46.94 6.19 -4.09
N LEU B 529 46.07 7.20 -3.96
CA LEU B 529 45.04 7.47 -4.93
C LEU B 529 45.44 8.51 -5.97
N TRP B 530 46.58 9.16 -5.77
CA TRP B 530 46.94 10.35 -6.53
C TRP B 530 47.19 10.07 -8.01
N PRO B 531 47.90 9.01 -8.42
CA PRO B 531 48.07 8.83 -9.88
C PRO B 531 46.75 8.74 -10.65
N ALA B 532 45.80 7.98 -10.09
CA ALA B 532 44.52 7.86 -10.72
C ALA B 532 43.76 9.18 -10.65
N ALA B 533 43.73 9.78 -9.47
CA ALA B 533 42.96 10.99 -9.29
C ALA B 533 43.40 12.08 -10.23
N ALA B 534 44.73 12.33 -10.29
CA ALA B 534 45.26 13.34 -11.18
C ALA B 534 44.84 13.10 -12.63
N ARG B 535 44.83 11.82 -13.04
CA ARG B 535 44.40 11.47 -14.38
C ARG B 535 42.94 11.85 -14.61
N THR B 536 42.08 11.76 -13.57
CA THR B 536 40.67 12.05 -13.80
C THR B 536 40.42 13.53 -13.98
N LEU B 537 41.28 14.39 -13.38
CA LEU B 537 41.11 15.83 -13.53
C LEU B 537 41.66 16.24 -14.90
N ASP B 538 42.78 15.66 -15.30
CA ASP B 538 43.34 15.97 -16.62
C ASP B 538 42.41 15.49 -17.72
N TYR B 539 41.72 14.37 -17.51
CA TYR B 539 40.78 13.84 -18.49
C TYR B 539 39.81 14.92 -18.95
N ALA B 540 39.32 15.71 -18.00
CA ALA B 540 38.27 16.67 -18.25
C ALA B 540 38.71 17.68 -19.29
N ALA B 541 39.87 18.33 -19.08
CA ALA B 541 40.31 19.37 -19.99
C ALA B 541 40.64 18.77 -21.35
N ARG B 542 41.07 17.52 -21.37
CA ARG B 542 41.48 16.90 -22.62
C ARG B 542 40.30 16.41 -23.45
N GLU B 543 39.33 15.72 -22.80
CA GLU B 543 38.25 15.02 -23.48
C GLU B 543 36.96 15.83 -23.57
N TRP B 544 36.76 16.82 -22.69
CA TRP B 544 35.47 17.48 -22.59
C TRP B 544 35.49 18.95 -23.02
N ASP B 545 36.57 19.40 -23.66
CA ASP B 545 36.65 20.74 -24.20
C ASP B 545 37.03 20.63 -25.67
N HIS B 546 36.04 20.69 -26.56
CA HIS B 546 36.23 20.34 -27.96
C HIS B 546 36.64 21.56 -28.78
N ASP B 547 36.50 22.76 -28.23
CA ASP B 547 36.73 23.98 -29.00
C ASP B 547 37.94 24.71 -28.42
N GLY B 548 38.65 24.03 -27.50
CA GLY B 548 39.91 24.46 -26.92
C GLY B 548 39.86 25.85 -26.28
N ASP B 549 38.73 26.23 -25.67
CA ASP B 549 38.61 27.51 -25.02
C ASP B 549 38.78 27.41 -23.50
N GLY B 550 38.96 26.20 -22.97
CA GLY B 550 39.06 26.01 -21.53
C GLY B 550 37.73 25.64 -20.85
N LEU B 551 36.61 25.96 -21.49
CA LEU B 551 35.29 25.63 -20.95
C LEU B 551 34.90 24.28 -21.52
N LEU B 552 34.42 23.40 -20.62
CA LEU B 552 33.91 22.12 -21.02
C LEU B 552 32.61 22.35 -21.79
N ASP B 553 32.48 21.62 -22.87
CA ASP B 553 31.46 21.86 -23.86
C ASP B 553 31.05 20.55 -24.50
N GLY B 554 29.92 20.62 -25.19
CA GLY B 554 29.39 19.46 -25.85
C GLY B 554 28.77 18.48 -24.86
N GLU B 555 28.60 17.27 -25.36
CA GLU B 555 27.77 16.26 -24.72
C GLU B 555 28.48 15.76 -23.46
N MET B 556 27.85 15.97 -22.28
CA MET B 556 28.39 15.41 -21.06
C MET B 556 27.21 14.93 -20.22
N HIS B 557 27.33 13.71 -19.73
CA HIS B 557 26.29 13.10 -18.88
C HIS B 557 26.38 13.65 -17.46
N ASN B 558 25.21 13.72 -16.80
CA ASN B 558 25.11 14.32 -15.47
C ASN B 558 24.05 13.57 -14.65
N THR B 559 23.84 14.10 -13.44
CA THR B 559 22.93 13.51 -12.47
C THR B 559 21.48 13.57 -12.94
N TYR B 560 21.19 14.40 -13.96
CA TYR B 560 19.82 14.47 -14.46
C TYR B 560 19.56 13.35 -15.45
N ASP B 561 20.49 12.39 -15.60
CA ASP B 561 20.28 11.18 -16.42
C ASP B 561 20.20 11.48 -17.92
N ILE B 562 20.64 12.70 -18.29
CA ILE B 562 20.66 13.15 -19.68
C ILE B 562 22.03 13.77 -19.91
N GLU B 563 22.27 14.25 -21.13
CA GLU B 563 23.49 14.97 -21.43
C GLU B 563 23.11 16.40 -21.77
N PHE B 564 23.87 17.32 -21.16
CA PHE B 564 23.80 18.70 -21.59
C PHE B 564 24.77 18.87 -22.76
N HIS B 565 24.38 19.79 -23.65
CA HIS B 565 25.20 20.18 -24.79
C HIS B 565 25.62 21.62 -24.58
N GLY B 566 26.19 22.23 -25.65
CA GLY B 566 26.57 23.61 -25.49
C GLY B 566 27.65 23.79 -24.43
N VAL B 567 27.58 24.93 -23.75
CA VAL B 567 28.52 25.25 -22.70
C VAL B 567 27.70 25.77 -21.52
N GLU B 568 27.92 25.18 -20.33
CA GLU B 568 27.01 25.46 -19.24
C GLU B 568 27.70 25.37 -17.89
N PRO B 569 27.12 26.05 -16.87
CA PRO B 569 27.79 26.21 -15.58
C PRO B 569 27.86 25.00 -14.65
N LEU B 570 26.91 24.05 -14.74
CA LEU B 570 27.05 22.91 -13.81
C LEU B 570 28.42 22.27 -13.99
N SER B 571 28.75 21.83 -15.22
CA SER B 571 30.01 21.17 -15.51
C SER B 571 31.19 22.11 -15.25
N ASN B 572 31.06 23.37 -15.67
CA ASN B 572 32.21 24.25 -15.70
C ASN B 572 32.59 24.75 -14.33
N ILE B 573 31.60 25.02 -13.45
CA ILE B 573 31.91 25.54 -12.13
C ILE B 573 32.39 24.38 -11.24
N ILE B 574 31.84 23.16 -11.43
CA ILE B 574 32.43 22.02 -10.77
C ILE B 574 33.89 21.87 -11.20
N HIS B 575 34.17 21.99 -12.49
CA HIS B 575 35.56 21.86 -12.97
C HIS B 575 36.48 22.89 -12.33
N LEU B 576 35.99 24.13 -12.22
CA LEU B 576 36.77 25.18 -11.59
C LEU B 576 37.09 24.77 -10.14
N ALA B 577 36.07 24.31 -9.40
CA ALA B 577 36.26 23.92 -8.03
C ALA B 577 37.30 22.80 -7.92
N ALA B 578 37.21 21.80 -8.79
CA ALA B 578 38.07 20.64 -8.75
C ALA B 578 39.51 21.07 -9.04
N LEU B 579 39.68 22.02 -9.95
CA LEU B 579 41.02 22.51 -10.27
C LEU B 579 41.63 23.22 -9.07
N ARG B 580 40.86 24.07 -8.40
CA ARG B 580 41.35 24.71 -7.19
C ARG B 580 41.74 23.70 -6.12
N ALA B 581 40.89 22.67 -5.88
CA ALA B 581 41.25 21.61 -4.97
C ALA B 581 42.51 20.86 -5.41
N GLY B 582 42.60 20.56 -6.70
CA GLY B 582 43.74 19.90 -7.30
C GLY B 582 45.06 20.64 -7.05
N VAL B 583 45.02 21.97 -7.13
CA VAL B 583 46.21 22.76 -6.91
C VAL B 583 46.66 22.60 -5.45
N ARG B 584 45.72 22.65 -4.49
CA ARG B 584 46.02 22.43 -3.08
C ARG B 584 46.70 21.07 -2.87
N MET B 585 46.13 19.98 -3.43
CA MET B 585 46.65 18.66 -3.19
C MET B 585 48.01 18.51 -3.91
N ALA B 586 48.07 18.91 -5.18
CA ALA B 586 49.29 18.79 -5.99
C ALA B 586 50.46 19.53 -5.31
N GLY B 587 50.19 20.73 -4.85
CA GLY B 587 51.24 21.53 -4.21
C GLY B 587 51.72 20.90 -2.92
N HIS B 588 50.80 20.38 -2.08
CA HIS B 588 51.20 19.74 -0.85
C HIS B 588 52.06 18.50 -1.17
N LEU B 589 51.69 17.69 -2.16
CA LEU B 589 52.39 16.46 -2.49
C LEU B 589 53.74 16.73 -3.17
N GLY B 590 53.97 17.98 -3.62
CA GLY B 590 55.19 18.33 -4.33
C GLY B 590 55.09 18.00 -5.81
N ASP B 591 53.86 17.84 -6.29
CA ASP B 591 53.58 17.62 -7.68
C ASP B 591 53.51 19.01 -8.33
N THR B 592 54.69 19.63 -8.54
CA THR B 592 54.75 21.06 -8.79
C THR B 592 54.26 21.34 -10.21
N ALA B 593 54.45 20.36 -11.12
CA ALA B 593 54.04 20.42 -12.53
C ALA B 593 52.52 20.56 -12.65
N ARG B 594 51.81 19.68 -11.95
CA ARG B 594 50.37 19.73 -11.98
C ARG B 594 49.87 20.94 -11.22
N ALA B 595 50.48 21.27 -10.08
CA ALA B 595 50.06 22.45 -9.33
C ALA B 595 50.05 23.67 -10.24
N GLN B 596 51.14 23.87 -11.00
CA GLN B 596 51.20 25.07 -11.82
C GLN B 596 50.24 24.99 -13.01
N GLU B 597 50.16 23.83 -13.64
CA GLU B 597 49.31 23.64 -14.81
C GLU B 597 47.85 23.85 -14.42
N TRP B 598 47.44 23.30 -13.27
CA TRP B 598 46.05 23.41 -12.84
C TRP B 598 45.72 24.81 -12.36
N ALA B 599 46.68 25.49 -11.72
CA ALA B 599 46.45 26.86 -11.29
C ALA B 599 46.26 27.81 -12.46
N LEU B 600 47.05 27.61 -13.54
CA LEU B 600 46.85 28.39 -14.76
C LEU B 600 45.49 28.07 -15.35
N ARG B 601 45.16 26.77 -15.39
CA ARG B 601 43.90 26.34 -16.02
C ARG B 601 42.74 26.91 -15.22
N ALA B 602 42.85 26.89 -13.90
CA ALA B 602 41.78 27.40 -13.06
C ALA B 602 41.54 28.89 -13.27
N ASP B 603 42.62 29.71 -13.34
CA ASP B 603 42.41 31.12 -13.57
C ASP B 603 41.78 31.36 -14.95
N HIS B 604 42.19 30.59 -15.95
CA HIS B 604 41.62 30.75 -17.29
C HIS B 604 40.14 30.39 -17.29
N VAL B 605 39.80 29.28 -16.62
CA VAL B 605 38.41 28.83 -16.54
C VAL B 605 37.52 29.84 -15.85
N ALA B 606 37.96 30.43 -14.75
CA ALA B 606 37.19 31.41 -14.01
C ALA B 606 36.91 32.62 -14.91
N ALA B 607 37.96 33.07 -15.64
CA ALA B 607 37.79 34.20 -16.55
C ALA B 607 36.76 33.86 -17.63
N ALA B 608 36.82 32.65 -18.18
CA ALA B 608 35.99 32.23 -19.28
C ALA B 608 34.54 32.06 -18.83
N ILE B 609 34.34 31.52 -17.61
CA ILE B 609 32.99 31.40 -17.07
C ILE B 609 32.37 32.78 -17.01
N GLU B 610 33.14 33.77 -16.51
CA GLU B 610 32.62 35.12 -16.34
C GLU B 610 32.35 35.77 -17.70
N GLY B 611 33.19 35.46 -18.71
CA GLY B 611 33.05 36.06 -20.02
C GLY B 611 31.96 35.44 -20.88
N VAL B 612 31.65 34.15 -20.64
CA VAL B 612 30.73 33.40 -21.49
C VAL B 612 29.41 33.07 -20.78
N LEU B 613 29.48 32.51 -19.57
CA LEU B 613 28.31 31.86 -19.00
C LEU B 613 27.49 32.83 -18.17
N TRP B 614 28.18 33.83 -17.58
CA TRP B 614 27.51 34.87 -16.83
C TRP B 614 26.70 35.79 -17.76
N ASN B 615 25.48 36.15 -17.36
CA ASN B 615 24.61 36.96 -18.20
C ASN B 615 24.32 38.30 -17.51
N GLY B 616 25.04 38.63 -16.45
CA GLY B 616 24.83 39.86 -15.71
C GLY B 616 23.96 39.69 -14.48
N GLU B 617 23.36 38.47 -14.33
CA GLU B 617 22.52 38.18 -13.16
C GLU B 617 22.79 36.76 -12.61
N TYR B 618 22.93 35.80 -13.52
CA TYR B 618 23.18 34.40 -13.15
C TYR B 618 24.01 33.79 -14.27
N TYR B 619 24.34 32.50 -14.11
CA TYR B 619 25.13 31.74 -15.05
C TYR B 619 24.15 30.83 -15.79
N ARG B 620 24.33 30.65 -17.09
CA ARG B 620 23.35 29.88 -17.85
C ARG B 620 24.02 29.13 -18.99
N GLN B 621 23.24 28.29 -19.68
CA GLN B 621 23.73 27.51 -20.80
C GLN B 621 23.71 28.35 -22.08
N VAL B 622 24.89 28.38 -22.72
CA VAL B 622 25.08 29.01 -24.02
C VAL B 622 25.02 27.92 -25.09
N ILE B 623 24.00 28.00 -25.94
CA ILE B 623 23.74 26.99 -26.95
C ILE B 623 23.06 27.70 -28.13
N ASP B 624 23.29 27.23 -29.36
CA ASP B 624 22.76 27.88 -30.56
C ASP B 624 21.24 27.92 -30.53
N ASP B 625 20.65 26.75 -30.24
CA ASP B 625 19.22 26.57 -30.27
C ASP B 625 18.83 25.66 -29.10
N VAL B 626 18.13 26.18 -28.10
CA VAL B 626 17.80 25.38 -26.93
C VAL B 626 16.91 24.17 -27.27
N ASP B 627 16.25 24.18 -28.44
CA ASP B 627 15.41 23.07 -28.87
C ASP B 627 16.13 22.12 -29.85
N ALA B 628 17.35 22.43 -30.34
CA ALA B 628 18.01 21.55 -31.31
C ALA B 628 18.19 20.13 -30.78
N HIS B 629 18.55 20.03 -29.47
CA HIS B 629 18.67 18.78 -28.74
C HIS B 629 17.65 18.80 -27.60
N ARG B 630 17.00 17.65 -27.36
CA ARG B 630 16.13 17.53 -26.20
C ARG B 630 16.94 17.69 -24.93
N TYR B 631 16.22 18.13 -23.88
CA TYR B 631 16.64 18.04 -22.49
C TYR B 631 17.67 19.10 -22.12
N GLN B 632 17.59 20.28 -22.75
CA GLN B 632 18.50 21.37 -22.40
C GLN B 632 17.80 22.39 -21.50
N TYR B 633 18.43 23.54 -21.24
CA TYR B 633 17.76 24.60 -20.51
C TYR B 633 18.10 26.03 -20.93
N GLY B 634 19.21 26.25 -21.65
CA GLY B 634 19.52 27.57 -22.21
C GLY B 634 19.47 28.70 -21.17
N ASP B 635 18.63 29.71 -21.38
CA ASP B 635 18.58 30.87 -20.49
C ASP B 635 17.70 30.65 -19.26
N GLY B 636 17.28 29.40 -19.01
CA GLY B 636 16.67 29.11 -17.73
C GLY B 636 17.68 29.24 -16.61
N VAL B 637 17.15 29.34 -15.38
CA VAL B 637 17.91 29.40 -14.16
C VAL B 637 18.02 27.99 -13.59
N LEU B 638 19.24 27.45 -13.60
CA LEU B 638 19.48 26.10 -13.13
C LEU B 638 19.86 26.20 -11.67
N SER B 639 19.06 25.57 -10.79
CA SER B 639 19.35 25.62 -9.36
C SER B 639 20.74 25.10 -8.98
N ASP B 640 21.24 24.09 -9.70
CA ASP B 640 22.55 23.51 -9.45
C ASP B 640 23.71 24.27 -10.14
N GLN B 641 23.45 25.45 -10.74
CA GLN B 641 24.50 26.08 -11.55
C GLN B 641 25.78 26.30 -10.73
N LEU B 642 25.60 26.54 -9.41
CA LEU B 642 26.71 26.81 -8.52
C LEU B 642 27.02 25.62 -7.62
N LEU B 643 26.74 24.37 -8.08
CA LEU B 643 27.06 23.20 -7.28
C LEU B 643 28.57 23.18 -6.98
N GLY B 644 29.43 23.56 -7.94
CA GLY B 644 30.86 23.59 -7.68
C GLY B 644 31.21 24.51 -6.52
N GLN B 645 30.49 25.62 -6.38
CA GLN B 645 30.69 26.57 -5.32
C GLN B 645 30.25 26.06 -3.95
N PHE B 646 29.21 25.22 -3.92
CA PHE B 646 28.86 24.49 -2.70
C PHE B 646 30.03 23.66 -2.22
N HIS B 647 30.64 22.89 -3.14
CA HIS B 647 31.80 22.09 -2.75
C HIS B 647 32.94 22.99 -2.29
N ALA B 648 33.19 24.06 -3.04
CA ALA B 648 34.30 24.93 -2.74
C ALA B 648 34.17 25.52 -1.33
N PHE B 649 32.98 25.99 -0.97
CA PHE B 649 32.73 26.54 0.34
C PHE B 649 33.04 25.52 1.42
N LEU B 650 32.49 24.31 1.26
CA LEU B 650 32.70 23.27 2.26
C LEU B 650 34.15 22.82 2.36
N GLY B 651 34.90 22.96 1.26
CA GLY B 651 36.29 22.53 1.16
C GLY B 651 37.31 23.60 1.53
N GLY B 652 36.84 24.75 2.02
CA GLY B 652 37.74 25.80 2.46
C GLY B 652 38.35 26.57 1.31
N LEU B 653 37.77 26.49 0.13
CA LEU B 653 38.30 27.11 -1.08
C LEU B 653 37.70 28.50 -1.31
N GLY B 654 36.74 28.90 -0.48
CA GLY B 654 36.10 30.20 -0.61
C GLY B 654 35.34 30.40 -1.91
N TYR B 655 35.16 31.67 -2.28
CA TYR B 655 34.50 32.01 -3.53
C TYR B 655 35.37 31.66 -4.74
N LEU B 656 34.76 31.04 -5.74
CA LEU B 656 35.44 30.68 -6.98
C LEU B 656 35.38 31.78 -8.04
N LEU B 657 34.38 32.63 -7.90
CA LEU B 657 34.01 33.63 -8.89
C LEU B 657 33.78 34.89 -8.09
N PRO B 658 33.63 36.07 -8.74
CA PRO B 658 33.43 37.30 -7.97
C PRO B 658 32.27 37.18 -7.01
N GLU B 659 32.48 37.58 -5.76
CA GLU B 659 31.52 37.44 -4.69
C GLU B 659 30.14 37.99 -5.09
N ALA B 660 30.12 39.18 -5.71
CA ALA B 660 28.84 39.81 -6.05
C ALA B 660 28.11 39.03 -7.13
N HIS B 661 28.84 38.37 -8.02
CA HIS B 661 28.27 37.55 -9.08
C HIS B 661 27.68 36.26 -8.50
N VAL B 662 28.42 35.65 -7.56
CA VAL B 662 27.96 34.43 -6.90
C VAL B 662 26.68 34.72 -6.08
N ARG B 663 26.64 35.82 -5.35
CA ARG B 663 25.47 36.20 -4.58
CA ARG B 663 25.47 36.20 -4.58
C ARG B 663 24.32 36.56 -5.53
N SER B 664 24.61 37.23 -6.65
CA SER B 664 23.55 37.55 -7.61
C SER B 664 22.88 36.28 -8.16
N ALA B 665 23.73 35.30 -8.51
CA ALA B 665 23.25 34.06 -9.07
C ALA B 665 22.40 33.33 -8.02
N LEU B 666 22.94 33.19 -6.80
CA LEU B 666 22.19 32.53 -5.74
C LEU B 666 20.84 33.24 -5.53
N ASP B 667 20.83 34.58 -5.52
CA ASP B 667 19.62 35.36 -5.39
C ASP B 667 18.63 35.07 -6.53
N ALA B 668 19.14 34.89 -7.75
CA ALA B 668 18.30 34.56 -8.89
C ALA B 668 17.67 33.18 -8.71
N ILE B 669 18.46 32.23 -8.21
CA ILE B 669 17.92 30.89 -7.97
C ILE B 669 16.76 30.98 -6.99
N VAL B 670 16.94 31.72 -5.90
CA VAL B 670 15.91 31.85 -4.88
C VAL B 670 14.70 32.60 -5.46
N GLN B 671 14.98 33.76 -6.08
CA GLN B 671 13.90 34.58 -6.59
C GLN B 671 13.04 33.84 -7.61
N HIS B 672 13.67 33.16 -8.56
CA HIS B 672 12.97 32.62 -9.71
C HIS B 672 12.53 31.17 -9.50
N ASN B 673 13.29 30.39 -8.73
CA ASN B 673 13.04 28.95 -8.69
C ASN B 673 12.32 28.52 -7.43
N HIS B 674 12.28 29.35 -6.40
CA HIS B 674 11.66 28.96 -5.15
C HIS B 674 10.18 29.29 -5.22
N ARG B 675 9.32 28.30 -4.97
CA ARG B 675 7.88 28.47 -5.03
C ARG B 675 7.32 28.27 -3.62
N GLY B 676 6.48 29.21 -3.19
CA GLY B 676 5.78 29.09 -1.92
C GLY B 676 4.57 28.16 -1.96
N ASP B 677 4.03 27.96 -3.18
CA ASP B 677 2.79 27.24 -3.39
C ASP B 677 2.91 26.59 -4.76
N LEU B 678 2.57 25.29 -4.89
CA LEU B 678 2.71 24.59 -6.16
C LEU B 678 1.38 24.24 -6.83
N ARG B 679 0.28 24.85 -6.41
CA ARG B 679 -0.99 24.33 -6.89
C ARG B 679 -1.18 24.65 -8.35
N ASP B 680 -0.51 25.68 -8.89
CA ASP B 680 -0.68 26.01 -10.30
C ASP B 680 0.50 25.58 -11.15
N HIS B 681 1.48 24.85 -10.56
CA HIS B 681 2.64 24.40 -11.29
C HIS B 681 2.23 23.35 -12.33
N GLU B 682 2.85 23.40 -13.49
CA GLU B 682 2.45 22.54 -14.59
C GLU B 682 3.59 21.61 -14.97
N SER B 683 3.65 20.46 -14.29
CA SER B 683 4.74 19.51 -14.46
C SER B 683 4.22 18.16 -14.92
N THR B 684 4.84 17.60 -15.94
CA THR B 684 4.63 16.20 -16.33
C THR B 684 5.71 15.28 -15.75
N GLN B 685 6.32 15.66 -14.64
CA GLN B 685 7.44 14.93 -14.09
C GLN B 685 7.08 14.28 -12.76
N ARG B 686 8.07 13.77 -12.01
CA ARG B 686 7.77 13.06 -10.77
C ARG B 686 7.48 14.06 -9.69
N VAL B 687 6.76 13.64 -8.64
CA VAL B 687 6.27 14.57 -7.62
C VAL B 687 6.84 14.28 -6.22
N TYR B 688 7.62 15.24 -5.70
CA TYR B 688 8.18 15.25 -4.35
C TYR B 688 7.72 16.47 -3.53
N ALA B 689 6.80 17.23 -4.12
CA ALA B 689 6.27 18.48 -3.60
C ALA B 689 5.06 18.83 -4.49
N LEU B 690 3.94 19.21 -3.86
CA LEU B 690 2.73 19.46 -4.64
C LEU B 690 1.74 20.23 -3.76
N ASN B 691 0.65 20.64 -4.41
CA ASN B 691 -0.48 21.23 -3.70
C ASN B 691 -0.03 22.53 -3.05
N ASP B 692 -0.43 22.75 -1.80
CA ASP B 692 -0.06 23.96 -1.10
C ASP B 692 1.34 23.91 -0.50
N GLU B 693 2.14 22.91 -0.85
CA GLU B 693 3.53 22.91 -0.43
C GLU B 693 4.34 23.90 -1.28
N GLY B 694 5.51 24.23 -0.76
CA GLY B 694 6.48 24.96 -1.55
C GLY B 694 7.73 24.13 -1.80
N GLY B 695 8.67 24.68 -2.57
CA GLY B 695 9.95 24.01 -2.79
C GLY B 695 10.78 24.75 -3.83
N LEU B 696 12.05 24.35 -3.93
CA LEU B 696 12.90 24.87 -4.96
C LEU B 696 12.89 23.98 -6.20
N LEU B 697 12.36 24.50 -7.31
CA LEU B 697 12.38 23.78 -8.57
C LEU B 697 13.81 23.61 -9.05
N LEU B 698 14.05 22.54 -9.84
CA LEU B 698 15.36 22.30 -10.40
C LEU B 698 15.75 23.43 -11.38
N ALA B 699 14.76 23.94 -12.12
CA ALA B 699 14.99 25.02 -13.06
C ALA B 699 13.69 25.74 -13.34
N SER B 700 13.80 27.01 -13.76
CA SER B 700 12.66 27.72 -14.30
C SER B 700 13.17 28.72 -15.33
N TRP B 701 12.21 29.34 -16.02
CA TRP B 701 12.50 30.18 -17.16
C TRP B 701 11.88 31.56 -16.97
N PRO B 702 12.38 32.38 -16.01
CA PRO B 702 11.77 33.67 -15.74
C PRO B 702 11.84 34.65 -16.91
N GLU B 703 12.85 34.50 -17.80
CA GLU B 703 13.05 35.41 -18.92
C GLU B 703 12.69 34.68 -20.20
N GLY B 704 11.85 33.65 -20.10
CA GLY B 704 11.48 32.87 -21.27
C GLY B 704 12.57 31.88 -21.71
N GLY B 705 12.44 31.36 -22.94
CA GLY B 705 13.42 30.45 -23.50
C GLY B 705 13.27 29.01 -23.00
N ARG B 706 12.09 28.68 -22.45
CA ARG B 706 11.83 27.31 -21.99
C ARG B 706 11.77 26.42 -23.22
N PRO B 707 12.51 25.30 -23.22
CA PRO B 707 12.45 24.36 -24.34
C PRO B 707 11.09 23.63 -24.34
N ALA B 708 10.75 23.05 -25.50
CA ALA B 708 9.57 22.20 -25.57
C ALA B 708 9.74 20.99 -24.64
N LEU B 709 10.95 20.38 -24.67
CA LEU B 709 11.31 19.22 -23.85
C LEU B 709 12.56 19.54 -23.04
N PRO B 710 12.41 20.25 -21.92
CA PRO B 710 13.54 20.51 -21.03
C PRO B 710 14.05 19.23 -20.41
N PHE B 711 15.17 19.33 -19.70
CA PHE B 711 15.64 18.13 -19.03
C PHE B 711 14.53 17.59 -18.15
N VAL B 712 14.62 16.28 -17.92
CA VAL B 712 13.48 15.43 -17.61
C VAL B 712 13.01 15.61 -16.16
N TYR B 713 13.80 16.34 -15.36
CA TYR B 713 13.51 16.55 -13.93
C TYR B 713 13.45 18.05 -13.61
N ALA B 714 13.50 18.94 -14.63
CA ALA B 714 13.56 20.38 -14.43
C ALA B 714 12.46 20.94 -13.54
N ASP B 715 11.25 20.37 -13.67
CA ASP B 715 10.09 20.88 -12.99
C ASP B 715 9.85 20.20 -11.63
N GLU B 716 10.80 19.34 -11.22
CA GLU B 716 10.73 18.64 -9.96
C GLU B 716 11.38 19.47 -8.85
N VAL B 717 11.26 18.95 -7.61
CA VAL B 717 11.87 19.45 -6.42
C VAL B 717 12.65 18.33 -5.75
N TRP B 718 13.97 18.51 -5.58
CA TRP B 718 14.83 17.55 -4.92
C TRP B 718 15.36 18.16 -3.64
N THR B 719 15.20 17.43 -2.52
CA THR B 719 15.70 18.00 -1.26
C THR B 719 17.20 18.18 -1.33
N GLY B 720 17.95 17.28 -2.02
CA GLY B 720 19.39 17.42 -2.04
C GLY B 720 19.84 18.75 -2.65
N ILE B 721 19.11 19.19 -3.66
CA ILE B 721 19.40 20.45 -4.36
C ILE B 721 18.93 21.62 -3.51
N GLU B 722 17.78 21.51 -2.83
CA GLU B 722 17.38 22.52 -1.85
C GLU B 722 18.46 22.71 -0.78
N HIS B 723 18.94 21.60 -0.26
CA HIS B 723 19.98 21.64 0.75
C HIS B 723 21.24 22.30 0.22
N GLN B 724 21.77 21.89 -0.92
CA GLN B 724 23.05 22.44 -1.37
C GLN B 724 22.91 23.95 -1.58
N VAL B 725 21.80 24.40 -2.20
CA VAL B 725 21.58 25.84 -2.39
C VAL B 725 21.46 26.56 -1.06
N ALA B 726 20.75 26.00 -0.09
CA ALA B 726 20.64 26.58 1.23
C ALA B 726 22.01 26.69 1.92
N VAL B 727 22.84 25.66 1.73
CA VAL B 727 24.18 25.69 2.31
C VAL B 727 24.97 26.86 1.70
N SER B 728 24.95 26.95 0.37
CA SER B 728 25.64 28.05 -0.34
C SER B 728 25.13 29.42 0.12
N LEU B 729 23.82 29.57 0.26
CA LEU B 729 23.24 30.81 0.77
C LEU B 729 23.76 31.12 2.18
N LEU B 730 23.92 30.14 3.08
CA LEU B 730 24.51 30.40 4.38
C LEU B 730 25.92 30.98 4.23
N PHE B 731 26.75 30.31 3.41
CA PHE B 731 28.12 30.78 3.25
C PHE B 731 28.10 32.18 2.64
N ALA B 732 27.16 32.50 1.75
CA ALA B 732 27.10 33.82 1.09
C ALA B 732 26.48 34.89 1.98
N GLY B 733 26.05 34.54 3.21
CA GLY B 733 25.44 35.49 4.12
C GLY B 733 23.94 35.69 3.95
N ARG B 734 23.29 34.92 3.06
CA ARG B 734 21.87 35.05 2.76
C ARG B 734 21.12 34.10 3.70
N TYR B 735 21.16 34.41 4.99
CA TYR B 735 20.60 33.57 6.02
C TYR B 735 19.09 33.39 5.85
N ASP B 736 18.36 34.50 5.73
CA ASP B 736 16.89 34.41 5.72
C ASP B 736 16.40 33.53 4.58
N ASP B 737 17.04 33.60 3.44
CA ASP B 737 16.65 32.80 2.29
C ASP B 737 16.99 31.32 2.50
N ALA B 738 18.15 31.05 3.09
CA ALA B 738 18.50 29.66 3.42
C ALA B 738 17.46 29.08 4.37
N LEU B 739 17.12 29.85 5.40
CA LEU B 739 16.14 29.37 6.37
C LEU B 739 14.79 29.15 5.70
N ARG B 740 14.37 30.05 4.84
CA ARG B 740 13.09 29.83 4.14
C ARG B 740 13.08 28.58 3.27
N ILE B 741 14.15 28.32 2.54
CA ILE B 741 14.25 27.08 1.80
C ILE B 741 14.05 25.88 2.73
N GLU B 742 14.80 25.83 3.83
CA GLU B 742 14.81 24.71 4.72
C GLU B 742 13.48 24.58 5.45
N ARG B 743 12.85 25.72 5.83
CA ARG B 743 11.59 25.63 6.53
C ARG B 743 10.56 25.03 5.58
N THR B 744 10.59 25.50 4.34
CA THR B 744 9.62 25.09 3.34
C THR B 744 9.81 23.60 3.04
N LEU B 745 11.06 23.13 2.87
CA LEU B 745 11.25 21.72 2.54
C LEU B 745 10.94 20.82 3.74
N ARG B 746 11.30 21.21 4.95
CA ARG B 746 11.08 20.35 6.10
C ARG B 746 9.59 20.30 6.43
N ALA B 747 8.84 21.37 6.07
CA ALA B 747 7.40 21.33 6.24
C ALA B 747 6.78 20.20 5.44
N ARG B 748 7.36 19.85 4.30
CA ARG B 748 6.91 18.74 3.48
C ARG B 748 7.11 17.41 4.19
N TYR B 749 8.01 17.40 5.17
CA TYR B 749 8.40 16.21 5.91
C TYR B 749 8.10 16.39 7.40
N ASP B 750 7.01 17.07 7.74
CA ASP B 750 6.71 17.34 9.13
C ASP B 750 5.77 16.29 9.72
N GLY B 751 5.45 15.24 8.98
CA GLY B 751 4.55 14.21 9.47
C GLY B 751 3.12 14.28 8.95
N ALA B 752 2.69 15.42 8.44
CA ALA B 752 1.33 15.47 7.94
C ALA B 752 1.16 14.61 6.69
N HIS B 753 2.18 14.55 5.84
CA HIS B 753 2.11 13.84 4.57
C HIS B 753 3.30 12.90 4.33
N ARG B 754 4.44 13.22 4.96
CA ARG B 754 5.67 12.47 4.79
C ARG B 754 6.40 12.49 6.13
N SER B 755 7.37 11.59 6.29
CA SER B 755 8.10 11.40 7.53
C SER B 755 9.31 12.29 7.70
N PRO B 756 9.51 12.88 8.87
CA PRO B 756 10.72 13.70 9.10
C PRO B 756 12.02 12.95 8.81
N TRP B 757 12.00 11.63 9.01
CA TRP B 757 13.23 10.84 8.95
C TRP B 757 13.40 10.13 7.60
N ASN B 758 12.61 10.55 6.57
CA ASN B 758 12.76 9.97 5.24
C ASN B 758 12.48 11.02 4.16
N GLU B 759 13.52 11.73 3.74
CA GLU B 759 13.45 12.55 2.56
C GLU B 759 13.71 11.64 1.35
N ILE B 760 12.86 11.85 0.33
CA ILE B 760 12.70 10.97 -0.82
C ILE B 760 13.12 11.65 -2.10
N GLU B 761 13.62 10.82 -3.02
CA GLU B 761 13.79 11.22 -4.41
C GLU B 761 13.62 9.92 -5.18
N CYS B 762 14.65 9.37 -5.86
CA CYS B 762 14.53 8.07 -6.48
C CYS B 762 14.79 7.01 -5.42
N GLY B 763 13.78 6.84 -4.55
CA GLY B 763 13.90 6.01 -3.36
C GLY B 763 13.73 6.79 -2.07
N ASN B 764 13.35 6.01 -1.06
CA ASN B 764 13.39 6.44 0.32
C ASN B 764 14.85 6.66 0.78
N HIS B 765 15.02 7.47 1.82
CA HIS B 765 16.30 7.58 2.49
C HIS B 765 17.37 7.88 1.41
N TYR B 766 17.10 8.92 0.63
CA TYR B 766 17.85 9.21 -0.57
C TYR B 766 19.18 9.89 -0.20
N ALA B 767 20.25 9.40 -0.83
CA ALA B 767 21.57 9.85 -0.47
C ALA B 767 21.76 11.35 -0.67
N ARG B 768 21.13 11.95 -1.68
CA ARG B 768 21.31 13.37 -1.97
C ARG B 768 20.88 14.23 -0.77
N SER B 769 19.98 13.68 0.07
CA SER B 769 19.48 14.38 1.21
C SER B 769 20.56 14.63 2.26
N LEU B 770 21.66 13.88 2.19
CA LEU B 770 22.82 14.08 3.06
C LEU B 770 23.63 15.32 2.71
N ALA B 771 23.21 16.10 1.73
CA ALA B 771 23.76 17.43 1.53
C ALA B 771 23.45 18.32 2.74
N SER B 772 22.41 17.95 3.50
CA SER B 772 21.94 18.68 4.66
C SER B 772 23.02 18.92 5.70
N TRP B 773 24.00 18.02 5.84
CA TRP B 773 25.03 18.26 6.82
C TRP B 773 25.69 19.64 6.62
N GLY B 774 25.82 20.06 5.35
CA GLY B 774 26.48 21.31 5.03
C GLY B 774 25.80 22.49 5.72
N LEU B 775 24.51 22.34 6.12
CA LEU B 775 23.87 23.43 6.85
C LEU B 775 24.60 23.71 8.17
N LEU B 776 25.07 22.70 8.90
CA LEU B 776 25.79 22.93 10.14
C LEU B 776 27.10 23.62 9.83
N ILE B 777 27.76 23.16 8.78
CA ILE B 777 29.05 23.69 8.38
C ILE B 777 28.91 25.16 7.99
N GLY B 778 27.93 25.45 7.16
CA GLY B 778 27.68 26.80 6.68
C GLY B 778 27.25 27.73 7.80
N ALA B 779 26.37 27.26 8.67
CA ALA B 779 25.81 28.11 9.72
C ALA B 779 26.93 28.51 10.70
N SER B 780 27.80 27.56 11.00
CA SER B 780 28.90 27.73 11.96
C SER B 780 30.16 28.32 11.30
N GLY B 781 30.24 28.23 9.98
CA GLY B 781 31.44 28.55 9.23
C GLY B 781 32.63 27.67 9.59
N ALA B 782 32.34 26.40 9.92
CA ALA B 782 33.38 25.48 10.38
C ALA B 782 34.34 25.17 9.24
N GLN B 783 35.64 25.27 9.54
CA GLN B 783 36.67 24.89 8.59
C GLN B 783 37.74 24.15 9.35
N TRP B 784 37.83 22.87 9.09
CA TRP B 784 38.81 21.99 9.69
C TRP B 784 39.80 21.56 8.61
N ASP B 785 41.08 21.85 8.83
CA ASP B 785 42.13 21.48 7.89
C ASP B 785 43.09 20.61 8.68
N ALA B 786 43.00 19.29 8.51
CA ALA B 786 43.80 18.36 9.28
C ALA B 786 45.28 18.53 8.94
N GLY B 787 45.58 18.85 7.68
CA GLY B 787 46.98 19.04 7.26
C GLY B 787 47.66 20.15 8.04
N ALA B 788 46.94 21.26 8.23
CA ALA B 788 47.45 22.46 8.91
C ALA B 788 47.15 22.37 10.41
N ARG B 789 46.37 21.37 10.80
CA ARG B 789 45.85 21.25 12.15
C ARG B 789 45.22 22.55 12.61
N THR B 790 44.37 23.14 11.75
CA THR B 790 43.70 24.36 12.10
C THR B 790 42.19 24.16 12.07
N LEU B 791 41.53 24.70 13.08
CA LEU B 791 40.07 24.69 13.17
C LEU B 791 39.61 26.13 13.22
N SER B 792 38.69 26.53 12.34
CA SER B 792 38.15 27.87 12.41
C SER B 792 36.63 27.85 12.37
N PHE B 793 36.01 28.85 12.99
CA PHE B 793 34.59 29.11 12.89
C PHE B 793 34.33 30.53 12.45
N ASP B 794 33.21 30.71 11.75
CA ASP B 794 32.82 32.00 11.20
C ASP B 794 31.31 31.98 11.07
N PRO B 795 30.54 32.04 12.18
CA PRO B 795 29.10 31.86 12.06
C PRO B 795 28.43 32.90 11.17
N VAL B 796 27.41 32.49 10.42
CA VAL B 796 26.66 33.42 9.59
C VAL B 796 25.98 34.50 10.44
N LEU B 797 25.35 34.14 11.56
CA LEU B 797 24.69 35.09 12.41
C LEU B 797 25.68 35.63 13.45
N PRO B 798 25.53 36.92 13.83
CA PRO B 798 26.33 37.48 14.90
C PRO B 798 25.84 37.01 16.26
N GLY B 799 26.62 37.29 17.30
CA GLY B 799 26.14 37.10 18.65
C GLY B 799 26.51 35.70 19.15
N ASP B 800 25.95 35.37 20.28
CA ASP B 800 26.29 34.13 20.95
C ASP B 800 25.83 32.96 20.08
N ALA B 801 26.60 31.88 20.10
CA ALA B 801 26.32 30.72 19.28
C ALA B 801 26.84 29.49 19.99
N ARG B 802 26.29 28.35 19.60
CA ARG B 802 26.65 27.08 20.19
C ARG B 802 26.33 25.99 19.17
N PHE B 803 27.37 25.29 18.72
CA PHE B 803 27.22 24.28 17.69
C PHE B 803 27.96 23.00 18.04
N LEU B 804 27.45 21.90 17.48
CA LEU B 804 28.25 20.71 17.27
C LEU B 804 29.40 21.01 16.31
N PHE B 805 30.54 20.38 16.56
CA PHE B 805 31.54 20.31 15.50
C PHE B 805 32.18 18.94 15.49
N THR B 806 32.85 18.61 14.36
CA THR B 806 33.65 17.41 14.23
C THR B 806 34.95 17.76 13.52
N THR B 807 35.94 16.94 13.87
CA THR B 807 37.23 16.90 13.22
C THR B 807 37.67 15.45 13.12
N ALA B 808 38.82 15.20 12.45
CA ALA B 808 39.35 13.83 12.36
C ALA B 808 39.46 13.14 13.71
N THR B 809 39.95 13.86 14.68
CA THR B 809 40.53 13.29 15.88
C THR B 809 39.52 13.33 17.03
N GLY B 810 38.47 14.15 16.91
CA GLY B 810 37.62 14.41 18.05
C GLY B 810 36.40 15.22 17.64
N TRP B 811 35.40 15.20 18.53
CA TRP B 811 34.17 15.91 18.28
C TRP B 811 33.63 16.49 19.59
N GLY B 812 32.82 17.53 19.46
CA GLY B 812 32.19 18.08 20.63
C GLY B 812 31.38 19.31 20.28
N GLY B 813 31.38 20.26 21.22
CA GLY B 813 30.63 21.49 21.09
C GLY B 813 31.56 22.70 21.13
N VAL B 814 31.20 23.70 20.32
CA VAL B 814 31.85 25.00 20.39
C VAL B 814 30.82 26.02 20.86
N GLU B 815 31.24 26.90 21.76
CA GLU B 815 30.37 27.94 22.27
C GLU B 815 31.10 29.27 22.07
N ILE B 816 30.42 30.20 21.39
CA ILE B 816 31.02 31.44 20.97
C ILE B 816 30.31 32.57 21.71
N GLY B 817 31.14 33.43 22.32
CA GLY B 817 30.69 34.68 22.91
C GLY B 817 31.54 35.85 22.40
N ASP B 818 31.26 37.01 22.98
CA ASP B 818 31.89 38.27 22.62
C ASP B 818 33.38 38.19 22.88
N ASP B 819 33.74 37.69 24.06
CA ASP B 819 35.09 37.79 24.58
C ASP B 819 35.79 36.43 24.55
N VAL B 820 35.05 35.33 24.34
CA VAL B 820 35.59 34.00 24.56
C VAL B 820 35.05 33.03 23.51
N ILE B 821 35.79 31.95 23.34
CA ILE B 821 35.32 30.77 22.62
C ILE B 821 35.61 29.59 23.53
N THR B 822 34.67 28.66 23.63
CA THR B 822 34.78 27.50 24.47
C THR B 822 34.71 26.26 23.57
N LEU B 823 35.61 25.31 23.82
CA LEU B 823 35.55 24.01 23.17
C LEU B 823 35.29 23.00 24.25
N ARG B 824 34.31 22.12 24.01
CA ARG B 824 34.05 20.99 24.89
C ARG B 824 34.17 19.74 24.04
N LEU B 825 35.03 18.79 24.39
CA LEU B 825 35.23 17.63 23.55
C LEU B 825 34.52 16.46 24.24
N HIS B 826 33.65 15.79 23.45
CA HIS B 826 32.90 14.65 23.96
C HIS B 826 33.56 13.30 23.60
N GLY B 827 34.33 13.29 22.52
CA GLY B 827 34.99 12.08 22.10
C GLY B 827 36.33 12.40 21.45
N GLY B 828 37.29 11.47 21.58
CA GLY B 828 38.57 11.62 20.92
C GLY B 828 39.46 12.64 21.58
N ALA B 829 40.20 13.36 20.71
CA ALA B 829 41.20 14.31 21.15
C ALA B 829 41.31 15.39 20.09
N LEU B 830 41.81 16.55 20.51
CA LEU B 830 42.02 17.65 19.57
C LEU B 830 43.35 18.29 19.88
N ASP B 831 44.24 18.35 18.87
CA ASP B 831 45.56 18.96 19.04
C ASP B 831 45.75 19.99 17.93
N LEU B 832 45.39 21.25 18.23
CA LEU B 832 45.32 22.26 17.20
C LEU B 832 46.62 23.04 17.11
N ASP B 833 47.13 23.22 15.91
CA ASP B 833 48.15 24.24 15.67
C ASP B 833 47.54 25.61 15.96
N GLU B 834 46.34 25.87 15.44
CA GLU B 834 45.70 27.16 15.52
C GLU B 834 44.17 27.00 15.56
N LEU B 835 43.52 27.83 16.36
CA LEU B 835 42.08 27.99 16.43
C LEU B 835 41.74 29.41 16.01
N ARG B 836 40.83 29.56 15.01
CA ARG B 836 40.45 30.89 14.51
C ARG B 836 38.95 31.10 14.66
N LEU B 837 38.59 32.34 14.89
CA LEU B 837 37.19 32.75 14.98
C LEU B 837 37.02 34.03 14.22
N ARG B 838 36.13 34.06 13.23
CA ARG B 838 35.84 35.27 12.46
C ARG B 838 37.13 35.87 11.90
N GLY B 839 38.00 35.01 11.34
CA GLY B 839 39.20 35.43 10.65
C GLY B 839 40.36 35.73 11.58
N GLU B 840 40.17 35.68 12.91
CA GLU B 840 41.21 36.08 13.85
C GLU B 840 41.69 34.86 14.59
N VAL B 841 42.97 34.88 14.99
CA VAL B 841 43.48 33.79 15.80
C VAL B 841 42.91 33.88 17.21
N ALA B 842 42.34 32.77 17.69
CA ALA B 842 41.76 32.69 19.01
C ALA B 842 42.66 31.89 19.95
N GLY B 843 43.49 31.01 19.38
CA GLY B 843 44.38 30.20 20.18
C GLY B 843 45.42 29.53 19.30
N ARG B 844 46.58 29.24 19.88
CA ARG B 844 47.61 28.47 19.20
C ARG B 844 48.03 27.33 20.10
N GLY B 845 48.25 26.16 19.50
CA GLY B 845 48.71 24.99 20.24
C GLY B 845 47.70 24.42 21.24
N ILE B 846 46.42 24.62 20.97
CA ILE B 846 45.33 24.27 21.90
C ILE B 846 45.08 22.77 21.79
N HIS B 847 45.20 22.07 22.92
CA HIS B 847 44.91 20.66 22.99
C HIS B 847 43.88 20.42 24.09
N LEU B 848 43.03 19.43 23.82
CA LEU B 848 41.97 18.98 24.71
C LEU B 848 41.91 17.49 24.57
N ASP B 849 41.43 16.83 25.63
CA ASP B 849 41.08 15.43 25.54
C ASP B 849 39.58 15.28 25.79
N ALA B 850 39.02 14.13 25.42
CA ALA B 850 37.60 13.84 25.68
C ALA B 850 37.27 14.13 27.13
N GLY B 851 36.15 14.79 27.39
CA GLY B 851 35.68 15.12 28.72
C GLY B 851 36.20 16.47 29.22
N GLU B 852 37.08 17.14 28.46
CA GLU B 852 37.60 18.42 28.86
C GLU B 852 36.91 19.56 28.14
N THR B 853 36.92 20.70 28.83
CA THR B 853 36.39 21.96 28.34
C THR B 853 37.47 23.00 28.50
N ARG B 854 37.66 23.80 27.45
CA ARG B 854 38.57 24.93 27.50
C ARG B 854 37.87 26.17 26.98
N THR B 855 38.06 27.25 27.74
CA THR B 855 37.52 28.55 27.38
C THR B 855 38.67 29.51 27.16
N LEU B 856 38.75 30.05 25.94
CA LEU B 856 39.86 30.85 25.51
C LEU B 856 39.38 32.27 25.31
N THR B 857 40.21 33.23 25.74
CA THR B 857 39.94 34.65 25.53
C THR B 857 40.28 35.05 24.11
N LEU B 858 39.49 35.94 23.53
CA LEU B 858 39.67 36.31 22.14
C LEU B 858 40.65 37.48 21.98
N THR B 859 40.97 38.23 23.04
CA THR B 859 41.92 39.33 22.83
C THR B 859 43.31 38.75 22.54
#